data_3T88
#
_entry.id   3T88
#
_cell.length_a   140.493
_cell.length_b   141.791
_cell.length_c   89.122
_cell.angle_alpha   90.000
_cell.angle_beta   90.000
_cell.angle_gamma   90.000
#
_symmetry.space_group_name_H-M   'P 21 21 2'
#
loop_
_entity.id
_entity.type
_entity.pdbx_description
1 polymer '1,4-Dihydroxy-2-naphthoyl-CoA synthase'
2 non-polymer 'o-succinylbenzoyl-N-coenzyme A'
3 non-polymer 'CHLORIDE ION'
4 non-polymer 'TRIETHYLENE GLYCOL'
5 non-polymer GLYCEROL
6 water water
#
_entity_poly.entity_id   1
_entity_poly.type   'polypeptide(L)'
_entity_poly.pdbx_seq_one_letter_code
;GSHMMIYPDEAMLYAPVEWHDCSEGFEDIRYEKSTDGIAKITINRPQVRNAFRPLTVKEMIQALADARYDDNIGVIILTG
AGDKAFCSGGDQKVRGDYGGYKDDSGVHHLNVLDFQRQIRTCPKPVVAMVAGYSIGGGHVLHMMCDLTIAADNAIFGQTG
PKVGSFDGGWGASYMARIVGQKKAREIWFLCRQYDAKQALDMGLVNTVVPLADLEKETVRWCREMLQNSPMALRCLKAAL
NADCDGQAGLQELAGNATMLFYMTEEGQEGRNAFNQKRQPDFSKFKRNP
;
_entity_poly.pdbx_strand_id   A,B,C,D,E,F
#
loop_
_chem_comp.id
_chem_comp.type
_chem_comp.name
_chem_comp.formula
CL non-polymer 'CHLORIDE ION' 'Cl -1'
GOL non-polymer GLYCEROL 'C3 H8 O3'
PGE non-polymer 'TRIETHYLENE GLYCOL' 'C6 H14 O4'
S0N non-polymer 'o-succinylbenzoyl-N-coenzyme A' 'C32 H45 N8 O20 P3'
#
# COMPACT_ATOMS: atom_id res chain seq x y z
N ASP A 9 -16.75 27.57 24.77
CA ASP A 9 -16.93 28.91 25.35
C ASP A 9 -16.65 30.03 24.33
N GLU A 10 -17.71 30.56 23.74
CA GLU A 10 -17.55 31.52 22.66
C GLU A 10 -16.83 32.80 23.11
N ALA A 11 -17.01 33.16 24.38
CA ALA A 11 -16.34 34.34 24.90
C ALA A 11 -14.83 34.15 24.75
N MET A 12 -14.35 32.98 25.16
CA MET A 12 -12.94 32.67 25.05
C MET A 12 -12.51 32.48 23.59
N LEU A 13 -13.33 31.77 22.82
CA LEU A 13 -12.96 31.45 21.45
C LEU A 13 -12.84 32.69 20.58
N TYR A 14 -13.71 33.67 20.85
CA TYR A 14 -13.77 34.87 20.05
C TYR A 14 -13.16 36.09 20.74
N ALA A 15 -12.29 35.83 21.71
CA ALA A 15 -11.61 36.90 22.41
C ALA A 15 -10.56 37.51 21.49
N PRO A 16 -10.26 38.80 21.69
CA PRO A 16 -9.21 39.44 20.88
C PRO A 16 -7.94 38.59 20.86
N VAL A 17 -7.19 38.66 19.77
CA VAL A 17 -5.91 37.96 19.70
C VAL A 17 -4.77 38.97 19.69
N GLU A 18 -3.75 38.71 20.50
CA GLU A 18 -2.60 39.60 20.58
C GLU A 18 -1.42 39.03 19.82
N TRP A 19 -1.21 39.51 18.60
CA TRP A 19 -0.08 39.07 17.80
C TRP A 19 1.20 39.80 18.19
N HIS A 20 2.32 39.09 18.14
CA HIS A 20 3.62 39.73 18.29
C HIS A 20 4.45 39.43 17.05
N ASP A 21 5.14 40.43 16.54
CA ASP A 21 5.86 40.25 15.30
C ASP A 21 7.20 39.54 15.48
N CYS A 22 7.46 38.56 14.60
CA CYS A 22 8.70 37.82 14.64
C CYS A 22 9.27 37.75 13.22
N SER A 23 9.04 38.79 12.44
CA SER A 23 9.41 38.79 11.02
C SER A 23 10.84 39.23 10.75
N GLU A 24 11.56 39.61 11.80
CA GLU A 24 12.90 40.18 11.63
C GLU A 24 13.76 39.29 10.75
N GLY A 25 14.32 39.86 9.69
CA GLY A 25 15.17 39.10 8.79
C GLY A 25 14.48 38.47 7.59
N PHE A 26 13.15 38.48 7.58
CA PHE A 26 12.39 37.93 6.44
C PHE A 26 12.06 39.00 5.42
N GLU A 27 12.16 38.66 4.15
CA GLU A 27 11.90 39.60 3.08
C GLU A 27 10.58 39.30 2.35
N ASP A 28 10.21 38.02 2.25
CA ASP A 28 9.06 37.62 1.44
C ASP A 28 7.84 37.24 2.24
N ILE A 29 8.00 37.10 3.55
CA ILE A 29 6.91 36.64 4.40
C ILE A 29 6.86 37.46 5.67
N ARG A 30 5.72 37.40 6.35
CA ARG A 30 5.64 37.85 7.73
C ARG A 30 5.46 36.64 8.64
N TYR A 31 5.86 36.79 9.88
CA TYR A 31 5.76 35.69 10.83
C TYR A 31 5.42 36.24 12.20
N GLU A 32 4.32 35.79 12.76
CA GLU A 32 3.82 36.34 14.02
C GLU A 32 3.36 35.25 14.96
N LYS A 33 3.38 35.56 16.24
CA LYS A 33 2.92 34.61 17.24
C LYS A 33 1.93 35.27 18.18
N SER A 34 0.91 34.53 18.58
CA SER A 34 -0.02 35.02 19.60
C SER A 34 0.43 34.54 20.97
N THR A 35 -0.02 35.23 22.01
CA THR A 35 0.36 34.88 23.37
C THR A 35 -0.26 33.55 23.80
N ASP A 36 -1.37 33.18 23.17
CA ASP A 36 -2.02 31.90 23.49
C ASP A 36 -1.62 30.72 22.59
N GLY A 37 -0.54 30.85 21.84
CA GLY A 37 0.07 29.69 21.18
C GLY A 37 -0.24 29.44 19.72
N ILE A 38 -0.61 30.47 18.97
CA ILE A 38 -0.77 30.32 17.54
C ILE A 38 0.37 31.02 16.82
N ALA A 39 1.02 30.32 15.91
CA ALA A 39 2.00 30.99 15.06
C ALA A 39 1.40 31.19 13.69
N LYS A 40 1.64 32.36 13.08
CA LYS A 40 1.04 32.65 11.79
C LYS A 40 2.12 33.01 10.77
N ILE A 41 2.14 32.27 9.67
CA ILE A 41 3.07 32.50 8.58
C ILE A 41 2.29 33.10 7.42
N THR A 42 2.69 34.30 7.01
CA THR A 42 1.94 35.03 5.96
C THR A 42 2.82 35.26 4.74
N ILE A 43 2.39 34.74 3.60
CA ILE A 43 3.13 35.01 2.38
C ILE A 43 2.89 36.47 2.03
N ASN A 44 3.96 37.23 1.89
CA ASN A 44 3.84 38.67 1.69
C ASN A 44 4.36 39.15 0.33
N ARG A 45 3.78 38.63 -0.74
CA ARG A 45 4.09 39.11 -2.08
C ARG A 45 2.82 39.38 -2.86
N PRO A 46 1.92 40.19 -2.28
CA PRO A 46 0.58 40.39 -2.85
C PRO A 46 0.62 40.95 -4.29
N GLN A 47 1.69 41.65 -4.65
CA GLN A 47 1.83 42.16 -6.02
C GLN A 47 1.86 41.07 -7.09
N VAL A 48 2.28 39.85 -6.72
CA VAL A 48 2.17 38.71 -7.64
C VAL A 48 1.20 37.65 -7.14
N ARG A 49 0.16 38.09 -6.43
CA ARG A 49 -0.85 37.18 -5.89
C ARG A 49 -0.19 36.13 -5.00
N ASN A 50 0.82 36.57 -4.26
CA ASN A 50 1.49 35.73 -3.28
C ASN A 50 2.10 34.44 -3.83
N ALA A 51 2.52 34.49 -5.08
CA ALA A 51 3.34 33.43 -5.68
C ALA A 51 4.65 33.31 -4.91
N PHE A 52 5.17 32.10 -4.78
CA PHE A 52 6.43 31.91 -4.09
C PHE A 52 7.62 31.79 -5.05
N ARG A 53 8.72 32.47 -4.71
CA ARG A 53 9.99 32.22 -5.36
C ARG A 53 10.84 31.45 -4.34
N PRO A 54 12.00 30.93 -4.76
CA PRO A 54 12.76 30.05 -3.86
C PRO A 54 13.06 30.67 -2.51
N LEU A 55 13.30 31.97 -2.45
CA LEU A 55 13.55 32.61 -1.16
C LEU A 55 12.32 32.56 -0.25
N THR A 56 11.14 32.78 -0.84
CA THR A 56 9.89 32.72 -0.08
C THR A 56 9.74 31.36 0.60
N VAL A 57 9.96 30.29 -0.15
CA VAL A 57 9.88 28.96 0.39
C VAL A 57 10.91 28.77 1.51
N LYS A 58 12.16 29.13 1.23
CA LYS A 58 13.21 29.08 2.23
C LYS A 58 12.74 29.74 3.53
N GLU A 59 12.21 30.95 3.42
CA GLU A 59 11.73 31.67 4.61
C GLU A 59 10.57 30.95 5.31
N MET A 60 9.62 30.42 4.53
CA MET A 60 8.51 29.66 5.12
C MET A 60 9.01 28.46 5.91
N ILE A 61 9.99 27.75 5.35
CA ILE A 61 10.62 26.61 6.02
C ILE A 61 11.24 27.05 7.36
N GLN A 62 11.95 28.18 7.34
CA GLN A 62 12.60 28.68 8.55
C GLN A 62 11.58 29.02 9.62
N ALA A 63 10.50 29.69 9.21
CA ALA A 63 9.43 30.04 10.15
C ALA A 63 8.74 28.81 10.73
N LEU A 64 8.43 27.84 9.87
CA LEU A 64 7.75 26.63 10.34
C LEU A 64 8.65 25.80 11.27
N ALA A 65 9.95 25.79 11.00
CA ALA A 65 10.89 25.16 11.93
C ALA A 65 10.88 25.86 13.30
N ASP A 66 10.92 27.19 13.28
CA ASP A 66 10.82 27.97 14.51
C ASP A 66 9.53 27.62 15.26
N ALA A 67 8.42 27.50 14.54
CA ALA A 67 7.15 27.21 15.21
C ALA A 67 7.17 25.81 15.82
N ARG A 68 7.78 24.86 15.12
CA ARG A 68 7.85 23.48 15.59
C ARG A 68 8.59 23.42 16.92
N TYR A 69 9.67 24.20 17.02
CA TYR A 69 10.55 24.13 18.18
C TYR A 69 10.19 25.06 19.34
N ASP A 70 9.17 25.91 19.14
CA ASP A 70 8.71 26.82 20.19
C ASP A 70 7.66 26.09 21.02
N ASP A 71 8.01 25.70 22.24
CA ASP A 71 7.08 24.88 23.01
C ASP A 71 5.82 25.63 23.45
N ASN A 72 5.79 26.94 23.21
CA ASN A 72 4.60 27.73 23.47
C ASN A 72 3.61 27.75 22.31
N ILE A 73 4.06 27.31 21.14
CA ILE A 73 3.18 27.23 19.96
C ILE A 73 2.53 25.85 19.87
N GLY A 74 1.22 25.82 19.62
CA GLY A 74 0.50 24.56 19.47
C GLY A 74 -0.16 24.37 18.11
N VAL A 75 -0.35 25.48 17.39
CA VAL A 75 -0.98 25.46 16.08
C VAL A 75 -0.33 26.51 15.18
N ILE A 76 -0.17 26.17 13.91
CA ILE A 76 0.34 27.11 12.91
C ILE A 76 -0.75 27.50 11.89
N ILE A 77 -0.85 28.80 11.58
CA ILE A 77 -1.70 29.27 10.48
C ILE A 77 -0.83 29.63 9.30
N LEU A 78 -1.22 29.16 8.13
CA LEU A 78 -0.58 29.57 6.89
C LEU A 78 -1.57 30.42 6.12
N THR A 79 -1.13 31.58 5.64
CA THR A 79 -2.04 32.47 4.94
C THR A 79 -1.30 33.38 3.97
N GLY A 80 -2.06 34.16 3.20
CA GLY A 80 -1.48 35.15 2.31
C GLY A 80 -1.84 36.56 2.71
N ALA A 81 -0.93 37.49 2.45
CA ALA A 81 -1.17 38.90 2.76
C ALA A 81 -2.29 39.45 1.86
N GLY A 82 -3.16 40.29 2.42
CA GLY A 82 -4.24 40.89 1.68
C GLY A 82 -5.40 39.91 1.63
N ASP A 83 -6.44 40.22 0.86
CA ASP A 83 -7.55 39.27 0.74
C ASP A 83 -7.86 38.86 -0.69
N LYS A 84 -6.95 39.16 -1.61
CA LYS A 84 -7.11 38.74 -2.99
C LYS A 84 -6.47 37.38 -3.28
N ALA A 85 -5.47 37.00 -2.49
CA ALA A 85 -4.77 35.73 -2.74
C ALA A 85 -4.14 35.11 -1.49
N PHE A 86 -4.35 33.80 -1.35
CA PHE A 86 -3.64 32.96 -0.39
C PHE A 86 -2.26 32.69 -0.99
N CYS A 87 -2.25 32.19 -2.22
CA CYS A 87 -0.99 31.85 -2.90
C CYS A 87 -1.31 31.35 -4.30
N SER A 88 -0.61 31.89 -5.30
CA SER A 88 -0.84 31.53 -6.70
C SER A 88 0.19 30.54 -7.25
N GLY A 89 0.92 29.89 -6.34
CA GLY A 89 1.88 28.86 -6.73
C GLY A 89 3.27 29.38 -6.98
N GLY A 90 4.04 28.61 -7.75
CA GLY A 90 5.39 28.98 -8.11
C GLY A 90 5.42 30.23 -8.96
N ASP A 91 6.39 31.10 -8.68
CA ASP A 91 6.57 32.37 -9.39
C ASP A 91 7.13 32.14 -10.79
N GLN A 92 6.27 32.21 -11.80
CA GLN A 92 6.62 31.87 -13.16
C GLN A 92 7.65 32.81 -13.79
N LYS A 93 7.77 34.01 -13.21
CA LYS A 93 8.74 34.98 -13.72
C LYS A 93 10.19 34.55 -13.45
N VAL A 94 10.40 33.65 -12.48
CA VAL A 94 11.74 33.17 -12.17
C VAL A 94 11.90 31.69 -12.43
N ARG A 95 10.91 31.08 -13.07
CA ARG A 95 10.99 29.67 -13.42
C ARG A 95 11.98 29.46 -14.57
N GLY A 96 13.04 28.70 -14.32
CA GLY A 96 14.07 28.47 -15.32
C GLY A 96 13.78 27.34 -16.29
N ASP A 97 14.67 27.17 -17.27
CA ASP A 97 14.61 26.04 -18.19
C ASP A 97 15.18 24.78 -17.56
N TYR A 98 16.16 24.95 -16.68
CA TYR A 98 16.86 23.79 -16.11
C TYR A 98 16.17 23.21 -14.88
N GLY A 99 14.90 22.86 -15.03
CA GLY A 99 14.21 22.03 -14.05
C GLY A 99 13.90 22.65 -12.71
N GLY A 100 13.53 23.93 -12.68
CA GLY A 100 13.17 24.55 -11.42
C GLY A 100 13.20 26.08 -11.43
N TYR A 101 13.06 26.66 -10.25
CA TYR A 101 12.99 28.10 -10.09
C TYR A 101 14.34 28.68 -9.72
N LYS A 102 14.77 29.74 -10.41
CA LYS A 102 16.11 30.29 -10.20
C LYS A 102 16.16 31.27 -9.02
N ASP A 103 17.15 31.11 -8.14
CA ASP A 103 17.39 32.13 -7.14
C ASP A 103 18.30 33.20 -7.76
N ASP A 104 18.69 34.20 -6.97
CA ASP A 104 19.53 35.29 -7.49
C ASP A 104 20.89 34.79 -7.99
N SER A 105 21.28 33.59 -7.58
CA SER A 105 22.57 33.03 -7.96
C SER A 105 22.46 32.11 -9.17
N GLY A 106 21.23 31.85 -9.61
CA GLY A 106 21.02 31.01 -10.79
C GLY A 106 20.90 29.52 -10.53
N VAL A 107 20.90 29.11 -9.26
CA VAL A 107 20.57 27.72 -8.92
C VAL A 107 19.08 27.52 -9.15
N HIS A 108 18.70 26.39 -9.77
CA HIS A 108 17.28 26.04 -9.98
C HIS A 108 16.74 25.16 -8.83
N HIS A 109 15.66 25.62 -8.18
CA HIS A 109 15.09 24.95 -7.01
C HIS A 109 13.67 24.45 -7.26
N LEU A 110 13.30 23.42 -6.50
CA LEU A 110 11.92 23.01 -6.36
C LEU A 110 11.67 22.84 -4.86
N ASN A 111 12.12 23.82 -4.08
CA ASN A 111 12.16 23.65 -2.63
C ASN A 111 10.78 23.63 -1.97
N VAL A 112 9.72 23.89 -2.72
CA VAL A 112 8.40 23.75 -2.14
C VAL A 112 8.18 22.28 -1.73
N LEU A 113 8.91 21.37 -2.36
CA LEU A 113 8.83 19.95 -2.01
C LEU A 113 9.28 19.72 -0.57
N ASP A 114 10.34 20.41 -0.13
CA ASP A 114 10.77 20.34 1.26
C ASP A 114 9.69 20.91 2.19
N PHE A 115 9.05 22.00 1.78
CA PHE A 115 8.06 22.66 2.63
C PHE A 115 6.80 21.79 2.77
N GLN A 116 6.41 21.15 1.67
CA GLN A 116 5.32 20.15 1.73
C GLN A 116 5.61 19.09 2.79
N ARG A 117 6.82 18.52 2.73
CA ARG A 117 7.22 17.47 3.66
CA ARG A 117 7.18 17.47 3.66
C ARG A 117 7.20 17.97 5.09
N GLN A 118 7.60 19.23 5.26
CA GLN A 118 7.72 19.82 6.59
C GLN A 118 6.34 20.11 7.20
N ILE A 119 5.40 20.55 6.38
CA ILE A 119 4.03 20.63 6.84
C ILE A 119 3.53 19.23 7.24
N ARG A 120 3.78 18.26 6.37
CA ARG A 120 3.29 16.88 6.58
C ARG A 120 3.76 16.31 7.93
N THR A 121 5.05 16.49 8.24
CA THR A 121 5.65 15.86 9.42
C THR A 121 5.66 16.75 10.66
N CYS A 122 5.05 17.93 10.56
CA CYS A 122 4.94 18.83 11.71
C CYS A 122 3.97 18.23 12.74
N PRO A 123 4.41 18.07 14.00
CA PRO A 123 3.58 17.45 15.05
C PRO A 123 2.41 18.33 15.50
N LYS A 124 2.42 19.57 15.06
CA LYS A 124 1.37 20.51 15.42
C LYS A 124 0.45 20.71 14.24
N PRO A 125 -0.85 20.86 14.50
CA PRO A 125 -1.79 21.10 13.40
C PRO A 125 -1.43 22.37 12.61
N VAL A 126 -1.57 22.30 11.28
CA VAL A 126 -1.32 23.45 10.42
C VAL A 126 -2.62 23.81 9.70
N VAL A 127 -3.00 25.08 9.77
CA VAL A 127 -4.30 25.49 9.25
C VAL A 127 -4.15 26.51 8.13
N ALA A 128 -4.67 26.17 6.95
CA ALA A 128 -4.70 27.12 5.86
C ALA A 128 -5.84 28.11 6.08
N MET A 129 -5.49 29.40 6.10
CA MET A 129 -6.49 30.45 6.17
C MET A 129 -6.58 31.14 4.81
N VAL A 130 -7.58 30.76 4.02
CA VAL A 130 -7.63 31.14 2.61
C VAL A 130 -8.61 32.28 2.31
N ALA A 131 -8.05 33.41 1.87
CA ALA A 131 -8.85 34.48 1.27
C ALA A 131 -8.42 34.59 -0.18
N GLY A 132 -9.38 34.71 -1.09
CA GLY A 132 -9.05 34.88 -2.49
C GLY A 132 -8.43 33.64 -3.11
N TYR A 133 -7.51 33.84 -4.05
CA TYR A 133 -7.00 32.73 -4.85
C TYR A 133 -6.05 31.81 -4.10
N SER A 134 -6.34 30.52 -4.19
CA SER A 134 -5.41 29.46 -3.79
C SER A 134 -5.26 28.60 -5.03
N ILE A 135 -4.20 28.84 -5.80
CA ILE A 135 -4.13 28.30 -7.15
C ILE A 135 -2.79 27.62 -7.41
N GLY A 136 -2.80 26.52 -8.14
CA GLY A 136 -1.56 25.85 -8.54
C GLY A 136 -0.81 25.32 -7.34
N GLY A 137 0.50 25.52 -7.31
CA GLY A 137 1.29 25.14 -6.13
C GLY A 137 0.70 25.71 -4.86
N GLY A 138 -0.03 26.82 -4.98
CA GLY A 138 -0.68 27.45 -3.85
C GLY A 138 -1.92 26.68 -3.40
N HIS A 139 -2.52 25.96 -4.34
CA HIS A 139 -3.67 25.13 -4.02
C HIS A 139 -3.17 23.85 -3.33
N VAL A 140 -2.07 23.31 -3.83
CA VAL A 140 -1.47 22.15 -3.18
C VAL A 140 -1.09 22.50 -1.73
N LEU A 141 -0.58 23.70 -1.51
CA LEU A 141 -0.24 24.12 -0.14
C LEU A 141 -1.44 24.11 0.82
N HIS A 142 -2.60 24.62 0.43
CA HIS A 142 -3.72 24.58 1.35
C HIS A 142 -4.15 23.12 1.59
N MET A 143 -4.10 22.28 0.55
CA MET A 143 -4.45 20.87 0.71
C MET A 143 -3.55 20.16 1.74
N MET A 144 -2.24 20.45 1.70
CA MET A 144 -1.29 19.87 2.63
C MET A 144 -1.58 20.25 4.08
N CYS A 145 -2.08 21.46 4.30
CA CYS A 145 -2.42 21.85 5.66
C CYS A 145 -3.51 20.92 6.17
N ASP A 146 -3.49 20.64 7.46
CA ASP A 146 -4.43 19.68 8.02
C ASP A 146 -5.87 20.12 7.80
N LEU A 147 -6.12 21.41 7.99
CA LEU A 147 -7.46 21.97 7.84
C LEU A 147 -7.40 23.20 6.96
N THR A 148 -8.52 23.52 6.31
CA THR A 148 -8.63 24.77 5.57
C THR A 148 -9.90 25.52 5.97
N ILE A 149 -9.72 26.77 6.40
CA ILE A 149 -10.81 27.70 6.64
C ILE A 149 -10.85 28.69 5.46
N ALA A 150 -11.94 28.68 4.71
CA ALA A 150 -12.03 29.52 3.51
C ALA A 150 -12.98 30.71 3.71
N ALA A 151 -12.54 31.88 3.26
CA ALA A 151 -13.42 33.05 3.15
C ALA A 151 -14.42 32.83 2.00
N ASP A 152 -15.55 33.55 2.04
CA ASP A 152 -16.56 33.36 1.01
C ASP A 152 -16.10 33.83 -0.36
N ASN A 153 -15.00 34.58 -0.39
CA ASN A 153 -14.41 35.02 -1.65
C ASN A 153 -13.27 34.11 -2.13
N ALA A 154 -13.08 32.97 -1.48
CA ALA A 154 -11.96 32.10 -1.83
C ALA A 154 -12.21 31.37 -3.15
N ILE A 155 -11.14 31.20 -3.94
CA ILE A 155 -11.22 30.53 -5.24
C ILE A 155 -10.12 29.49 -5.32
N PHE A 156 -10.48 28.28 -5.73
CA PHE A 156 -9.55 27.14 -5.70
C PHE A 156 -9.35 26.54 -7.08
N GLY A 157 -8.17 25.97 -7.35
CA GLY A 157 -7.95 25.34 -8.63
C GLY A 157 -6.50 25.01 -8.91
N GLN A 158 -6.29 24.12 -9.89
CA GLN A 158 -4.94 23.86 -10.40
C GLN A 158 -4.83 24.47 -11.80
N THR A 159 -3.61 24.65 -12.29
CA THR A 159 -3.38 25.17 -13.64
C THR A 159 -2.28 24.43 -14.39
N GLY A 160 -1.75 23.36 -13.80
CA GLY A 160 -0.56 22.71 -14.33
C GLY A 160 -0.63 22.47 -15.83
N PRO A 161 -1.62 21.71 -16.27
CA PRO A 161 -1.77 21.38 -17.70
C PRO A 161 -1.91 22.63 -18.59
N LYS A 162 -2.24 23.79 -18.02
CA LYS A 162 -2.27 25.04 -18.80
C LYS A 162 -0.93 25.76 -18.81
N VAL A 163 -0.25 25.75 -17.67
CA VAL A 163 0.99 26.51 -17.56
C VAL A 163 2.26 25.65 -17.61
N GLY A 164 2.13 24.42 -18.13
CA GLY A 164 3.29 23.56 -18.30
C GLY A 164 3.89 22.99 -17.03
N SER A 165 3.04 22.49 -16.13
CA SER A 165 3.53 21.84 -14.92
C SER A 165 2.53 20.83 -14.38
N PHE A 166 2.94 20.09 -13.37
CA PHE A 166 2.05 19.19 -12.64
C PHE A 166 2.64 18.83 -11.28
N ASP A 167 1.78 18.70 -10.27
CA ASP A 167 2.19 18.12 -9.01
C ASP A 167 1.58 16.72 -8.95
N GLY A 168 2.39 15.72 -9.24
CA GLY A 168 1.90 14.36 -9.31
C GLY A 168 2.21 13.61 -8.03
N GLY A 169 2.64 14.36 -7.02
CA GLY A 169 2.96 13.81 -5.71
C GLY A 169 1.76 13.94 -4.79
N TRP A 170 1.91 14.65 -3.69
CA TRP A 170 0.77 14.89 -2.79
C TRP A 170 -0.29 15.75 -3.47
N GLY A 171 0.13 16.53 -4.47
CA GLY A 171 -0.81 17.35 -5.22
C GLY A 171 -1.88 16.54 -5.92
N ALA A 172 -1.57 15.29 -6.23
CA ALA A 172 -2.52 14.43 -6.92
C ALA A 172 -3.12 13.39 -5.98
N SER A 173 -2.30 12.44 -5.53
CA SER A 173 -2.73 11.37 -4.63
C SER A 173 -3.49 11.89 -3.39
N TYR A 174 -2.89 12.83 -2.67
CA TYR A 174 -3.54 13.34 -1.46
C TYR A 174 -4.81 14.15 -1.77
N MET A 175 -4.83 14.84 -2.91
CA MET A 175 -6.07 15.49 -3.37
C MET A 175 -7.17 14.44 -3.51
N ALA A 176 -6.83 13.29 -4.10
CA ALA A 176 -7.83 12.23 -4.24
C ALA A 176 -8.34 11.74 -2.88
N ARG A 177 -7.48 11.74 -1.86
CA ARG A 177 -7.89 11.33 -0.51
C ARG A 177 -8.81 12.36 0.14
N ILE A 178 -8.90 13.54 -0.46
CA ILE A 178 -9.74 14.62 0.03
C ILE A 178 -11.09 14.67 -0.70
N VAL A 179 -11.06 14.73 -2.02
CA VAL A 179 -12.27 14.99 -2.80
C VAL A 179 -12.73 13.78 -3.62
N GLY A 180 -11.93 12.71 -3.63
CA GLY A 180 -12.33 11.54 -4.40
C GLY A 180 -11.71 11.55 -5.79
N GLN A 181 -11.59 10.37 -6.40
CA GLN A 181 -10.86 10.23 -7.67
C GLN A 181 -11.52 10.94 -8.87
N LYS A 182 -12.85 11.00 -8.90
CA LYS A 182 -13.54 11.66 -10.02
C LYS A 182 -13.29 13.19 -9.96
N LYS A 183 -13.48 13.79 -8.80
CA LYS A 183 -13.26 15.22 -8.65
C LYS A 183 -11.78 15.58 -8.82
N ALA A 184 -10.88 14.72 -8.36
CA ALA A 184 -9.45 15.01 -8.52
C ALA A 184 -9.03 15.08 -9.99
N ARG A 185 -9.53 14.14 -10.80
CA ARG A 185 -9.20 14.13 -12.23
C ARG A 185 -9.83 15.34 -12.93
N GLU A 186 -11.05 15.70 -12.53
CA GLU A 186 -11.69 16.91 -13.05
C GLU A 186 -10.86 18.17 -12.75
N ILE A 187 -10.55 18.38 -11.48
CA ILE A 187 -9.77 19.53 -11.05
C ILE A 187 -8.45 19.66 -11.85
N TRP A 188 -7.71 18.56 -11.92
CA TRP A 188 -6.44 18.54 -12.64
C TRP A 188 -6.54 18.61 -14.17
N PHE A 189 -7.49 17.87 -14.75
CA PHE A 189 -7.51 17.75 -16.21
C PHE A 189 -8.05 19.04 -16.85
N LEU A 190 -9.08 19.63 -16.26
CA LEU A 190 -9.68 20.82 -16.85
C LEU A 190 -9.10 22.15 -16.36
N CYS A 191 -8.59 22.17 -15.13
CA CYS A 191 -8.00 23.40 -14.59
C CYS A 191 -9.02 24.55 -14.51
N ARG A 192 -10.25 24.21 -14.15
CA ARG A 192 -11.26 25.23 -13.88
C ARG A 192 -10.97 25.88 -12.54
N GLN A 193 -11.70 26.96 -12.24
CA GLN A 193 -11.66 27.54 -10.91
C GLN A 193 -12.93 27.15 -10.15
N TYR A 194 -12.82 26.99 -8.84
CA TYR A 194 -13.95 26.60 -7.99
C TYR A 194 -14.17 27.64 -6.90
N ASP A 195 -15.43 28.05 -6.67
CA ASP A 195 -15.69 28.98 -5.59
C ASP A 195 -15.81 28.29 -4.23
N ALA A 196 -15.99 29.07 -3.19
CA ALA A 196 -15.88 28.55 -1.85
C ALA A 196 -16.96 27.51 -1.60
N LYS A 197 -18.16 27.79 -2.10
CA LYS A 197 -19.26 26.85 -1.96
C LYS A 197 -18.96 25.51 -2.66
N GLN A 198 -18.46 25.57 -3.89
CA GLN A 198 -18.05 24.35 -4.60
C GLN A 198 -17.01 23.58 -3.80
N ALA A 199 -16.01 24.30 -3.28
CA ALA A 199 -14.94 23.68 -2.51
C ALA A 199 -15.47 22.98 -1.26
N LEU A 200 -16.38 23.65 -0.56
CA LEU A 200 -17.00 23.08 0.63
C LEU A 200 -17.82 21.85 0.26
N ASP A 201 -18.61 21.96 -0.80
CA ASP A 201 -19.48 20.88 -1.24
C ASP A 201 -18.70 19.60 -1.53
N MET A 202 -17.50 19.74 -2.07
CA MET A 202 -16.73 18.56 -2.46
C MET A 202 -15.81 18.07 -1.35
N GLY A 203 -15.81 18.78 -0.22
CA GLY A 203 -15.01 18.37 0.94
C GLY A 203 -13.57 18.88 0.88
N LEU A 204 -13.33 19.85 0.00
CA LEU A 204 -11.98 20.40 -0.21
C LEU A 204 -11.55 21.35 0.90
N VAL A 205 -12.52 21.99 1.55
CA VAL A 205 -12.21 22.87 2.68
C VAL A 205 -13.15 22.52 3.83
N ASN A 206 -12.81 22.91 5.06
CA ASN A 206 -13.57 22.48 6.22
C ASN A 206 -14.77 23.35 6.53
N THR A 207 -14.68 24.62 6.15
CA THR A 207 -15.77 25.55 6.40
C THR A 207 -15.57 26.80 5.56
N VAL A 208 -16.66 27.54 5.35
CA VAL A 208 -16.62 28.80 4.62
C VAL A 208 -17.24 29.89 5.50
N VAL A 209 -16.56 31.01 5.65
CA VAL A 209 -17.04 32.09 6.51
C VAL A 209 -16.96 33.42 5.78
N PRO A 210 -17.71 34.41 6.25
CA PRO A 210 -17.64 35.76 5.67
C PRO A 210 -16.22 36.30 5.71
N LEU A 211 -15.79 36.90 4.60
CA LEU A 211 -14.42 37.38 4.48
C LEU A 211 -13.96 38.18 5.70
N ALA A 212 -14.83 39.03 6.23
CA ALA A 212 -14.40 39.91 7.33
C ALA A 212 -14.17 39.14 8.62
N ASP A 213 -14.70 37.93 8.69
CA ASP A 213 -14.60 37.08 9.88
C ASP A 213 -13.59 35.93 9.68
N LEU A 214 -12.84 35.97 8.57
CA LEU A 214 -11.90 34.90 8.27
C LEU A 214 -10.94 34.61 9.43
N GLU A 215 -10.24 35.63 9.92
CA GLU A 215 -9.26 35.39 10.97
C GLU A 215 -9.93 35.05 12.29
N LYS A 216 -11.03 35.74 12.61
CA LYS A 216 -11.79 35.47 13.82
C LYS A 216 -12.17 33.99 13.92
N GLU A 217 -12.72 33.44 12.83
CA GLU A 217 -13.15 32.04 12.82
C GLU A 217 -11.95 31.11 12.84
N THR A 218 -10.90 31.46 12.10
CA THR A 218 -9.72 30.63 12.03
C THR A 218 -9.10 30.52 13.42
N VAL A 219 -8.93 31.66 14.07
CA VAL A 219 -8.42 31.69 15.44
C VAL A 219 -9.31 30.86 16.39
N ARG A 220 -10.64 30.92 16.18
CA ARG A 220 -11.51 30.08 16.99
C ARG A 220 -11.17 28.60 16.79
N TRP A 221 -11.07 28.16 15.54
CA TRP A 221 -10.75 26.74 15.30
C TRP A 221 -9.43 26.38 15.97
N CYS A 222 -8.45 27.27 15.88
CA CYS A 222 -7.14 27.06 16.49
C CYS A 222 -7.23 26.90 18.01
N ARG A 223 -7.99 27.78 18.65
CA ARG A 223 -8.18 27.74 20.10
C ARG A 223 -8.90 26.46 20.54
N GLU A 224 -9.82 25.96 19.71
CA GLU A 224 -10.47 24.70 20.02
C GLU A 224 -9.44 23.57 20.07
N MET A 225 -8.51 23.56 19.12
CA MET A 225 -7.47 22.52 19.12
C MET A 225 -6.50 22.75 20.27
N LEU A 226 -6.27 24.01 20.60
CA LEU A 226 -5.34 24.37 21.67
C LEU A 226 -5.83 23.95 23.06
N GLN A 227 -7.10 23.58 23.16
CA GLN A 227 -7.64 23.06 24.43
C GLN A 227 -7.38 21.56 24.57
N ASN A 228 -6.96 20.93 23.48
CA ASN A 228 -6.86 19.48 23.47
C ASN A 228 -5.45 18.98 23.71
N SER A 229 -5.30 17.68 23.94
CA SER A 229 -4.02 17.04 24.21
C SER A 229 -3.05 17.17 23.03
N PRO A 230 -1.92 17.84 23.24
CA PRO A 230 -0.94 17.96 22.15
C PRO A 230 -0.39 16.59 21.75
N MET A 231 -0.26 15.69 22.72
CA MET A 231 0.21 14.34 22.42
C MET A 231 -0.79 13.56 21.54
N ALA A 232 -2.06 13.62 21.91
CA ALA A 232 -3.09 12.97 21.13
C ALA A 232 -3.12 13.54 19.71
N LEU A 233 -3.01 14.87 19.62
CA LEU A 233 -3.05 15.55 18.34
C LEU A 233 -1.91 15.11 17.42
N ARG A 234 -0.67 15.05 17.93
CA ARG A 234 0.43 14.61 17.07
C ARG A 234 0.34 13.12 16.67
N CYS A 235 -0.18 12.28 17.57
CA CYS A 235 -0.34 10.86 17.26
C CYS A 235 -1.39 10.64 16.19
N LEU A 236 -2.48 11.41 16.26
CA LEU A 236 -3.53 11.29 15.26
C LEU A 236 -3.08 11.85 13.91
N LYS A 237 -2.37 12.96 13.91
CA LYS A 237 -1.88 13.49 12.63
C LYS A 237 -0.99 12.46 11.95
N ALA A 238 -0.14 11.82 12.73
CA ALA A 238 0.76 10.79 12.20
C ALA A 238 -0.05 9.59 11.71
N ALA A 239 -1.08 9.20 12.48
CA ALA A 239 -1.91 8.07 12.09
C ALA A 239 -2.65 8.32 10.78
N LEU A 240 -3.11 9.56 10.59
CA LEU A 240 -3.80 9.94 9.37
C LEU A 240 -2.85 10.02 8.17
N ASN A 241 -1.66 10.58 8.39
CA ASN A 241 -0.61 10.51 7.38
C ASN A 241 -0.28 9.06 7.02
N ALA A 242 -0.28 8.19 8.03
CA ALA A 242 0.11 6.79 7.84
C ALA A 242 -0.80 6.03 6.89
N ASP A 243 -2.02 6.53 6.65
CA ASP A 243 -2.94 5.87 5.71
C ASP A 243 -2.51 6.17 4.27
N CYS A 244 -1.59 7.13 4.12
CA CYS A 244 -1.16 7.62 2.80
C CYS A 244 0.31 7.35 2.49
N ASP A 245 1.17 7.49 3.49
CA ASP A 245 2.61 7.63 3.27
C ASP A 245 3.44 6.37 3.49
N GLY A 246 2.82 5.20 3.42
CA GLY A 246 3.55 3.95 3.56
C GLY A 246 4.54 3.96 4.72
N GLN A 247 5.79 3.55 4.47
CA GLN A 247 6.81 3.50 5.53
C GLN A 247 7.18 4.87 6.14
N ALA A 248 7.12 5.93 5.34
CA ALA A 248 7.37 7.27 5.88
C ALA A 248 6.29 7.59 6.91
N GLY A 249 5.08 7.13 6.66
CA GLY A 249 4.00 7.30 7.62
C GLY A 249 4.25 6.44 8.84
N LEU A 250 4.75 5.23 8.62
CA LEU A 250 5.07 4.37 9.76
C LEU A 250 6.14 5.02 10.63
N GLN A 251 7.12 5.67 9.98
CA GLN A 251 8.19 6.35 10.71
C GLN A 251 7.59 7.32 11.72
N GLU A 252 6.63 8.12 11.25
CA GLU A 252 5.96 9.12 12.09
C GLU A 252 5.19 8.48 13.22
N LEU A 253 4.32 7.54 12.86
CA LEU A 253 3.45 6.91 13.85
C LEU A 253 4.26 6.13 14.88
N ALA A 254 5.15 5.27 14.41
CA ALA A 254 6.00 4.49 15.33
C ALA A 254 6.92 5.39 16.15
N GLY A 255 7.37 6.49 15.54
CA GLY A 255 8.22 7.44 16.22
C GLY A 255 7.52 8.07 17.42
N ASN A 256 6.22 8.26 17.31
CA ASN A 256 5.45 8.74 18.46
C ASN A 256 5.30 7.66 19.54
N ALA A 257 5.14 6.42 19.09
CA ALA A 257 5.07 5.28 20.00
C ALA A 257 6.38 5.18 20.79
N THR A 258 7.50 5.39 20.09
CA THR A 258 8.80 5.39 20.75
C THR A 258 8.87 6.48 21.81
N MET A 259 8.43 7.68 21.44
CA MET A 259 8.40 8.78 22.40
C MET A 259 7.63 8.39 23.66
N LEU A 260 6.44 7.83 23.48
CA LEU A 260 5.61 7.40 24.60
C LEU A 260 6.28 6.29 25.44
N PHE A 261 6.90 5.33 24.77
CA PHE A 261 7.56 4.21 25.45
C PHE A 261 8.69 4.70 26.37
N TYR A 262 9.40 5.75 25.92
CA TYR A 262 10.45 6.39 26.70
C TYR A 262 9.91 7.02 27.97
N MET A 263 8.62 7.36 27.98
CA MET A 263 8.01 7.98 29.15
C MET A 263 7.53 6.96 30.18
N THR A 264 7.70 5.67 29.87
CA THR A 264 7.25 4.60 30.77
C THR A 264 8.38 4.02 31.61
N GLU A 265 8.01 3.45 32.75
CA GLU A 265 8.95 2.77 33.63
C GLU A 265 9.62 1.57 32.93
N GLU A 266 8.86 0.83 32.13
CA GLU A 266 9.46 -0.29 31.42
C GLU A 266 10.57 0.16 30.46
N GLY A 267 10.29 1.17 29.64
CA GLY A 267 11.31 1.68 28.74
C GLY A 267 12.49 2.27 29.49
N GLN A 268 12.20 3.02 30.55
CA GLN A 268 13.26 3.62 31.36
C GLN A 268 14.18 2.56 32.05
N GLU A 269 13.62 1.41 32.39
CA GLU A 269 14.42 0.33 32.99
C GLU A 269 15.52 -0.12 32.03
N GLY A 270 15.19 -0.16 30.74
CA GLY A 270 16.17 -0.48 29.73
C GLY A 270 17.35 0.48 29.72
N ARG A 271 17.06 1.77 29.78
CA ARG A 271 18.10 2.79 29.82
C ARG A 271 18.88 2.72 31.13
N ASN A 272 18.17 2.66 32.25
CA ASN A 272 18.82 2.59 33.55
C ASN A 272 19.78 1.43 33.64
N ALA A 273 19.33 0.24 33.22
CA ALA A 273 20.18 -0.94 33.28
C ALA A 273 21.45 -0.74 32.47
N PHE A 274 21.31 -0.16 31.27
CA PHE A 274 22.49 0.07 30.44
C PHE A 274 23.48 1.03 31.10
N ASN A 275 22.98 2.15 31.60
CA ASN A 275 23.82 3.18 32.23
C ASN A 275 24.46 2.69 33.53
N GLN A 276 23.79 1.75 34.18
CA GLN A 276 24.27 1.23 35.46
C GLN A 276 25.10 -0.05 35.26
N LYS A 277 25.35 -0.41 34.00
CA LYS A 277 26.17 -1.56 33.69
C LYS A 277 25.65 -2.84 34.34
N ARG A 278 24.34 -3.04 34.26
CA ARG A 278 23.72 -4.23 34.82
C ARG A 278 22.71 -4.77 33.83
N GLN A 279 22.18 -5.95 34.09
CA GLN A 279 21.20 -6.52 33.19
C GLN A 279 19.82 -5.96 33.53
N PRO A 280 19.03 -5.67 32.48
CA PRO A 280 17.68 -5.15 32.70
C PRO A 280 16.83 -6.21 33.38
N ASP A 281 15.90 -5.80 34.22
CA ASP A 281 14.91 -6.73 34.76
C ASP A 281 13.52 -6.30 34.35
N PHE A 282 13.02 -6.85 33.25
CA PHE A 282 11.71 -6.46 32.73
C PHE A 282 10.57 -7.25 33.38
N SER A 283 10.92 -8.18 34.26
CA SER A 283 9.93 -9.09 34.84
C SER A 283 8.91 -8.39 35.75
N LYS A 284 9.24 -7.20 36.24
CA LYS A 284 8.33 -6.47 37.10
C LYS A 284 7.19 -5.78 36.36
N PHE A 285 7.27 -5.73 35.02
CA PHE A 285 6.22 -5.10 34.23
C PHE A 285 5.29 -6.18 33.65
N LYS A 286 4.05 -6.21 34.12
CA LYS A 286 3.10 -7.23 33.72
C LYS A 286 2.80 -7.16 32.24
N ARG A 287 2.69 -8.32 31.59
CA ARG A 287 2.26 -8.37 30.20
C ARG A 287 0.76 -8.18 30.10
N ASN A 288 0.33 -7.23 29.27
CA ASN A 288 -1.09 -7.06 28.97
C ASN A 288 -1.51 -8.02 27.83
N PRO A 289 -2.81 -8.37 27.78
CA PRO A 289 -3.28 -9.22 26.68
C PRO A 289 -3.11 -8.52 25.33
N ASP B 9 -14.22 30.56 -23.40
CA ASP B 9 -14.66 30.93 -24.75
C ASP B 9 -15.81 30.04 -25.21
N GLU B 10 -17.02 30.38 -24.78
CA GLU B 10 -18.17 29.54 -25.08
C GLU B 10 -18.41 29.33 -26.58
N ALA B 11 -18.09 30.34 -27.38
CA ALA B 11 -18.24 30.21 -28.82
C ALA B 11 -17.52 28.95 -29.29
N MET B 12 -16.23 28.87 -28.98
CA MET B 12 -15.43 27.72 -29.35
C MET B 12 -15.94 26.44 -28.67
N LEU B 13 -16.20 26.52 -27.37
CA LEU B 13 -16.52 25.32 -26.60
C LEU B 13 -17.83 24.69 -27.02
N TYR B 14 -18.79 25.51 -27.45
CA TYR B 14 -20.09 24.99 -27.85
C TYR B 14 -20.27 25.02 -29.37
N ALA B 15 -19.18 25.18 -30.11
CA ALA B 15 -19.24 25.12 -31.57
C ALA B 15 -19.77 23.75 -31.99
N PRO B 16 -20.39 23.66 -33.19
CA PRO B 16 -20.88 22.37 -33.66
C PRO B 16 -19.73 21.35 -33.73
N VAL B 17 -20.05 20.08 -33.50
CA VAL B 17 -19.04 19.05 -33.62
C VAL B 17 -19.28 18.26 -34.90
N GLU B 18 -18.19 17.92 -35.57
CA GLU B 18 -18.24 17.28 -36.87
C GLU B 18 -17.62 15.88 -36.76
N TRP B 19 -18.49 14.89 -36.60
CA TRP B 19 -18.07 13.51 -36.42
C TRP B 19 -17.81 12.82 -37.75
N HIS B 20 -16.71 12.07 -37.83
CA HIS B 20 -16.42 11.29 -39.02
C HIS B 20 -16.48 9.83 -38.64
N ASP B 21 -17.22 9.03 -39.42
CA ASP B 21 -17.41 7.64 -39.01
C ASP B 21 -16.21 6.74 -39.29
N CYS B 22 -15.82 5.97 -38.27
CA CYS B 22 -14.73 5.02 -38.40
C CYS B 22 -15.17 3.63 -37.94
N SER B 23 -16.42 3.29 -38.20
CA SER B 23 -17.02 2.07 -37.65
C SER B 23 -16.87 0.83 -38.53
N GLU B 24 -16.35 1.02 -39.74
CA GLU B 24 -16.29 -0.08 -40.71
C GLU B 24 -15.60 -1.32 -40.12
N GLY B 25 -16.29 -2.45 -40.15
CA GLY B 25 -15.73 -3.66 -39.59
C GLY B 25 -16.28 -3.96 -38.20
N PHE B 26 -16.91 -2.98 -37.57
CA PHE B 26 -17.49 -3.20 -36.26
C PHE B 26 -18.94 -3.65 -36.33
N GLU B 27 -19.27 -4.67 -35.54
CA GLU B 27 -20.62 -5.22 -35.52
C GLU B 27 -21.44 -4.70 -34.33
N ASP B 28 -20.78 -4.46 -33.19
CA ASP B 28 -21.47 -4.17 -31.93
C ASP B 28 -21.30 -2.74 -31.44
N ILE B 29 -20.40 -1.99 -32.06
CA ILE B 29 -20.14 -0.62 -31.62
C ILE B 29 -20.06 0.34 -32.79
N ARG B 30 -20.18 1.63 -32.49
CA ARG B 30 -19.80 2.67 -33.45
C ARG B 30 -18.55 3.34 -32.93
N TYR B 31 -17.74 3.83 -33.86
CA TYR B 31 -16.49 4.51 -33.55
C TYR B 31 -16.37 5.70 -34.46
N GLU B 32 -16.23 6.89 -33.89
CA GLU B 32 -16.19 8.11 -34.67
C GLU B 32 -15.13 9.07 -34.12
N LYS B 33 -14.62 9.94 -34.98
CA LYS B 33 -13.63 10.94 -34.56
C LYS B 33 -14.07 12.33 -35.01
N SER B 34 -13.79 13.35 -34.20
CA SER B 34 -14.07 14.73 -34.58
C SER B 34 -12.82 15.34 -35.16
N THR B 35 -12.98 16.41 -35.93
CA THR B 35 -11.82 17.09 -36.54
C THR B 35 -10.91 17.70 -35.50
N ASP B 36 -11.48 18.10 -34.36
CA ASP B 36 -10.70 18.78 -33.33
C ASP B 36 -10.16 17.86 -32.23
N GLY B 37 -10.21 16.55 -32.43
CA GLY B 37 -9.42 15.65 -31.60
C GLY B 37 -10.14 14.76 -30.60
N ILE B 38 -11.44 14.60 -30.77
CA ILE B 38 -12.22 13.70 -29.94
C ILE B 38 -12.54 12.40 -30.65
N ALA B 39 -12.26 11.28 -29.99
CA ALA B 39 -12.67 9.98 -30.51
C ALA B 39 -13.85 9.56 -29.67
N LYS B 40 -14.86 8.97 -30.30
CA LYS B 40 -16.03 8.54 -29.53
C LYS B 40 -16.39 7.09 -29.82
N ILE B 41 -16.47 6.30 -28.74
CA ILE B 41 -16.80 4.89 -28.82
C ILE B 41 -18.21 4.70 -28.29
N THR B 42 -19.08 4.13 -29.12
CA THR B 42 -20.47 3.97 -28.75
C THR B 42 -20.90 2.52 -28.79
N ILE B 43 -21.27 1.97 -27.64
CA ILE B 43 -21.83 0.63 -27.60
C ILE B 43 -23.17 0.65 -28.30
N ASN B 44 -23.35 -0.25 -29.25
CA ASN B 44 -24.52 -0.20 -30.12
C ASN B 44 -25.36 -1.46 -30.04
N ARG B 45 -25.82 -1.78 -28.84
CA ARG B 45 -26.72 -2.92 -28.63
C ARG B 45 -27.94 -2.48 -27.81
N PRO B 46 -28.70 -1.50 -28.33
CA PRO B 46 -29.77 -0.90 -27.53
C PRO B 46 -30.84 -1.91 -27.14
N GLN B 47 -30.99 -2.97 -27.93
CA GLN B 47 -32.01 -3.99 -27.65
C GLN B 47 -31.73 -4.76 -26.36
N VAL B 48 -30.51 -4.70 -25.85
CA VAL B 48 -30.19 -5.34 -24.57
C VAL B 48 -29.66 -4.31 -23.58
N ARG B 49 -30.13 -3.07 -23.75
CA ARG B 49 -29.71 -1.98 -22.91
C ARG B 49 -28.19 -1.84 -22.96
N ASN B 50 -27.62 -2.12 -24.13
CA ASN B 50 -26.18 -1.94 -24.37
C ASN B 50 -25.26 -2.83 -23.50
N ALA B 51 -25.80 -3.97 -23.10
CA ALA B 51 -25.02 -5.06 -22.50
C ALA B 51 -23.90 -5.46 -23.44
N PHE B 52 -22.70 -5.68 -22.92
CA PHE B 52 -21.62 -6.18 -23.76
C PHE B 52 -21.50 -7.70 -23.77
N ARG B 53 -21.32 -8.26 -24.98
CA ARG B 53 -20.90 -9.65 -25.12
C ARG B 53 -19.41 -9.65 -25.45
N PRO B 54 -18.77 -10.84 -25.49
CA PRO B 54 -17.32 -10.81 -25.71
C PRO B 54 -16.88 -10.09 -26.99
N LEU B 55 -17.66 -10.19 -28.07
CA LEU B 55 -17.33 -9.45 -29.29
C LEU B 55 -17.40 -7.93 -29.04
N THR B 56 -18.42 -7.51 -28.32
CA THR B 56 -18.55 -6.09 -28.00
C THR B 56 -17.26 -5.58 -27.39
N VAL B 57 -16.78 -6.29 -26.38
CA VAL B 57 -15.58 -5.89 -25.67
C VAL B 57 -14.36 -5.88 -26.59
N LYS B 58 -14.20 -6.93 -27.40
CA LYS B 58 -13.07 -7.01 -28.32
C LYS B 58 -13.02 -5.79 -29.24
N GLU B 59 -14.18 -5.39 -29.74
CA GLU B 59 -14.28 -4.22 -30.62
C GLU B 59 -13.93 -2.93 -29.89
N MET B 60 -14.40 -2.78 -28.66
CA MET B 60 -14.10 -1.57 -27.88
C MET B 60 -12.60 -1.47 -27.60
N ILE B 61 -11.97 -2.61 -27.32
CA ILE B 61 -10.54 -2.66 -27.13
C ILE B 61 -9.80 -2.24 -28.41
N GLN B 62 -10.27 -2.73 -29.55
CA GLN B 62 -9.67 -2.34 -30.84
C GLN B 62 -9.83 -0.85 -31.11
N ALA B 63 -11.01 -0.32 -30.83
CA ALA B 63 -11.28 1.10 -31.02
C ALA B 63 -10.42 1.98 -30.11
N LEU B 64 -10.30 1.59 -28.85
CA LEU B 64 -9.55 2.39 -27.89
C LEU B 64 -8.05 2.34 -28.22
N ALA B 65 -7.59 1.19 -28.75
CA ALA B 65 -6.20 1.10 -29.18
C ALA B 65 -5.97 2.07 -30.36
N ASP B 66 -6.93 2.11 -31.29
CA ASP B 66 -6.80 3.02 -32.40
C ASP B 66 -6.68 4.47 -31.94
N ALA B 67 -7.53 4.85 -30.99
CA ALA B 67 -7.53 6.22 -30.48
C ALA B 67 -6.23 6.54 -29.76
N ARG B 68 -5.69 5.57 -29.04
CA ARG B 68 -4.42 5.76 -28.34
C ARG B 68 -3.32 6.13 -29.33
N TYR B 69 -3.28 5.42 -30.46
CA TYR B 69 -2.23 5.59 -31.46
C TYR B 69 -2.47 6.67 -32.50
N ASP B 70 -3.66 7.26 -32.49
CA ASP B 70 -3.95 8.38 -33.40
C ASP B 70 -3.49 9.68 -32.78
N ASP B 71 -2.40 10.24 -33.29
CA ASP B 71 -1.82 11.41 -32.65
C ASP B 71 -2.69 12.67 -32.77
N ASN B 72 -3.78 12.59 -33.55
CA ASN B 72 -4.74 13.70 -33.65
C ASN B 72 -5.81 13.66 -32.57
N ILE B 73 -5.92 12.52 -31.91
CA ILE B 73 -6.93 12.34 -30.88
C ILE B 73 -6.29 12.66 -29.53
N GLY B 74 -7.00 13.46 -28.71
CA GLY B 74 -6.50 13.84 -27.42
C GLY B 74 -7.38 13.37 -26.27
N VAL B 75 -8.64 13.07 -26.58
CA VAL B 75 -9.63 12.68 -25.58
C VAL B 75 -10.60 11.64 -26.15
N ILE B 76 -11.01 10.69 -25.31
CA ILE B 76 -11.97 9.68 -25.76
C ILE B 76 -13.27 9.77 -24.98
N ILE B 77 -14.38 9.65 -25.69
CA ILE B 77 -15.69 9.55 -25.06
C ILE B 77 -16.16 8.11 -25.16
N LEU B 78 -16.69 7.58 -24.06
CA LEU B 78 -17.32 6.27 -24.11
C LEU B 78 -18.79 6.49 -23.82
N THR B 79 -19.66 5.93 -24.65
CA THR B 79 -21.09 6.12 -24.44
C THR B 79 -21.93 4.96 -24.99
N GLY B 80 -23.24 4.99 -24.73
CA GLY B 80 -24.13 3.96 -25.25
C GLY B 80 -25.05 4.53 -26.33
N ALA B 81 -25.45 3.72 -27.29
CA ALA B 81 -26.38 4.18 -28.32
C ALA B 81 -27.77 4.43 -27.74
N GLY B 82 -28.47 5.43 -28.27
CA GLY B 82 -29.81 5.77 -27.78
C GLY B 82 -29.71 6.58 -26.51
N ASP B 83 -30.83 6.76 -25.82
CA ASP B 83 -30.81 7.57 -24.60
C ASP B 83 -31.32 6.82 -23.39
N LYS B 84 -31.52 5.52 -23.54
CA LYS B 84 -32.09 4.70 -22.49
C LYS B 84 -31.02 3.97 -21.68
N ALA B 85 -29.82 3.85 -22.24
CA ALA B 85 -28.76 3.11 -21.57
C ALA B 85 -27.37 3.45 -22.09
N PHE B 86 -26.44 3.57 -21.16
CA PHE B 86 -25.02 3.68 -21.41
C PHE B 86 -24.51 2.25 -21.59
N CYS B 87 -24.81 1.39 -20.63
CA CYS B 87 -24.35 0.01 -20.64
C CYS B 87 -24.92 -0.74 -19.43
N SER B 88 -25.52 -1.89 -19.67
CA SER B 88 -26.10 -2.69 -18.59
C SER B 88 -25.22 -3.86 -18.16
N GLY B 89 -23.93 -3.80 -18.49
CA GLY B 89 -23.00 -4.80 -18.03
C GLY B 89 -22.87 -6.00 -18.96
N GLY B 90 -22.36 -7.11 -18.42
CA GLY B 90 -22.23 -8.33 -19.20
C GLY B 90 -23.57 -8.88 -19.67
N ASP B 91 -23.57 -9.40 -20.89
CA ASP B 91 -24.76 -9.93 -21.51
C ASP B 91 -25.10 -11.28 -20.88
N GLN B 92 -26.08 -11.29 -19.99
CA GLN B 92 -26.47 -12.49 -19.27
C GLN B 92 -26.99 -13.59 -20.19
N LYS B 93 -27.45 -13.21 -21.38
CA LYS B 93 -27.96 -14.18 -22.34
C LYS B 93 -26.85 -15.10 -22.85
N VAL B 94 -25.60 -14.65 -22.81
CA VAL B 94 -24.49 -15.49 -23.29
C VAL B 94 -23.52 -15.90 -22.19
N ARG B 95 -23.88 -15.62 -20.94
CA ARG B 95 -23.03 -15.96 -19.82
C ARG B 95 -23.08 -17.47 -19.62
N GLY B 96 -21.93 -18.11 -19.75
CA GLY B 96 -21.85 -19.56 -19.63
C GLY B 96 -21.63 -20.03 -18.20
N ASP B 97 -21.70 -21.34 -17.99
CA ASP B 97 -21.43 -21.96 -16.70
C ASP B 97 -19.95 -22.03 -16.37
N TYR B 98 -19.11 -22.10 -17.40
CA TYR B 98 -17.66 -22.31 -17.20
C TYR B 98 -16.83 -21.03 -17.06
N GLY B 99 -17.24 -20.14 -16.16
CA GLY B 99 -16.38 -19.04 -15.77
C GLY B 99 -16.26 -17.87 -16.75
N GLY B 100 -17.34 -17.55 -17.45
CA GLY B 100 -17.33 -16.39 -18.33
C GLY B 100 -18.42 -16.39 -19.38
N TYR B 101 -18.31 -15.46 -20.32
CA TYR B 101 -19.31 -15.28 -21.38
C TYR B 101 -18.91 -16.01 -22.65
N LYS B 102 -19.83 -16.80 -23.21
CA LYS B 102 -19.53 -17.61 -24.39
C LYS B 102 -19.52 -16.77 -25.66
N ASP B 103 -18.45 -16.89 -26.44
CA ASP B 103 -18.48 -16.36 -27.80
C ASP B 103 -19.09 -17.41 -28.73
N ASP B 104 -19.18 -17.11 -30.03
CA ASP B 104 -19.81 -18.04 -30.97
C ASP B 104 -19.05 -19.36 -31.07
N SER B 105 -17.79 -19.36 -30.66
CA SER B 105 -16.96 -20.55 -30.69
C SER B 105 -17.05 -21.38 -29.41
N GLY B 106 -17.81 -20.91 -28.44
CA GLY B 106 -17.95 -21.62 -27.18
C GLY B 106 -16.82 -21.35 -26.18
N VAL B 107 -15.93 -20.42 -26.49
CA VAL B 107 -14.89 -20.03 -25.54
C VAL B 107 -15.47 -19.09 -24.47
N HIS B 108 -15.12 -19.33 -23.21
CA HIS B 108 -15.63 -18.52 -22.10
C HIS B 108 -14.69 -17.35 -21.78
N HIS B 109 -15.24 -16.14 -21.84
CA HIS B 109 -14.45 -14.91 -21.71
C HIS B 109 -14.85 -14.05 -20.53
N LEU B 110 -13.88 -13.34 -19.99
CA LEU B 110 -14.13 -12.23 -19.07
C LEU B 110 -13.32 -11.03 -19.59
N ASN B 111 -13.40 -10.77 -20.90
CA ASN B 111 -12.47 -9.79 -21.48
C ASN B 111 -12.70 -8.32 -21.09
N VAL B 112 -13.79 -8.02 -20.39
CA VAL B 112 -13.96 -6.66 -19.94
C VAL B 112 -12.83 -6.27 -18.98
N LEU B 113 -12.20 -7.27 -18.35
CA LEU B 113 -11.04 -7.02 -17.48
C LEU B 113 -9.89 -6.42 -18.29
N ASP B 114 -9.72 -6.90 -19.52
CA ASP B 114 -8.71 -6.32 -20.41
C ASP B 114 -9.07 -4.85 -20.74
N PHE B 115 -10.34 -4.61 -21.04
CA PHE B 115 -10.80 -3.27 -21.38
C PHE B 115 -10.67 -2.30 -20.20
N GLN B 116 -10.97 -2.76 -18.99
CA GLN B 116 -10.77 -1.93 -17.79
C GLN B 116 -9.31 -1.46 -17.68
N ARG B 117 -8.37 -2.39 -17.85
CA ARG B 117 -6.95 -2.04 -17.73
CA ARG B 117 -6.95 -2.06 -17.74
C ARG B 117 -6.51 -1.11 -18.84
N GLN B 118 -7.12 -1.26 -20.02
CA GLN B 118 -6.80 -0.42 -21.17
C GLN B 118 -7.23 1.02 -20.94
N ILE B 119 -8.44 1.21 -20.42
CA ILE B 119 -8.91 2.55 -20.06
C ILE B 119 -7.97 3.16 -19.01
N ARG B 120 -7.64 2.36 -17.99
CA ARG B 120 -6.77 2.78 -16.90
C ARG B 120 -5.42 3.29 -17.41
N THR B 121 -4.82 2.56 -18.33
CA THR B 121 -3.46 2.88 -18.77
C THR B 121 -3.44 3.80 -20.01
N CYS B 122 -4.62 4.14 -20.53
CA CYS B 122 -4.69 5.06 -21.67
C CYS B 122 -4.15 6.43 -21.25
N PRO B 123 -3.15 6.95 -21.98
CA PRO B 123 -2.48 8.22 -21.63
C PRO B 123 -3.34 9.44 -21.96
N LYS B 124 -4.47 9.20 -22.62
CA LYS B 124 -5.41 10.28 -22.93
C LYS B 124 -6.62 10.15 -22.01
N PRO B 125 -7.19 11.28 -21.59
CA PRO B 125 -8.38 11.22 -20.75
C PRO B 125 -9.54 10.51 -21.44
N VAL B 126 -10.28 9.73 -20.67
CA VAL B 126 -11.43 9.01 -21.20
C VAL B 126 -12.66 9.49 -20.43
N VAL B 127 -13.72 9.82 -21.16
CA VAL B 127 -14.88 10.44 -20.55
C VAL B 127 -16.11 9.57 -20.80
N ALA B 128 -16.78 9.21 -19.72
CA ALA B 128 -18.03 8.48 -19.84
C ALA B 128 -19.17 9.46 -20.02
N MET B 129 -19.94 9.28 -21.10
CA MET B 129 -21.08 10.11 -21.39
C MET B 129 -22.33 9.25 -21.21
N VAL B 130 -23.01 9.46 -20.09
CA VAL B 130 -24.03 8.55 -19.62
C VAL B 130 -25.44 9.11 -19.75
N ALA B 131 -26.23 8.49 -20.62
CA ALA B 131 -27.65 8.72 -20.67
C ALA B 131 -28.32 7.45 -20.20
N GLY B 132 -29.34 7.57 -19.36
CA GLY B 132 -30.06 6.40 -18.89
C GLY B 132 -29.21 5.46 -18.03
N TYR B 133 -29.46 4.16 -18.17
CA TYR B 133 -28.88 3.18 -17.25
C TYR B 133 -27.38 2.92 -17.43
N SER B 134 -26.62 3.13 -16.35
CA SER B 134 -25.25 2.65 -16.24
C SER B 134 -25.26 1.66 -15.07
N ILE B 135 -25.34 0.38 -15.39
CA ILE B 135 -25.66 -0.65 -14.41
C ILE B 135 -24.72 -1.85 -14.48
N GLY B 136 -24.33 -2.38 -13.32
CA GLY B 136 -23.47 -3.56 -13.26
C GLY B 136 -22.10 -3.35 -13.86
N GLY B 137 -21.67 -4.25 -14.74
CA GLY B 137 -20.42 -4.06 -15.43
C GLY B 137 -20.38 -2.72 -16.13
N GLY B 138 -21.55 -2.24 -16.56
CA GLY B 138 -21.63 -0.98 -17.26
C GLY B 138 -21.44 0.18 -16.29
N HIS B 139 -21.74 -0.06 -15.02
CA HIS B 139 -21.48 0.95 -14.00
C HIS B 139 -19.98 1.02 -13.67
N VAL B 140 -19.33 -0.14 -13.59
CA VAL B 140 -17.87 -0.13 -13.42
C VAL B 140 -17.16 0.55 -14.59
N LEU B 141 -17.65 0.35 -15.81
CA LEU B 141 -17.06 1.07 -16.95
C LEU B 141 -17.11 2.60 -16.80
N HIS B 142 -18.23 3.15 -16.36
CA HIS B 142 -18.28 4.60 -16.22
C HIS B 142 -17.29 5.05 -15.12
N MET B 143 -17.24 4.28 -14.02
CA MET B 143 -16.32 4.59 -12.94
C MET B 143 -14.87 4.57 -13.41
N MET B 144 -14.51 3.60 -14.27
CA MET B 144 -13.14 3.51 -14.78
C MET B 144 -12.76 4.74 -15.61
N CYS B 145 -13.72 5.27 -16.35
CA CYS B 145 -13.43 6.47 -17.12
C CYS B 145 -13.00 7.56 -16.14
N ASP B 146 -12.08 8.42 -16.59
CA ASP B 146 -11.53 9.45 -15.73
C ASP B 146 -12.60 10.40 -15.23
N LEU B 147 -13.52 10.76 -16.13
CA LEU B 147 -14.59 11.70 -15.82
C LEU B 147 -15.93 11.10 -16.26
N THR B 148 -17.03 11.54 -15.66
CA THR B 148 -18.36 11.11 -16.08
C THR B 148 -19.28 12.31 -16.18
N ILE B 149 -19.90 12.46 -17.35
CA ILE B 149 -20.91 13.47 -17.60
C ILE B 149 -22.24 12.73 -17.69
N ALA B 150 -23.16 13.08 -16.81
CA ALA B 150 -24.43 12.35 -16.75
C ALA B 150 -25.60 13.22 -17.16
N ALA B 151 -26.54 12.62 -17.89
CA ALA B 151 -27.79 13.28 -18.22
C ALA B 151 -28.73 13.22 -17.02
N ASP B 152 -29.72 14.11 -16.99
CA ASP B 152 -30.69 14.10 -15.91
C ASP B 152 -31.51 12.82 -15.84
N ASN B 153 -31.47 12.02 -16.89
CA ASN B 153 -32.19 10.74 -16.89
C ASN B 153 -31.27 9.55 -16.54
N ALA B 154 -30.03 9.84 -16.15
CA ALA B 154 -29.08 8.77 -15.89
C ALA B 154 -29.43 8.00 -14.61
N ILE B 155 -29.17 6.69 -14.62
CA ILE B 155 -29.45 5.81 -13.48
C ILE B 155 -28.23 4.92 -13.25
N PHE B 156 -27.82 4.82 -11.98
CA PHE B 156 -26.58 4.14 -11.60
C PHE B 156 -26.80 3.07 -10.55
N GLY B 157 -25.99 2.01 -10.61
CA GLY B 157 -26.01 1.00 -9.57
C GLY B 157 -25.31 -0.28 -9.98
N GLN B 158 -25.08 -1.16 -9.01
CA GLN B 158 -24.58 -2.50 -9.26
C GLN B 158 -25.72 -3.49 -9.04
N THR B 159 -25.57 -4.72 -9.55
CA THR B 159 -26.58 -5.75 -9.39
C THR B 159 -25.95 -7.11 -9.05
N GLY B 160 -24.63 -7.13 -8.90
CA GLY B 160 -23.92 -8.38 -8.67
C GLY B 160 -24.58 -9.35 -7.71
N PRO B 161 -24.78 -8.94 -6.46
CA PRO B 161 -25.41 -9.85 -5.48
C PRO B 161 -26.85 -10.26 -5.84
N LYS B 162 -27.48 -9.55 -6.76
CA LYS B 162 -28.80 -9.96 -7.27
C LYS B 162 -28.69 -10.99 -8.41
N VAL B 163 -27.70 -10.81 -9.28
CA VAL B 163 -27.60 -11.60 -10.51
C VAL B 163 -26.42 -12.59 -10.47
N GLY B 164 -25.89 -12.81 -9.27
CA GLY B 164 -24.86 -13.81 -9.07
C GLY B 164 -23.50 -13.47 -9.65
N SER B 165 -23.06 -12.24 -9.41
CA SER B 165 -21.74 -11.80 -9.85
CA SER B 165 -21.73 -11.83 -9.84
C SER B 165 -21.15 -10.80 -8.88
N PHE B 166 -19.90 -10.42 -9.10
CA PHE B 166 -19.31 -9.31 -8.36
C PHE B 166 -18.07 -8.85 -9.08
N ASP B 167 -17.78 -7.56 -8.96
CA ASP B 167 -16.50 -7.05 -9.37
C ASP B 167 -15.81 -6.60 -8.09
N GLY B 168 -14.87 -7.42 -7.61
CA GLY B 168 -14.12 -7.09 -6.42
C GLY B 168 -12.78 -6.47 -6.76
N GLY B 169 -12.60 -6.08 -8.02
CA GLY B 169 -11.36 -5.46 -8.45
C GLY B 169 -11.51 -3.95 -8.38
N TRP B 170 -11.31 -3.29 -9.50
CA TRP B 170 -11.52 -1.85 -9.54
C TRP B 170 -12.99 -1.51 -9.28
N GLY B 171 -13.89 -2.45 -9.56
CA GLY B 171 -15.30 -2.26 -9.26
C GLY B 171 -15.60 -2.04 -7.79
N ALA B 172 -14.69 -2.45 -6.91
CA ALA B 172 -14.94 -2.28 -5.49
C ALA B 172 -14.00 -1.23 -4.91
N SER B 173 -12.72 -1.58 -4.81
CA SER B 173 -11.71 -0.65 -4.29
C SER B 173 -11.81 0.73 -4.93
N TYR B 174 -11.81 0.79 -6.26
CA TYR B 174 -11.79 2.09 -6.93
C TYR B 174 -13.10 2.85 -6.71
N MET B 175 -14.23 2.15 -6.71
CA MET B 175 -15.49 2.75 -6.29
C MET B 175 -15.34 3.46 -4.93
N ALA B 176 -14.73 2.78 -3.96
CA ALA B 176 -14.48 3.38 -2.64
C ALA B 176 -13.64 4.66 -2.70
N ARG B 177 -12.68 4.73 -3.62
CA ARG B 177 -11.88 5.94 -3.79
C ARG B 177 -12.66 7.09 -4.43
N ILE B 178 -13.86 6.79 -4.93
CA ILE B 178 -14.73 7.83 -5.49
C ILE B 178 -15.79 8.30 -4.49
N VAL B 179 -16.59 7.36 -3.97
CA VAL B 179 -17.72 7.73 -3.10
C VAL B 179 -17.48 7.46 -1.60
N GLY B 180 -16.35 6.86 -1.25
CA GLY B 180 -16.10 6.55 0.15
C GLY B 180 -16.60 5.16 0.52
N GLN B 181 -16.07 4.61 1.61
CA GLN B 181 -16.33 3.21 1.96
C GLN B 181 -17.78 2.93 2.36
N LYS B 182 -18.40 3.86 3.10
CA LYS B 182 -19.79 3.66 3.49
C LYS B 182 -20.71 3.58 2.26
N LYS B 183 -20.55 4.51 1.32
CA LYS B 183 -21.41 4.50 0.14
C LYS B 183 -21.13 3.28 -0.76
N ALA B 184 -19.87 2.91 -0.89
CA ALA B 184 -19.51 1.76 -1.71
C ALA B 184 -20.16 0.49 -1.20
N ARG B 185 -20.12 0.27 0.12
CA ARG B 185 -20.74 -0.92 0.69
C ARG B 185 -22.26 -0.92 0.46
N GLU B 186 -22.88 0.23 0.64
CA GLU B 186 -24.31 0.37 0.34
C GLU B 186 -24.62 0.01 -1.12
N ILE B 187 -23.90 0.63 -2.04
CA ILE B 187 -24.15 0.44 -3.46
C ILE B 187 -24.08 -1.05 -3.80
N TRP B 188 -22.98 -1.70 -3.38
CA TRP B 188 -22.78 -3.12 -3.65
C TRP B 188 -23.69 -4.09 -2.89
N PHE B 189 -23.95 -3.84 -1.60
CA PHE B 189 -24.68 -4.80 -0.78
C PHE B 189 -26.18 -4.79 -1.05
N LEU B 190 -26.75 -3.62 -1.29
CA LEU B 190 -28.20 -3.52 -1.50
C LEU B 190 -28.60 -3.59 -2.97
N CYS B 191 -27.70 -3.16 -3.86
CA CYS B 191 -28.00 -3.14 -5.29
C CYS B 191 -29.22 -2.28 -5.65
N ARG B 192 -29.35 -1.14 -4.99
CA ARG B 192 -30.39 -0.19 -5.35
C ARG B 192 -29.98 0.53 -6.62
N GLN B 193 -30.91 1.29 -7.20
CA GLN B 193 -30.57 2.19 -8.30
C GLN B 193 -30.52 3.60 -7.76
N TYR B 194 -29.69 4.44 -8.38
CA TYR B 194 -29.52 5.80 -7.92
C TYR B 194 -29.71 6.75 -9.10
N ASP B 195 -30.47 7.81 -8.90
CA ASP B 195 -30.66 8.79 -9.96
C ASP B 195 -29.49 9.76 -10.08
N ALA B 196 -29.58 10.66 -11.06
CA ALA B 196 -28.46 11.53 -11.40
C ALA B 196 -28.07 12.45 -10.24
N LYS B 197 -29.06 13.02 -9.56
CA LYS B 197 -28.77 13.89 -8.44
C LYS B 197 -28.10 13.11 -7.31
N GLN B 198 -28.65 11.94 -6.98
CA GLN B 198 -28.00 11.07 -5.99
C GLN B 198 -26.54 10.80 -6.35
N ALA B 199 -26.30 10.43 -7.62
CA ALA B 199 -24.94 10.19 -8.09
C ALA B 199 -24.06 11.44 -7.96
N LEU B 200 -24.60 12.59 -8.33
CA LEU B 200 -23.84 13.85 -8.22
C LEU B 200 -23.51 14.13 -6.76
N ASP B 201 -24.50 13.97 -5.89
CA ASP B 201 -24.32 14.27 -4.47
C ASP B 201 -23.23 13.42 -3.80
N MET B 202 -23.06 12.19 -4.25
CA MET B 202 -22.06 11.33 -3.62
C MET B 202 -20.69 11.38 -4.30
N GLY B 203 -20.55 12.20 -5.34
CA GLY B 203 -19.28 12.34 -6.01
C GLY B 203 -19.02 11.30 -7.10
N LEU B 204 -20.07 10.57 -7.46
CA LEU B 204 -19.99 9.47 -8.41
C LEU B 204 -19.88 9.95 -9.86
N VAL B 205 -20.48 11.10 -10.16
CA VAL B 205 -20.36 11.69 -11.49
C VAL B 205 -19.87 13.12 -11.33
N ASN B 206 -19.31 13.68 -12.39
CA ASN B 206 -18.70 15.00 -12.29
C ASN B 206 -19.70 16.12 -12.45
N THR B 207 -20.75 15.86 -13.23
CA THR B 207 -21.80 16.86 -13.44
C THR B 207 -23.05 16.21 -14.01
N VAL B 208 -24.18 16.90 -13.83
CA VAL B 208 -25.44 16.44 -14.37
C VAL B 208 -26.04 17.54 -15.27
N VAL B 209 -26.42 17.18 -16.49
CA VAL B 209 -26.93 18.15 -17.45
C VAL B 209 -28.23 17.62 -18.04
N PRO B 210 -29.10 18.53 -18.54
CA PRO B 210 -30.33 18.03 -19.18
C PRO B 210 -29.95 17.08 -20.30
N LEU B 211 -30.77 16.07 -20.57
CA LEU B 211 -30.44 15.06 -21.57
C LEU B 211 -30.14 15.69 -22.94
N ALA B 212 -30.91 16.71 -23.29
CA ALA B 212 -30.72 17.38 -24.58
C ALA B 212 -29.31 17.95 -24.70
N ASP B 213 -28.72 18.34 -23.57
CA ASP B 213 -27.41 19.00 -23.58
C ASP B 213 -26.26 18.02 -23.37
N LEU B 214 -26.53 16.73 -23.36
CA LEU B 214 -25.52 15.76 -22.91
C LEU B 214 -24.24 15.83 -23.75
N GLU B 215 -24.34 15.65 -25.07
CA GLU B 215 -23.14 15.66 -25.89
C GLU B 215 -22.52 17.05 -25.97
N LYS B 216 -23.37 18.07 -26.03
CA LYS B 216 -22.91 19.46 -26.06
C LYS B 216 -21.98 19.76 -24.87
N GLU B 217 -22.42 19.40 -23.67
CA GLU B 217 -21.59 19.64 -22.49
C GLU B 217 -20.38 18.71 -22.43
N THR B 218 -20.57 17.45 -22.80
CA THR B 218 -19.46 16.51 -22.82
C THR B 218 -18.36 17.00 -23.76
N VAL B 219 -18.76 17.43 -24.96
CA VAL B 219 -17.81 17.96 -25.94
C VAL B 219 -17.11 19.22 -25.41
N ARG B 220 -17.85 20.09 -24.72
CA ARG B 220 -17.23 21.22 -24.05
C ARG B 220 -16.13 20.76 -23.07
N TRP B 221 -16.46 19.80 -22.20
CA TRP B 221 -15.45 19.32 -21.25
C TRP B 221 -14.26 18.77 -22.00
N CYS B 222 -14.51 18.02 -23.07
CA CYS B 222 -13.41 17.47 -23.88
C CYS B 222 -12.54 18.58 -24.46
N ARG B 223 -13.18 19.62 -24.98
CA ARG B 223 -12.44 20.70 -25.63
C ARG B 223 -11.62 21.48 -24.60
N GLU B 224 -12.10 21.55 -23.37
CA GLU B 224 -11.32 22.23 -22.33
C GLU B 224 -10.00 21.49 -22.10
N MET B 225 -10.09 20.17 -22.01
CA MET B 225 -8.89 19.33 -21.88
C MET B 225 -7.98 19.43 -23.10
N LEU B 226 -8.58 19.49 -24.29
CA LEU B 226 -7.85 19.60 -25.55
C LEU B 226 -7.03 20.89 -25.68
N GLN B 227 -7.31 21.88 -24.84
CA GLN B 227 -6.50 23.10 -24.80
C GLN B 227 -5.25 22.91 -23.95
N ASN B 228 -5.20 21.84 -23.17
CA ASN B 228 -4.15 21.70 -22.18
C ASN B 228 -3.01 20.81 -22.66
N SER B 229 -1.89 20.82 -21.93
CA SER B 229 -0.71 20.05 -22.29
C SER B 229 -0.97 18.55 -22.25
N PRO B 230 -0.87 17.88 -23.39
CA PRO B 230 -1.09 16.42 -23.38
C PRO B 230 -0.10 15.68 -22.47
N MET B 231 1.14 16.16 -22.39
CA MET B 231 2.14 15.54 -21.52
C MET B 231 1.72 15.66 -20.05
N ALA B 232 1.28 16.84 -19.65
CA ALA B 232 0.89 17.06 -18.26
C ALA B 232 -0.31 16.20 -17.92
N LEU B 233 -1.27 16.10 -18.85
CA LEU B 233 -2.45 15.27 -18.62
C LEU B 233 -2.09 13.80 -18.37
N ARG B 234 -1.19 13.25 -19.17
CA ARG B 234 -0.85 11.84 -19.02
C ARG B 234 -0.01 11.60 -17.76
N CYS B 235 0.84 12.55 -17.40
CA CYS B 235 1.60 12.37 -16.16
C CYS B 235 0.66 12.39 -14.97
N LEU B 236 -0.32 13.29 -15.02
CA LEU B 236 -1.26 13.44 -13.93
C LEU B 236 -2.17 12.23 -13.83
N LYS B 237 -2.64 11.72 -14.98
CA LYS B 237 -3.49 10.54 -14.95
C LYS B 237 -2.75 9.35 -14.32
N ALA B 238 -1.49 9.17 -14.72
CA ALA B 238 -0.64 8.12 -14.14
C ALA B 238 -0.43 8.35 -12.63
N ALA B 239 -0.25 9.61 -12.24
CA ALA B 239 -0.01 9.93 -10.83
C ALA B 239 -1.25 9.62 -9.99
N LEU B 240 -2.42 9.88 -10.54
CA LEU B 240 -3.66 9.59 -9.83
C LEU B 240 -3.92 8.08 -9.74
N ASN B 241 -3.61 7.35 -10.81
CA ASN B 241 -3.65 5.88 -10.77
C ASN B 241 -2.68 5.32 -9.72
N ALA B 242 -1.52 5.95 -9.61
CA ALA B 242 -0.46 5.49 -8.73
C ALA B 242 -0.87 5.56 -7.26
N ASP B 243 -1.86 6.38 -6.92
CA ASP B 243 -2.39 6.37 -5.55
C ASP B 243 -3.19 5.08 -5.27
N CYS B 244 -3.47 4.32 -6.33
CA CYS B 244 -4.32 3.13 -6.21
C CYS B 244 -3.65 1.82 -6.62
N ASP B 245 -2.78 1.90 -7.63
CA ASP B 245 -2.35 0.71 -8.36
C ASP B 245 -0.95 0.19 -7.98
N GLY B 246 -0.44 0.60 -6.83
CA GLY B 246 0.82 0.06 -6.35
C GLY B 246 1.91 0.10 -7.43
N GLN B 247 2.65 -1.00 -7.58
CA GLN B 247 3.73 -1.05 -8.58
C GLN B 247 3.27 -0.86 -10.01
N ALA B 248 2.06 -1.30 -10.32
CA ALA B 248 1.46 -1.04 -11.63
C ALA B 248 1.31 0.47 -11.87
N GLY B 249 0.98 1.20 -10.82
CA GLY B 249 0.92 2.65 -10.89
C GLY B 249 2.29 3.29 -11.03
N LEU B 250 3.27 2.77 -10.33
CA LEU B 250 4.66 3.23 -10.49
C LEU B 250 5.16 2.97 -11.90
N GLN B 251 4.78 1.83 -12.49
CA GLN B 251 5.15 1.60 -13.87
C GLN B 251 4.66 2.73 -14.77
N GLU B 252 3.39 3.12 -14.62
CA GLU B 252 2.85 4.23 -15.42
C GLU B 252 3.58 5.54 -15.18
N LEU B 253 3.74 5.91 -13.92
CA LEU B 253 4.30 7.21 -13.55
C LEU B 253 5.79 7.30 -13.89
N ALA B 254 6.57 6.31 -13.44
CA ALA B 254 7.98 6.23 -13.78
C ALA B 254 8.17 6.18 -15.29
N GLY B 255 7.28 5.48 -15.98
CA GLY B 255 7.38 5.33 -17.43
C GLY B 255 7.30 6.67 -18.14
N ASN B 256 6.47 7.58 -17.63
CA ASN B 256 6.41 8.93 -18.16
C ASN B 256 7.68 9.71 -17.84
N ALA B 257 8.23 9.48 -16.66
CA ALA B 257 9.48 10.13 -16.28
C ALA B 257 10.61 9.69 -17.22
N THR B 258 10.64 8.41 -17.58
CA THR B 258 11.56 7.92 -18.60
C THR B 258 11.38 8.65 -19.93
N MET B 259 10.14 8.72 -20.41
CA MET B 259 9.85 9.47 -21.62
C MET B 259 10.45 10.87 -21.56
N LEU B 260 10.23 11.58 -20.46
CA LEU B 260 10.71 12.94 -20.30
C LEU B 260 12.24 12.97 -20.27
N PHE B 261 12.85 12.05 -19.53
CA PHE B 261 14.30 11.97 -19.44
C PHE B 261 14.94 11.77 -20.83
N TYR B 262 14.28 10.99 -21.68
CA TYR B 262 14.76 10.76 -23.05
C TYR B 262 14.79 12.05 -23.90
N MET B 263 13.98 13.03 -23.51
CA MET B 263 13.92 14.30 -24.22
C MET B 263 14.95 15.32 -23.72
N THR B 264 15.77 14.93 -22.76
CA THR B 264 16.78 15.83 -22.21
C THR B 264 18.16 15.55 -22.78
N GLU B 265 19.02 16.55 -22.74
CA GLU B 265 20.39 16.38 -23.19
C GLU B 265 21.16 15.37 -22.36
N GLU B 266 20.94 15.36 -21.05
CA GLU B 266 21.62 14.39 -20.18
C GLU B 266 21.24 12.97 -20.58
N GLY B 267 19.96 12.72 -20.78
CA GLY B 267 19.52 11.41 -21.22
C GLY B 267 20.13 11.04 -22.55
N GLN B 268 20.09 11.99 -23.48
CA GLN B 268 20.56 11.75 -24.84
C GLN B 268 22.08 11.51 -24.89
N GLU B 269 22.82 12.10 -23.97
CA GLU B 269 24.26 11.88 -23.88
C GLU B 269 24.56 10.41 -23.60
N GLY B 270 23.72 9.79 -22.77
CA GLY B 270 23.88 8.37 -22.51
C GLY B 270 23.79 7.58 -23.80
N ARG B 271 22.72 7.81 -24.56
CA ARG B 271 22.53 7.12 -25.83
C ARG B 271 23.64 7.47 -26.84
N ASN B 272 23.94 8.75 -26.97
CA ASN B 272 24.96 9.18 -27.91
C ASN B 272 26.31 8.48 -27.65
N ALA B 273 26.70 8.41 -26.38
CA ALA B 273 27.96 7.77 -26.03
C ALA B 273 27.96 6.30 -26.40
N PHE B 274 26.85 5.60 -26.15
CA PHE B 274 26.80 4.18 -26.48
C PHE B 274 26.92 3.96 -27.99
N ASN B 275 26.14 4.71 -28.75
CA ASN B 275 26.19 4.59 -30.20
C ASN B 275 27.55 4.99 -30.78
N GLN B 276 28.21 5.94 -30.15
CA GLN B 276 29.50 6.44 -30.64
C GLN B 276 30.70 5.71 -30.04
N LYS B 277 30.43 4.62 -29.32
CA LYS B 277 31.49 3.78 -28.74
C LYS B 277 32.46 4.56 -27.84
N ARG B 278 31.92 5.38 -26.94
CA ARG B 278 32.75 6.16 -26.04
C ARG B 278 32.13 6.19 -24.64
N GLN B 279 32.89 6.64 -23.66
CA GLN B 279 32.39 6.76 -22.30
C GLN B 279 31.52 7.99 -22.20
N PRO B 280 30.35 7.87 -21.55
CA PRO B 280 29.48 9.04 -21.40
C PRO B 280 30.13 10.12 -20.55
N ASP B 281 29.85 11.37 -20.86
CA ASP B 281 30.36 12.47 -20.04
C ASP B 281 29.19 13.30 -19.53
N PHE B 282 28.82 13.11 -18.27
CA PHE B 282 27.66 13.79 -17.70
C PHE B 282 28.06 15.04 -16.92
N SER B 283 29.34 15.37 -16.97
CA SER B 283 29.88 16.49 -16.20
C SER B 283 29.31 17.84 -16.64
N LYS B 284 28.82 17.92 -17.88
CA LYS B 284 28.30 19.17 -18.42
C LYS B 284 26.95 19.55 -17.84
N PHE B 285 26.30 18.57 -17.20
CA PHE B 285 24.94 18.78 -16.70
C PHE B 285 24.92 19.02 -15.19
N LYS B 286 24.62 20.26 -14.82
CA LYS B 286 24.60 20.66 -13.42
C LYS B 286 23.68 19.78 -12.57
N ARG B 287 24.15 19.41 -11.39
CA ARG B 287 23.31 18.72 -10.42
C ARG B 287 22.37 19.70 -9.71
N ASN B 288 21.07 19.55 -9.94
CA ASN B 288 20.09 20.32 -9.18
C ASN B 288 20.03 19.79 -7.75
N PRO B 289 19.68 20.65 -6.80
CA PRO B 289 19.47 20.26 -5.39
C PRO B 289 18.37 19.19 -5.25
N ASP C 9 -40.93 -4.54 -2.98
CA ASP C 9 -42.00 -5.17 -2.21
C ASP C 9 -42.06 -4.60 -0.80
N GLU C 10 -42.69 -3.44 -0.66
CA GLU C 10 -42.77 -2.78 0.64
C GLU C 10 -43.51 -3.61 1.69
N ALA C 11 -44.49 -4.39 1.25
CA ALA C 11 -45.21 -5.26 2.18
C ALA C 11 -44.25 -6.24 2.85
N MET C 12 -43.29 -6.73 2.09
CA MET C 12 -42.31 -7.64 2.64
C MET C 12 -41.28 -6.88 3.48
N LEU C 13 -40.74 -5.81 2.91
CA LEU C 13 -39.69 -5.03 3.55
C LEU C 13 -40.14 -4.40 4.87
N TYR C 14 -41.39 -3.95 4.90
CA TYR C 14 -41.92 -3.30 6.09
C TYR C 14 -42.82 -4.22 6.92
N ALA C 15 -42.76 -5.52 6.66
CA ALA C 15 -43.47 -6.50 7.50
C ALA C 15 -42.97 -6.41 8.94
N PRO C 16 -43.85 -6.74 9.90
CA PRO C 16 -43.47 -6.72 11.30
C PRO C 16 -42.26 -7.64 11.56
N VAL C 17 -41.39 -7.24 12.47
CA VAL C 17 -40.30 -8.10 12.86
C VAL C 17 -40.60 -8.77 14.20
N GLU C 18 -40.44 -10.08 14.25
CA GLU C 18 -40.55 -10.83 15.49
C GLU C 18 -39.16 -11.19 15.98
N TRP C 19 -38.74 -10.59 17.09
CA TRP C 19 -37.44 -10.89 17.69
C TRP C 19 -37.54 -12.02 18.70
N HIS C 20 -36.63 -13.00 18.58
CA HIS C 20 -36.50 -14.04 19.59
C HIS C 20 -35.29 -13.78 20.50
N ASP C 21 -35.51 -13.85 21.80
CA ASP C 21 -34.46 -13.49 22.74
C ASP C 21 -33.38 -14.55 22.92
N CYS C 22 -32.13 -14.14 22.79
CA CYS C 22 -30.99 -15.04 22.98
C CYS C 22 -29.99 -14.45 23.97
N SER C 23 -30.50 -13.72 24.94
CA SER C 23 -29.66 -12.96 25.86
C SER C 23 -29.17 -13.75 27.08
N GLU C 24 -29.55 -15.03 27.18
CA GLU C 24 -29.24 -15.82 28.37
C GLU C 24 -27.75 -15.81 28.70
N GLY C 25 -27.41 -15.36 29.90
CA GLY C 25 -26.02 -15.36 30.35
C GLY C 25 -25.25 -14.06 30.09
N PHE C 26 -25.85 -13.13 29.34
CA PHE C 26 -25.20 -11.84 29.08
C PHE C 26 -25.65 -10.86 30.15
N GLU C 27 -24.74 -10.04 30.64
CA GLU C 27 -25.10 -9.03 31.65
C GLU C 27 -25.15 -7.61 31.10
N ASP C 28 -24.35 -7.34 30.06
CA ASP C 28 -24.15 -5.97 29.59
C ASP C 28 -24.82 -5.70 28.24
N ILE C 29 -25.29 -6.75 27.58
CA ILE C 29 -25.91 -6.62 26.28
C ILE C 29 -27.15 -7.50 26.18
N ARG C 30 -27.98 -7.20 25.18
CA ARG C 30 -29.03 -8.10 24.78
C ARG C 30 -28.68 -8.61 23.39
N TYR C 31 -29.11 -9.82 23.09
CA TYR C 31 -28.81 -10.46 21.82
C TYR C 31 -30.09 -11.10 21.35
N GLU C 32 -30.55 -10.70 20.17
CA GLU C 32 -31.83 -11.16 19.65
C GLU C 32 -31.69 -11.62 18.20
N LYS C 33 -32.57 -12.52 17.79
CA LYS C 33 -32.58 -13.01 16.41
C LYS C 33 -33.99 -12.98 15.83
N SER C 34 -34.12 -12.54 14.58
CA SER C 34 -35.40 -12.56 13.89
C SER C 34 -35.56 -13.86 13.10
N THR C 35 -36.80 -14.21 12.82
CA THR C 35 -37.06 -15.45 12.11
C THR C 35 -36.50 -15.40 10.68
N ASP C 36 -36.42 -14.20 10.12
CA ASP C 36 -36.00 -14.06 8.73
C ASP C 36 -34.50 -13.78 8.55
N GLY C 37 -33.73 -13.88 9.63
CA GLY C 37 -32.27 -13.92 9.52
C GLY C 37 -31.46 -12.70 9.96
N ILE C 38 -32.05 -11.86 10.80
CA ILE C 38 -31.32 -10.71 11.36
C ILE C 38 -30.94 -11.01 12.81
N ALA C 39 -29.66 -10.86 13.14
CA ALA C 39 -29.22 -10.94 14.51
C ALA C 39 -28.99 -9.53 15.00
N LYS C 40 -29.47 -9.20 16.19
CA LYS C 40 -29.32 -7.85 16.71
C LYS C 40 -28.57 -7.85 18.03
N ILE C 41 -27.44 -7.13 18.08
CA ILE C 41 -26.67 -6.98 19.31
C ILE C 41 -26.90 -5.57 19.85
N THR C 42 -27.39 -5.49 21.09
CA THR C 42 -27.74 -4.22 21.71
C THR C 42 -26.91 -4.01 22.97
N ILE C 43 -26.12 -2.95 22.99
CA ILE C 43 -25.38 -2.59 24.20
C ILE C 43 -26.39 -2.09 25.24
N ASN C 44 -26.43 -2.75 26.39
CA ASN C 44 -27.46 -2.44 27.36
C ASN C 44 -26.90 -1.80 28.63
N ARG C 45 -26.23 -0.66 28.48
CA ARG C 45 -25.77 0.08 29.66
C ARG C 45 -26.16 1.55 29.53
N PRO C 46 -27.48 1.82 29.44
CA PRO C 46 -27.95 3.18 29.13
C PRO C 46 -27.52 4.17 30.20
N GLN C 47 -27.30 3.69 31.41
CA GLN C 47 -26.94 4.57 32.52
C GLN C 47 -25.59 5.27 32.29
N VAL C 48 -24.75 4.71 31.44
CA VAL C 48 -23.47 5.34 31.11
C VAL C 48 -23.39 5.64 29.60
N ARG C 49 -24.54 5.96 29.02
CA ARG C 49 -24.64 6.24 27.58
C ARG C 49 -24.09 5.09 26.75
N ASN C 50 -24.26 3.88 27.26
CA ASN C 50 -23.89 2.66 26.55
C ASN C 50 -22.40 2.55 26.26
N ALA C 51 -21.59 3.07 27.19
CA ALA C 51 -20.14 2.89 27.15
C ALA C 51 -19.85 1.42 27.37
N PHE C 52 -18.75 0.93 26.81
CA PHE C 52 -18.38 -0.46 27.03
C PHE C 52 -17.25 -0.62 28.04
N ARG C 53 -17.43 -1.56 28.98
CA ARG C 53 -16.34 -2.01 29.84
C ARG C 53 -15.83 -3.31 29.22
N PRO C 54 -14.71 -3.87 29.73
CA PRO C 54 -14.20 -5.09 29.09
C PRO C 54 -15.23 -6.24 28.99
N LEU C 55 -16.07 -6.44 30.00
CA LEU C 55 -17.11 -7.47 29.93
C LEU C 55 -18.06 -7.25 28.75
N THR C 56 -18.44 -5.99 28.52
CA THR C 56 -19.38 -5.63 27.47
C THR C 56 -18.81 -6.09 26.14
N VAL C 57 -17.56 -5.70 25.89
CA VAL C 57 -16.88 -6.09 24.66
C VAL C 57 -16.77 -7.61 24.55
N LYS C 58 -16.45 -8.28 25.65
CA LYS C 58 -16.36 -9.74 25.63
C LYS C 58 -17.70 -10.36 25.19
N GLU C 59 -18.79 -9.83 25.73
CA GLU C 59 -20.12 -10.35 25.39
C GLU C 59 -20.49 -10.02 23.93
N MET C 60 -20.19 -8.81 23.47
CA MET C 60 -20.42 -8.50 22.05
C MET C 60 -19.61 -9.43 21.14
N ILE C 61 -18.38 -9.75 21.54
CA ILE C 61 -17.57 -10.69 20.77
C ILE C 61 -18.23 -12.08 20.68
N GLN C 62 -18.74 -12.56 21.81
CA GLN C 62 -19.38 -13.87 21.83
C GLN C 62 -20.66 -13.85 20.99
N ALA C 63 -21.45 -12.79 21.11
CA ALA C 63 -22.66 -12.67 20.32
C ALA C 63 -22.37 -12.64 18.81
N LEU C 64 -21.35 -11.88 18.41
CA LEU C 64 -21.00 -11.77 16.99
C LEU C 64 -20.46 -13.09 16.47
N ALA C 65 -19.74 -13.82 17.31
CA ALA C 65 -19.26 -15.15 16.93
C ALA C 65 -20.43 -16.11 16.70
N ASP C 66 -21.45 -16.04 17.55
CA ASP C 66 -22.63 -16.87 17.39
C ASP C 66 -23.32 -16.52 16.07
N ALA C 67 -23.52 -15.23 15.83
CA ALA C 67 -24.17 -14.78 14.59
C ALA C 67 -23.42 -15.27 13.36
N ARG C 68 -22.10 -15.17 13.39
CA ARG C 68 -21.29 -15.65 12.28
C ARG C 68 -21.56 -17.13 12.00
N TYR C 69 -21.66 -17.93 13.06
CA TYR C 69 -21.82 -19.38 12.88
C TYR C 69 -23.25 -19.88 12.71
N ASP C 70 -24.22 -19.01 12.98
CA ASP C 70 -25.62 -19.37 12.79
C ASP C 70 -25.93 -19.23 11.29
N ASP C 71 -26.08 -20.34 10.58
CA ASP C 71 -26.27 -20.27 9.12
C ASP C 71 -27.63 -19.71 8.70
N ASN C 72 -28.50 -19.47 9.67
CA ASN C 72 -29.79 -18.84 9.42
C ASN C 72 -29.70 -17.33 9.47
N ILE C 73 -28.60 -16.80 10.00
CA ILE C 73 -28.42 -15.36 10.07
C ILE C 73 -27.65 -14.86 8.86
N GLY C 74 -28.13 -13.79 8.24
CA GLY C 74 -27.46 -13.25 7.07
C GLY C 74 -26.91 -11.86 7.32
N VAL C 75 -27.49 -11.17 8.31
CA VAL C 75 -27.12 -9.78 8.62
C VAL C 75 -27.11 -9.56 10.14
N ILE C 76 -26.22 -8.69 10.61
CA ILE C 76 -26.16 -8.34 12.02
C ILE C 76 -26.44 -6.85 12.19
N ILE C 77 -27.27 -6.52 13.17
CA ILE C 77 -27.46 -5.14 13.61
C ILE C 77 -26.73 -4.91 14.93
N LEU C 78 -25.97 -3.82 15.01
CA LEU C 78 -25.39 -3.39 16.29
C LEU C 78 -26.06 -2.10 16.70
N THR C 79 -26.48 -2.00 17.96
CA THR C 79 -27.19 -0.81 18.42
C THR C 79 -27.04 -0.65 19.94
N GLY C 80 -27.54 0.45 20.47
CA GLY C 80 -27.51 0.67 21.91
C GLY C 80 -28.93 0.70 22.46
N ALA C 81 -29.10 0.29 23.71
CA ALA C 81 -30.43 0.29 24.32
C ALA C 81 -30.91 1.72 24.53
N GLY C 82 -32.20 1.98 24.30
CA GLY C 82 -32.77 3.30 24.51
C GLY C 82 -32.61 4.21 23.30
N ASP C 83 -32.99 5.46 23.45
CA ASP C 83 -32.99 6.43 22.36
C ASP C 83 -31.87 7.45 22.50
N LYS C 84 -31.22 7.45 23.65
CA LYS C 84 -30.25 8.51 23.93
C LYS C 84 -28.85 8.23 23.40
N ALA C 85 -28.49 6.97 23.23
CA ALA C 85 -27.13 6.64 22.85
C ALA C 85 -26.99 5.30 22.19
N PHE C 86 -26.17 5.29 21.13
CA PHE C 86 -25.71 4.08 20.49
C PHE C 86 -24.56 3.53 21.34
N CYS C 87 -23.54 4.36 21.56
CA CYS C 87 -22.39 3.98 22.38
C CYS C 87 -21.48 5.21 22.60
N SER C 88 -21.06 5.43 23.84
CA SER C 88 -20.20 6.56 24.17
C SER C 88 -18.72 6.18 24.34
N GLY C 89 -18.35 5.01 23.85
CA GLY C 89 -16.96 4.60 23.84
C GLY C 89 -16.54 3.83 25.09
N GLY C 90 -15.24 3.77 25.34
CA GLY C 90 -14.75 3.09 26.53
C GLY C 90 -15.30 3.70 27.81
N ASP C 91 -15.60 2.85 28.77
CA ASP C 91 -16.08 3.26 30.08
C ASP C 91 -14.92 3.84 30.89
N GLN C 92 -14.89 5.17 30.99
CA GLN C 92 -13.78 5.88 31.63
C GLN C 92 -13.71 5.66 33.13
N LYS C 93 -14.80 5.15 33.70
CA LYS C 93 -14.85 4.87 35.13
C LYS C 93 -13.97 3.67 35.45
N VAL C 94 -13.74 2.78 34.48
CA VAL C 94 -12.87 1.63 34.73
C VAL C 94 -11.55 1.68 33.97
N ARG C 95 -11.25 2.83 33.38
CA ARG C 95 -9.99 3.01 32.66
C ARG C 95 -8.86 3.16 33.66
N GLY C 96 -7.96 2.17 33.68
CA GLY C 96 -6.88 2.14 34.65
C GLY C 96 -5.67 2.96 34.24
N ASP C 97 -4.57 2.79 34.97
CA ASP C 97 -3.37 3.59 34.72
C ASP C 97 -2.26 2.79 34.06
N TYR C 98 -2.44 1.48 33.99
CA TYR C 98 -1.40 0.62 33.46
C TYR C 98 -1.71 0.00 32.09
N GLY C 99 -2.43 0.72 31.25
CA GLY C 99 -2.53 0.36 29.84
C GLY C 99 -3.83 -0.26 29.40
N GLY C 100 -4.93 0.20 30.00
CA GLY C 100 -6.23 -0.27 29.54
C GLY C 100 -7.35 -0.13 30.55
N TYR C 101 -8.42 -0.89 30.32
CA TYR C 101 -9.60 -0.86 31.18
C TYR C 101 -9.58 -2.07 32.08
N LYS C 102 -9.83 -1.87 33.36
CA LYS C 102 -9.77 -2.96 34.33
C LYS C 102 -11.09 -3.71 34.40
N ASP C 103 -11.03 -5.03 34.31
CA ASP C 103 -12.19 -5.86 34.61
C ASP C 103 -12.24 -6.13 36.12
N ASP C 104 -13.21 -6.92 36.56
CA ASP C 104 -13.38 -7.18 37.98
C ASP C 104 -12.23 -7.98 38.61
N SER C 105 -11.40 -8.59 37.77
CA SER C 105 -10.28 -9.35 38.30
CA SER C 105 -10.27 -9.38 38.23
C SER C 105 -8.96 -8.58 38.21
N GLY C 106 -9.05 -7.29 37.86
CA GLY C 106 -7.90 -6.41 37.83
C GLY C 106 -7.04 -6.44 36.57
N VAL C 107 -7.42 -7.27 35.61
CA VAL C 107 -6.71 -7.33 34.34
C VAL C 107 -7.05 -6.10 33.48
N HIS C 108 -6.03 -5.50 32.86
CA HIS C 108 -6.21 -4.34 32.00
C HIS C 108 -6.44 -4.82 30.57
N HIS C 109 -7.52 -4.38 29.94
CA HIS C 109 -7.85 -4.82 28.59
C HIS C 109 -7.97 -3.67 27.60
N LEU C 110 -7.74 -3.99 26.33
CA LEU C 110 -8.11 -3.09 25.25
C LEU C 110 -8.84 -3.92 24.22
N ASN C 111 -9.81 -4.70 24.69
CA ASN C 111 -10.39 -5.74 23.83
C ASN C 111 -11.34 -5.24 22.73
N VAL C 112 -11.60 -3.93 22.69
CA VAL C 112 -12.41 -3.43 21.58
C VAL C 112 -11.65 -3.64 20.27
N LEU C 113 -10.32 -3.69 20.36
CA LEU C 113 -9.50 -3.98 19.19
C LEU C 113 -9.86 -5.34 18.57
N ASP C 114 -10.08 -6.36 19.41
CA ASP C 114 -10.53 -7.67 18.93
C ASP C 114 -11.90 -7.60 18.26
N PHE C 115 -12.80 -6.87 18.89
CA PHE C 115 -14.15 -6.71 18.36
C PHE C 115 -14.14 -6.00 17.00
N GLN C 116 -13.30 -4.96 16.85
CA GLN C 116 -13.16 -4.26 15.56
C GLN C 116 -12.74 -5.24 14.47
N ARG C 117 -11.71 -6.03 14.77
CA ARG C 117 -11.22 -7.04 13.84
CA ARG C 117 -11.23 -7.00 13.81
C ARG C 117 -12.32 -8.02 13.46
N GLN C 118 -13.11 -8.40 14.45
CA GLN C 118 -14.19 -9.37 14.26
C GLN C 118 -15.31 -8.84 13.38
N ILE C 119 -15.67 -7.57 13.54
CA ILE C 119 -16.62 -6.92 12.66
C ILE C 119 -16.07 -6.89 11.24
N ARG C 120 -14.80 -6.52 11.12
CA ARG C 120 -14.13 -6.38 9.83
C ARG C 120 -14.13 -7.69 9.05
N THR C 121 -13.77 -8.79 9.71
CA THR C 121 -13.67 -10.09 9.05
C THR C 121 -14.98 -10.89 9.02
N CYS C 122 -16.04 -10.37 9.63
CA CYS C 122 -17.33 -11.03 9.56
C CYS C 122 -17.81 -11.11 8.10
N PRO C 123 -18.10 -12.33 7.60
CA PRO C 123 -18.52 -12.45 6.19
C PRO C 123 -19.96 -11.99 5.96
N LYS C 124 -20.66 -11.62 7.02
CA LYS C 124 -22.02 -11.12 6.90
C LYS C 124 -22.03 -9.61 7.10
N PRO C 125 -22.90 -8.89 6.38
CA PRO C 125 -22.92 -7.44 6.59
C PRO C 125 -23.32 -7.07 8.03
N VAL C 126 -22.67 -6.05 8.57
CA VAL C 126 -22.98 -5.56 9.91
C VAL C 126 -23.49 -4.13 9.81
N VAL C 127 -24.63 -3.86 10.41
CA VAL C 127 -25.28 -2.56 10.29
C VAL C 127 -25.38 -1.85 11.64
N ALA C 128 -24.82 -0.65 11.73
CA ALA C 128 -24.99 0.18 12.91
C ALA C 128 -26.32 0.91 12.84
N MET C 129 -27.14 0.70 13.87
CA MET C 129 -28.44 1.36 13.99
C MET C 129 -28.28 2.41 15.08
N VAL C 130 -28.15 3.67 14.69
CA VAL C 130 -27.71 4.70 15.61
C VAL C 130 -28.81 5.67 16.04
N ALA C 131 -29.20 5.58 17.30
CA ALA C 131 -30.08 6.57 17.92
C ALA C 131 -29.23 7.36 18.91
N GLY C 132 -29.37 8.68 18.88
CA GLY C 132 -28.60 9.53 19.79
C GLY C 132 -27.10 9.43 19.61
N TYR C 133 -26.37 9.44 20.72
CA TYR C 133 -24.92 9.57 20.69
C TYR C 133 -24.15 8.34 20.21
N SER C 134 -23.31 8.55 19.20
CA SER C 134 -22.29 7.60 18.77
C SER C 134 -20.98 8.37 18.92
N ILE C 135 -20.33 8.20 20.07
CA ILE C 135 -19.23 9.08 20.43
C ILE C 135 -17.96 8.31 20.80
N GLY C 136 -16.80 8.83 20.39
CA GLY C 136 -15.52 8.24 20.76
C GLY C 136 -15.35 6.84 20.24
N GLY C 137 -14.98 5.90 21.11
CA GLY C 137 -14.87 4.51 20.73
C GLY C 137 -16.18 4.00 20.16
N GLY C 138 -17.29 4.58 20.61
CA GLY C 138 -18.59 4.21 20.09
C GLY C 138 -18.76 4.75 18.67
N HIS C 139 -18.06 5.85 18.38
CA HIS C 139 -18.10 6.37 17.03
C HIS C 139 -17.30 5.48 16.08
N VAL C 140 -16.14 4.99 16.53
CA VAL C 140 -15.35 4.09 15.70
C VAL C 140 -16.17 2.85 15.41
N LEU C 141 -16.92 2.36 16.40
CA LEU C 141 -17.70 1.16 16.19
C LEU C 141 -18.75 1.35 15.08
N HIS C 142 -19.44 2.49 15.04
CA HIS C 142 -20.39 2.66 13.94
C HIS C 142 -19.66 2.71 12.59
N MET C 143 -18.51 3.38 12.56
CA MET C 143 -17.73 3.46 11.32
C MET C 143 -17.27 2.08 10.85
N MET C 144 -16.94 1.19 11.80
CA MET C 144 -16.49 -0.17 11.46
C MET C 144 -17.61 -0.96 10.81
N CYS C 145 -18.85 -0.70 11.24
CA CYS C 145 -19.96 -1.44 10.65
C CYS C 145 -20.03 -1.11 9.17
N ASP C 146 -20.45 -2.08 8.36
CA ASP C 146 -20.47 -1.87 6.91
C ASP C 146 -21.33 -0.66 6.52
N LEU C 147 -22.48 -0.52 7.18
CA LEU C 147 -23.46 0.53 6.90
C LEU C 147 -23.91 1.14 8.22
N THR C 148 -24.37 2.39 8.16
CA THR C 148 -24.92 3.05 9.34
C THR C 148 -26.24 3.69 9.00
N ILE C 149 -27.27 3.33 9.75
CA ILE C 149 -28.58 3.93 9.64
C ILE C 149 -28.75 4.82 10.86
N ALA C 150 -28.96 6.11 10.62
CA ALA C 150 -29.00 7.07 11.72
C ALA C 150 -30.38 7.68 11.91
N ALA C 151 -30.83 7.73 13.16
CA ALA C 151 -32.02 8.49 13.51
C ALA C 151 -31.74 9.98 13.38
N ASP C 152 -32.80 10.77 13.23
CA ASP C 152 -32.61 12.22 13.12
C ASP C 152 -32.10 12.85 14.41
N ASN C 153 -32.14 12.11 15.50
CA ASN C 153 -31.56 12.60 16.76
C ASN C 153 -30.12 12.14 16.98
N ALA C 154 -29.55 11.45 15.99
CA ALA C 154 -28.19 10.91 16.15
C ALA C 154 -27.14 12.01 16.22
N ILE C 155 -26.12 11.81 17.05
CA ILE C 155 -25.03 12.75 17.19
CA ILE C 155 -25.03 12.76 17.20
C ILE C 155 -23.71 12.00 17.15
N PHE C 156 -22.78 12.47 16.33
CA PHE C 156 -21.53 11.77 16.07
C PHE C 156 -20.33 12.64 16.42
N GLY C 157 -19.22 12.02 16.79
CA GLY C 157 -17.98 12.75 17.01
C GLY C 157 -16.92 11.93 17.74
N GLN C 158 -15.69 12.41 17.75
CA GLN C 158 -14.63 11.80 18.56
C GLN C 158 -14.32 12.71 19.73
N THR C 159 -13.70 12.19 20.78
CA THR C 159 -13.32 13.01 21.93
C THR C 159 -11.87 12.77 22.39
N GLY C 160 -11.15 11.89 21.69
CA GLY C 160 -9.85 11.44 22.14
C GLY C 160 -8.97 12.55 22.68
N PRO C 161 -8.65 13.54 21.84
CA PRO C 161 -7.80 14.65 22.28
C PRO C 161 -8.35 15.46 23.46
N LYS C 162 -9.64 15.30 23.77
CA LYS C 162 -10.20 15.93 24.96
C LYS C 162 -10.05 15.05 26.18
N VAL C 163 -10.14 13.74 26.02
CA VAL C 163 -10.22 12.85 27.18
C VAL C 163 -8.96 12.01 27.39
N GLY C 164 -7.90 12.35 26.68
CA GLY C 164 -6.64 11.64 26.80
C GLY C 164 -6.64 10.29 26.10
N SER C 165 -7.24 10.22 24.91
CA SER C 165 -7.17 8.98 24.13
C SER C 165 -7.03 9.28 22.64
N PHE C 166 -6.81 8.23 21.86
CA PHE C 166 -6.91 8.33 20.40
C PHE C 166 -6.99 6.93 19.82
N ASP C 167 -7.67 6.82 18.69
CA ASP C 167 -7.66 5.59 17.91
C ASP C 167 -6.96 5.93 16.60
N GLY C 168 -5.69 5.54 16.50
CA GLY C 168 -4.88 5.82 15.33
C GLY C 168 -4.88 4.66 14.34
N GLY C 169 -5.78 3.72 14.56
CA GLY C 169 -5.89 2.55 13.70
C GLY C 169 -7.01 2.76 12.69
N TRP C 170 -8.00 1.86 12.70
CA TRP C 170 -9.12 2.02 11.80
C TRP C 170 -9.93 3.27 12.17
N GLY C 171 -9.75 3.74 13.40
CA GLY C 171 -10.45 4.95 13.83
C GLY C 171 -9.99 6.19 13.10
N ALA C 172 -8.79 6.13 12.50
CA ALA C 172 -8.24 7.26 11.78
C ALA C 172 -8.23 7.00 10.26
N SER C 173 -7.37 6.09 9.85
CA SER C 173 -7.24 5.72 8.44
C SER C 173 -8.60 5.36 7.81
N TYR C 174 -9.36 4.46 8.44
CA TYR C 174 -10.64 4.04 7.85
C TYR C 174 -11.62 5.20 7.81
N MET C 175 -11.61 6.03 8.86
CA MET C 175 -12.43 7.25 8.83
C MET C 175 -12.10 8.11 7.60
N ALA C 176 -10.82 8.29 7.32
CA ALA C 176 -10.44 9.06 6.15
C ALA C 176 -10.98 8.44 4.85
N ARG C 177 -11.14 7.10 4.83
CA ARG C 177 -11.66 6.40 3.64
C ARG C 177 -13.18 6.57 3.49
N ILE C 178 -13.83 7.04 4.55
CA ILE C 178 -15.25 7.33 4.52
C ILE C 178 -15.51 8.82 4.20
N VAL C 179 -14.90 9.72 4.98
CA VAL C 179 -15.19 11.16 4.87
C VAL C 179 -14.11 12.03 4.20
N GLY C 180 -12.97 11.43 3.86
CA GLY C 180 -11.90 12.19 3.24
C GLY C 180 -10.95 12.80 4.27
N GLN C 181 -9.73 13.14 3.87
CA GLN C 181 -8.71 13.55 4.82
C GLN C 181 -8.97 14.88 5.53
N LYS C 182 -9.57 15.86 4.86
CA LYS C 182 -9.82 17.15 5.52
C LYS C 182 -10.82 16.99 6.66
N LYS C 183 -11.91 16.27 6.39
CA LYS C 183 -12.97 16.09 7.38
C LYS C 183 -12.47 15.25 8.54
N ALA C 184 -11.64 14.24 8.23
CA ALA C 184 -11.13 13.32 9.24
C ALA C 184 -10.26 14.07 10.26
N ARG C 185 -9.36 14.91 9.77
CA ARG C 185 -8.54 15.76 10.63
C ARG C 185 -9.36 16.75 11.48
N GLU C 186 -10.42 17.28 10.91
CA GLU C 186 -11.32 18.16 11.63
C GLU C 186 -12.02 17.41 12.76
N ILE C 187 -12.60 16.26 12.41
CA ILE C 187 -13.32 15.45 13.39
C ILE C 187 -12.41 15.13 14.59
N TRP C 188 -11.22 14.61 14.30
CA TRP C 188 -10.28 14.20 15.35
C TRP C 188 -9.65 15.38 16.10
N PHE C 189 -9.24 16.42 15.39
CA PHE C 189 -8.48 17.52 16.02
C PHE C 189 -9.35 18.42 16.89
N LEU C 190 -10.59 18.70 16.46
CA LEU C 190 -11.45 19.62 17.23
C LEU C 190 -12.40 18.91 18.20
N CYS C 191 -12.76 17.66 17.92
CA CYS C 191 -13.66 16.93 18.80
C CYS C 191 -15.01 17.63 18.97
N ARG C 192 -15.51 18.22 17.89
CA ARG C 192 -16.88 18.72 17.87
C ARG C 192 -17.88 17.58 17.78
N GLN C 193 -19.15 17.90 17.99
CA GLN C 193 -20.22 16.96 17.71
C GLN C 193 -20.89 17.33 16.40
N TYR C 194 -21.42 16.34 15.70
CA TYR C 194 -22.06 16.54 14.39
C TYR C 194 -23.44 15.92 14.43
N ASP C 195 -24.45 16.67 13.98
CA ASP C 195 -25.81 16.12 13.93
C ASP C 195 -25.99 15.19 12.72
N ALA C 196 -27.16 14.59 12.60
CA ALA C 196 -27.38 13.55 11.60
C ALA C 196 -27.23 14.10 10.17
N LYS C 197 -27.66 15.32 9.96
CA LYS C 197 -27.60 15.92 8.64
C LYS C 197 -26.14 16.17 8.25
N GLN C 198 -25.37 16.68 9.20
CA GLN C 198 -23.94 16.87 8.96
C GLN C 198 -23.28 15.56 8.61
N ALA C 199 -23.60 14.53 9.39
CA ALA C 199 -23.06 13.20 9.14
C ALA C 199 -23.44 12.70 7.74
N LEU C 200 -24.71 12.83 7.40
CA LEU C 200 -25.19 12.43 6.08
C LEU C 200 -24.45 13.19 4.98
N ASP C 201 -24.39 14.51 5.14
CA ASP C 201 -23.74 15.36 4.15
C ASP C 201 -22.27 14.99 3.93
N MET C 202 -21.58 14.52 4.96
CA MET C 202 -20.16 14.20 4.78
C MET C 202 -19.90 12.75 4.39
N GLY C 203 -20.98 11.97 4.25
CA GLY C 203 -20.88 10.60 3.79
C GLY C 203 -20.56 9.61 4.91
N LEU C 204 -20.73 10.09 6.14
CA LEU C 204 -20.37 9.32 7.33
C LEU C 204 -21.41 8.25 7.69
N VAL C 205 -22.68 8.51 7.36
CA VAL C 205 -23.75 7.52 7.56
C VAL C 205 -24.49 7.37 6.24
N ASN C 206 -25.22 6.26 6.08
CA ASN C 206 -25.84 5.95 4.79
C ASN C 206 -27.17 6.63 4.56
N THR C 207 -27.95 6.76 5.62
CA THR C 207 -29.20 7.48 5.54
C THR C 207 -29.61 7.97 6.92
N VAL C 208 -30.48 8.97 6.93
CA VAL C 208 -31.05 9.50 8.16
C VAL C 208 -32.55 9.33 8.06
N VAL C 209 -33.15 8.80 9.12
CA VAL C 209 -34.58 8.57 9.16
C VAL C 209 -35.14 9.11 10.48
N PRO C 210 -36.46 9.36 10.54
CA PRO C 210 -37.09 9.80 11.80
C PRO C 210 -36.84 8.76 12.90
N LEU C 211 -36.53 9.20 14.11
CA LEU C 211 -36.25 8.29 15.23
C LEU C 211 -37.29 7.17 15.34
N ALA C 212 -38.56 7.54 15.19
CA ALA C 212 -39.66 6.59 15.33
C ALA C 212 -39.54 5.42 14.35
N ASP C 213 -38.96 5.67 13.19
CA ASP C 213 -38.88 4.65 12.15
C ASP C 213 -37.51 3.99 12.07
N LEU C 214 -36.66 4.22 13.06
CA LEU C 214 -35.30 3.73 13.01
C LEU C 214 -35.20 2.21 12.78
N GLU C 215 -35.88 1.42 13.59
CA GLU C 215 -35.78 -0.03 13.42
C GLU C 215 -36.50 -0.49 12.16
N LYS C 216 -37.64 0.15 11.89
CA LYS C 216 -38.41 -0.13 10.68
C LYS C 216 -37.53 0.02 9.43
N GLU C 217 -36.86 1.16 9.31
CA GLU C 217 -36.01 1.39 8.14
C GLU C 217 -34.75 0.51 8.15
N THR C 218 -34.18 0.28 9.33
CA THR C 218 -32.98 -0.55 9.44
C THR C 218 -33.33 -1.97 9.01
N VAL C 219 -34.46 -2.47 9.49
CA VAL C 219 -34.89 -3.81 9.12
C VAL C 219 -35.17 -3.93 7.62
N ARG C 220 -35.72 -2.88 7.00
CA ARG C 220 -35.88 -2.90 5.55
C ARG C 220 -34.53 -3.07 4.84
N TRP C 221 -33.54 -2.28 5.25
CA TRP C 221 -32.21 -2.35 4.64
C TRP C 221 -31.61 -3.76 4.80
N CYS C 222 -31.77 -4.35 5.98
CA CYS C 222 -31.28 -5.71 6.20
C CYS C 222 -31.99 -6.69 5.27
N ARG C 223 -33.31 -6.55 5.18
CA ARG C 223 -34.08 -7.45 4.34
C ARG C 223 -33.69 -7.34 2.86
N GLU C 224 -33.33 -6.13 2.42
CA GLU C 224 -32.88 -5.98 1.04
C GLU C 224 -31.61 -6.81 0.80
N MET C 225 -30.70 -6.81 1.79
CA MET C 225 -29.46 -7.58 1.66
C MET C 225 -29.73 -9.07 1.79
N LEU C 226 -30.73 -9.44 2.60
CA LEU C 226 -31.09 -10.85 2.77
C LEU C 226 -31.70 -11.47 1.50
N GLN C 227 -32.14 -10.63 0.56
CA GLN C 227 -32.64 -11.12 -0.73
C GLN C 227 -31.50 -11.46 -1.68
N ASN C 228 -30.31 -10.99 -1.35
CA ASN C 228 -29.16 -11.12 -2.26
C ASN C 228 -28.27 -12.32 -1.92
N SER C 229 -27.31 -12.57 -2.79
CA SER C 229 -26.41 -13.71 -2.70
C SER C 229 -25.41 -13.58 -1.56
N PRO C 230 -25.50 -14.45 -0.54
CA PRO C 230 -24.55 -14.35 0.58
C PRO C 230 -23.11 -14.50 0.12
N MET C 231 -22.87 -15.34 -0.88
CA MET C 231 -21.51 -15.50 -1.40
C MET C 231 -21.01 -14.19 -2.02
N ALA C 232 -21.82 -13.55 -2.86
CA ALA C 232 -21.41 -12.28 -3.46
C ALA C 232 -21.14 -11.25 -2.37
N LEU C 233 -21.98 -11.21 -1.35
CA LEU C 233 -21.84 -10.22 -0.29
C LEU C 233 -20.51 -10.38 0.45
N ARG C 234 -20.15 -11.62 0.78
CA ARG C 234 -18.93 -11.84 1.55
C ARG C 234 -17.70 -11.55 0.72
N CYS C 235 -17.78 -11.86 -0.58
CA CYS C 235 -16.68 -11.59 -1.51
C CYS C 235 -16.46 -10.09 -1.68
N LEU C 236 -17.56 -9.36 -1.80
CA LEU C 236 -17.50 -7.92 -1.94
C LEU C 236 -16.99 -7.24 -0.67
N LYS C 237 -17.42 -7.73 0.49
CA LYS C 237 -16.96 -7.17 1.75
C LYS C 237 -15.44 -7.34 1.87
N ALA C 238 -14.96 -8.54 1.54
CA ALA C 238 -13.53 -8.81 1.58
C ALA C 238 -12.78 -7.91 0.60
N ALA C 239 -13.34 -7.75 -0.60
CA ALA C 239 -12.72 -6.92 -1.63
C ALA C 239 -12.61 -5.46 -1.19
N LEU C 240 -13.64 -4.98 -0.49
CA LEU C 240 -13.66 -3.60 -0.02
C LEU C 240 -12.69 -3.40 1.14
N ASN C 241 -12.64 -4.37 2.07
CA ASN C 241 -11.61 -4.40 3.11
C ASN C 241 -10.23 -4.43 2.47
N ALA C 242 -10.12 -5.14 1.36
CA ALA C 242 -8.84 -5.32 0.69
C ALA C 242 -8.24 -4.01 0.16
N ASP C 243 -9.06 -2.99 -0.07
CA ASP C 243 -8.54 -1.70 -0.53
C ASP C 243 -7.85 -0.98 0.63
N CYS C 244 -8.05 -1.49 1.85
CA CYS C 244 -7.52 -0.85 3.08
C CYS C 244 -6.45 -1.66 3.83
N ASP C 245 -6.63 -2.98 3.87
CA ASP C 245 -5.97 -3.83 4.85
C ASP C 245 -4.78 -4.65 4.33
N GLY C 246 -4.14 -4.21 3.24
CA GLY C 246 -2.99 -4.91 2.70
C GLY C 246 -3.12 -6.43 2.67
N GLN C 247 -2.11 -7.14 3.18
CA GLN C 247 -2.11 -8.60 3.15
C GLN C 247 -3.24 -9.22 3.98
N ALA C 248 -3.64 -8.53 5.05
CA ALA C 248 -4.77 -9.01 5.85
C ALA C 248 -6.02 -8.99 4.98
N GLY C 249 -6.11 -8.00 4.10
CA GLY C 249 -7.25 -7.93 3.19
C GLY C 249 -7.14 -9.00 2.12
N LEU C 250 -5.91 -9.23 1.63
CA LEU C 250 -5.69 -10.29 0.65
C LEU C 250 -6.07 -11.62 1.26
N GLN C 251 -5.81 -11.78 2.55
CA GLN C 251 -6.15 -13.03 3.23
C GLN C 251 -7.65 -13.30 3.12
N GLU C 252 -8.45 -12.27 3.39
CA GLU C 252 -9.89 -12.40 3.30
C GLU C 252 -10.33 -12.65 1.85
N LEU C 253 -9.82 -11.85 0.92
CA LEU C 253 -10.26 -11.96 -0.47
C LEU C 253 -9.84 -13.32 -1.06
N ALA C 254 -8.56 -13.67 -0.94
CA ALA C 254 -8.09 -14.96 -1.45
C ALA C 254 -8.76 -16.12 -0.73
N GLY C 255 -9.08 -15.93 0.55
CA GLY C 255 -9.71 -17.00 1.32
C GLY C 255 -11.03 -17.39 0.70
N ASN C 256 -11.80 -16.40 0.29
CA ASN C 256 -13.08 -16.66 -0.39
C ASN C 256 -12.87 -17.31 -1.75
N ALA C 257 -11.81 -16.92 -2.46
CA ALA C 257 -11.46 -17.58 -3.71
C ALA C 257 -11.16 -19.07 -3.50
N THR C 258 -10.47 -19.38 -2.40
CA THR C 258 -10.19 -20.77 -2.06
C THR C 258 -11.50 -21.53 -1.83
N MET C 259 -12.41 -20.91 -1.10
CA MET C 259 -13.69 -21.55 -0.81
C MET C 259 -14.41 -21.90 -2.11
N LEU C 260 -14.43 -20.93 -3.03
CA LEU C 260 -15.07 -21.11 -4.31
C LEU C 260 -14.41 -22.25 -5.11
N PHE C 261 -13.08 -22.22 -5.14
CA PHE C 261 -12.29 -23.22 -5.87
C PHE C 261 -12.55 -24.63 -5.31
N TYR C 262 -12.76 -24.73 -3.99
CA TYR C 262 -13.07 -26.02 -3.40
C TYR C 262 -14.41 -26.55 -3.90
N MET C 263 -15.27 -25.65 -4.38
CA MET C 263 -16.58 -26.03 -4.91
C MET C 263 -16.58 -26.44 -6.38
N THR C 264 -15.43 -26.33 -7.04
CA THR C 264 -15.34 -26.71 -8.44
C THR C 264 -14.79 -28.13 -8.64
N GLU C 265 -15.05 -28.71 -9.80
CA GLU C 265 -14.58 -30.05 -10.11
C GLU C 265 -13.06 -30.09 -10.20
N GLU C 266 -12.47 -29.04 -10.73
CA GLU C 266 -11.00 -28.99 -10.83
C GLU C 266 -10.35 -29.05 -9.45
N GLY C 267 -10.83 -28.23 -8.53
CA GLY C 267 -10.32 -28.27 -7.16
C GLY C 267 -10.53 -29.63 -6.52
N GLN C 268 -11.75 -30.15 -6.66
CA GLN C 268 -12.11 -31.44 -6.07
C GLN C 268 -11.29 -32.59 -6.62
N GLU C 269 -10.88 -32.49 -7.88
CA GLU C 269 -10.03 -33.52 -8.49
C GLU C 269 -8.69 -33.62 -7.78
N GLY C 270 -8.13 -32.49 -7.36
CA GLY C 270 -6.90 -32.49 -6.58
C GLY C 270 -7.08 -33.26 -5.28
N ARG C 271 -8.20 -33.04 -4.62
CA ARG C 271 -8.48 -33.74 -3.36
C ARG C 271 -8.72 -35.23 -3.58
N ASN C 272 -9.56 -35.55 -4.57
CA ASN C 272 -9.86 -36.95 -4.85
C ASN C 272 -8.62 -37.75 -5.17
N ALA C 273 -7.75 -37.20 -6.01
CA ALA C 273 -6.52 -37.88 -6.40
C ALA C 273 -5.63 -38.16 -5.19
N PHE C 274 -5.52 -37.18 -4.28
CA PHE C 274 -4.73 -37.43 -3.09
C PHE C 274 -5.33 -38.55 -2.24
N ASN C 275 -6.65 -38.48 -2.04
CA ASN C 275 -7.34 -39.47 -1.22
C ASN C 275 -7.33 -40.86 -1.86
N GLN C 276 -7.29 -40.89 -3.19
CA GLN C 276 -7.29 -42.16 -3.93
C GLN C 276 -5.88 -42.61 -4.28
N LYS C 277 -4.88 -41.89 -3.76
CA LYS C 277 -3.48 -42.28 -3.95
C LYS C 277 -3.15 -42.50 -5.43
N ARG C 278 -3.40 -41.46 -6.22
CA ARG C 278 -3.11 -41.46 -7.64
C ARG C 278 -2.72 -40.06 -8.05
N GLN C 279 -2.13 -39.91 -9.24
CA GLN C 279 -1.80 -38.59 -9.76
C GLN C 279 -3.08 -37.86 -10.14
N PRO C 280 -3.09 -36.53 -9.98
CA PRO C 280 -4.26 -35.77 -10.44
C PRO C 280 -4.24 -35.71 -11.94
N ASP C 281 -5.41 -35.56 -12.55
CA ASP C 281 -5.50 -35.37 -13.98
C ASP C 281 -6.34 -34.12 -14.23
N PHE C 282 -5.65 -33.00 -14.43
CA PHE C 282 -6.31 -31.72 -14.60
C PHE C 282 -6.60 -31.42 -16.09
N SER C 283 -6.32 -32.38 -16.96
CA SER C 283 -6.48 -32.17 -18.40
C SER C 283 -7.93 -32.05 -18.84
N LYS C 284 -8.85 -32.62 -18.07
CA LYS C 284 -10.27 -32.55 -18.43
C LYS C 284 -10.85 -31.16 -18.21
N PHE C 285 -10.10 -30.29 -17.55
CA PHE C 285 -10.59 -28.94 -17.27
C PHE C 285 -9.98 -27.91 -18.19
N LYS C 286 -10.80 -27.36 -19.07
CA LYS C 286 -10.31 -26.44 -20.08
C LYS C 286 -9.71 -25.18 -19.46
N ARG C 287 -8.60 -24.73 -20.04
CA ARG C 287 -8.00 -23.47 -19.65
C ARG C 287 -8.76 -22.28 -20.24
N ASN C 288 -9.33 -21.45 -19.38
CA ASN C 288 -9.92 -20.20 -19.83
C ASN C 288 -8.82 -19.19 -20.18
N PRO C 289 -9.14 -18.23 -21.06
CA PRO C 289 -8.20 -17.16 -21.42
C PRO C 289 -7.82 -16.32 -20.21
N ASP D 9 24.73 -16.18 28.37
CA ASP D 9 24.87 -17.12 29.49
C ASP D 9 24.34 -18.51 29.14
N GLU D 10 25.19 -19.33 28.53
CA GLU D 10 24.74 -20.62 28.01
C GLU D 10 24.21 -21.57 29.08
N ALA D 11 24.70 -21.46 30.30
CA ALA D 11 24.19 -22.29 31.37
C ALA D 11 22.70 -22.05 31.59
N MET D 12 22.30 -20.78 31.56
CA MET D 12 20.88 -20.43 31.68
C MET D 12 20.13 -20.86 30.42
N LEU D 13 20.68 -20.52 29.26
CA LEU D 13 20.01 -20.75 27.99
C LEU D 13 19.75 -22.23 27.71
N TYR D 14 20.67 -23.09 28.15
CA TYR D 14 20.57 -24.52 27.87
C TYR D 14 20.17 -25.33 29.10
N ALA D 15 19.69 -24.65 30.13
CA ALA D 15 19.17 -25.35 31.30
C ALA D 15 18.05 -26.29 30.85
N PRO D 16 17.87 -27.41 31.56
CA PRO D 16 16.78 -28.30 31.19
C PRO D 16 15.46 -27.52 31.24
N VAL D 17 14.48 -27.97 30.46
CA VAL D 17 13.18 -27.33 30.45
C VAL D 17 12.19 -28.26 31.11
N GLU D 18 11.26 -27.69 31.87
CA GLU D 18 10.32 -28.49 32.63
C GLU D 18 8.90 -28.16 32.19
N TRP D 19 8.32 -29.05 31.39
CA TRP D 19 7.00 -28.85 30.81
C TRP D 19 5.88 -29.37 31.71
N HIS D 20 4.90 -28.52 31.97
CA HIS D 20 3.70 -28.92 32.67
C HIS D 20 2.51 -28.90 31.73
N ASP D 21 1.68 -29.93 31.81
CA ASP D 21 0.58 -30.09 30.86
C ASP D 21 -0.64 -29.22 31.17
N CYS D 22 -1.21 -28.63 30.12
CA CYS D 22 -2.46 -27.88 30.21
C CYS D 22 -3.40 -28.34 29.08
N SER D 23 -3.39 -29.64 28.78
CA SER D 23 -4.15 -30.15 27.63
C SER D 23 -5.60 -30.52 27.96
N GLU D 24 -6.05 -30.24 29.18
CA GLU D 24 -7.38 -30.66 29.60
C GLU D 24 -8.44 -30.32 28.55
N GLY D 25 -9.16 -31.33 28.07
CA GLY D 25 -10.24 -31.12 27.12
C GLY D 25 -9.85 -31.10 25.64
N PHE D 26 -8.57 -31.25 25.33
CA PHE D 26 -8.15 -31.25 23.93
C PHE D 26 -8.03 -32.70 23.43
N GLU D 27 -8.53 -32.94 22.22
CA GLU D 27 -8.47 -34.26 21.61
C GLU D 27 -7.41 -34.36 20.52
N ASP D 28 -7.13 -33.26 19.84
CA ASP D 28 -6.25 -33.27 18.67
C ASP D 28 -4.86 -32.64 18.91
N ILE D 29 -4.71 -31.95 20.02
CA ILE D 29 -3.46 -31.25 20.32
C ILE D 29 -3.01 -31.43 21.77
N ARG D 30 -1.73 -31.15 22.01
CA ARG D 30 -1.19 -31.05 23.37
CA ARG D 30 -1.24 -31.04 23.38
C ARG D 30 -0.88 -29.58 23.63
N TYR D 31 -1.04 -29.13 24.88
CA TYR D 31 -0.77 -27.74 25.24
C TYR D 31 -0.07 -27.76 26.59
N GLU D 32 1.14 -27.20 26.62
CA GLU D 32 2.01 -27.31 27.80
C GLU D 32 2.69 -25.96 28.08
N LYS D 33 3.12 -25.77 29.32
CA LYS D 33 3.79 -24.54 29.72
C LYS D 33 5.04 -24.89 30.51
N SER D 34 6.14 -24.21 30.21
CA SER D 34 7.37 -24.42 30.94
C SER D 34 7.27 -23.56 32.19
N THR D 35 8.18 -23.76 33.14
CA THR D 35 8.18 -22.98 34.36
C THR D 35 8.78 -21.58 34.15
N ASP D 36 9.37 -21.33 32.99
CA ASP D 36 9.99 -20.03 32.75
C ASP D 36 9.37 -19.19 31.64
N GLY D 37 8.10 -19.44 31.33
CA GLY D 37 7.32 -18.51 30.52
C GLY D 37 7.15 -18.87 29.05
N ILE D 38 7.39 -20.13 28.70
CA ILE D 38 7.17 -20.59 27.33
C ILE D 38 5.93 -21.46 27.28
N ALA D 39 5.03 -21.16 26.35
CA ALA D 39 3.90 -22.07 26.11
C ALA D 39 4.17 -22.86 24.84
N LYS D 40 3.73 -24.12 24.79
CA LYS D 40 3.96 -24.95 23.61
C LYS D 40 2.68 -25.62 23.15
N ILE D 41 2.29 -25.31 21.92
CA ILE D 41 1.15 -25.94 21.26
C ILE D 41 1.67 -26.99 20.30
N THR D 42 1.22 -28.23 20.51
CA THR D 42 1.67 -29.37 19.72
C THR D 42 0.50 -30.04 19.01
N ILE D 43 0.51 -30.02 17.68
CA ILE D 43 -0.49 -30.75 16.91
C ILE D 43 -0.26 -32.23 17.16
N ASN D 44 -1.30 -32.95 17.56
CA ASN D 44 -1.10 -34.32 18.03
C ASN D 44 -1.89 -35.34 17.21
N ARG D 45 -1.68 -35.35 15.90
CA ARG D 45 -2.29 -36.34 15.00
C ARG D 45 -1.21 -36.93 14.11
N PRO D 46 -0.19 -37.56 14.72
CA PRO D 46 1.00 -37.93 13.96
C PRO D 46 0.71 -39.03 12.96
N GLN D 47 -0.36 -39.78 13.18
CA GLN D 47 -0.76 -40.82 12.24
C GLN D 47 -1.16 -40.25 10.87
N VAL D 48 -1.56 -38.98 10.84
CA VAL D 48 -1.85 -38.35 9.54
C VAL D 48 -0.87 -37.20 9.27
N ARG D 49 0.35 -37.36 9.75
CA ARG D 49 1.39 -36.34 9.61
C ARG D 49 0.94 -34.98 10.15
N ASN D 50 0.16 -35.02 11.23
CA ASN D 50 -0.30 -33.81 11.91
C ASN D 50 -1.08 -32.84 10.99
N ALA D 51 -1.87 -33.42 10.10
CA ALA D 51 -2.85 -32.67 9.33
C ALA D 51 -3.92 -32.14 10.28
N PHE D 52 -4.41 -30.93 10.06
CA PHE D 52 -5.48 -30.40 10.91
C PHE D 52 -6.87 -30.61 10.31
N ARG D 53 -7.81 -30.99 11.17
CA ARG D 53 -9.23 -30.95 10.82
C ARG D 53 -9.80 -29.77 11.57
N PRO D 54 -11.08 -29.42 11.32
CA PRO D 54 -11.62 -28.21 11.95
C PRO D 54 -11.45 -28.25 13.47
N LEU D 55 -11.69 -29.39 14.10
CA LEU D 55 -11.54 -29.48 15.55
C LEU D 55 -10.11 -29.14 15.99
N THR D 56 -9.13 -29.60 15.22
CA THR D 56 -7.72 -29.32 15.54
C THR D 56 -7.46 -27.82 15.62
N VAL D 57 -7.94 -27.10 14.62
CA VAL D 57 -7.69 -25.67 14.51
C VAL D 57 -8.38 -24.94 15.65
N LYS D 58 -9.60 -25.37 15.95
CA LYS D 58 -10.38 -24.78 17.03
C LYS D 58 -9.64 -24.92 18.35
N GLU D 59 -9.03 -26.09 18.56
CA GLU D 59 -8.27 -26.34 19.77
C GLU D 59 -7.01 -25.47 19.79
N MET D 60 -6.34 -25.35 18.65
CA MET D 60 -5.17 -24.49 18.57
C MET D 60 -5.51 -23.03 18.86
N ILE D 61 -6.67 -22.60 18.39
CA ILE D 61 -7.16 -21.25 18.67
C ILE D 61 -7.39 -21.05 20.16
N GLN D 62 -8.03 -22.03 20.81
CA GLN D 62 -8.26 -21.96 22.25
C GLN D 62 -6.96 -21.91 23.04
N ALA D 63 -5.99 -22.71 22.61
CA ALA D 63 -4.70 -22.78 23.31
C ALA D 63 -3.95 -21.45 23.16
N LEU D 64 -3.94 -20.91 21.94
CA LEU D 64 -3.25 -19.66 21.68
C LEU D 64 -3.92 -18.52 22.44
N ALA D 65 -5.24 -18.56 22.54
CA ALA D 65 -5.96 -17.54 23.31
C ALA D 65 -5.55 -17.62 24.78
N ASP D 66 -5.39 -18.84 25.28
CA ASP D 66 -4.96 -19.02 26.67
C ASP D 66 -3.56 -18.41 26.89
N ALA D 67 -2.64 -18.71 25.97
CA ALA D 67 -1.26 -18.25 26.07
C ALA D 67 -1.20 -16.73 26.03
N ARG D 68 -2.05 -16.15 25.19
CA ARG D 68 -2.11 -14.70 25.05
C ARG D 68 -2.52 -14.07 26.37
N TYR D 69 -3.48 -14.70 27.03
CA TYR D 69 -4.01 -14.15 28.27
C TYR D 69 -3.25 -14.53 29.54
N ASP D 70 -2.32 -15.46 29.43
CA ASP D 70 -1.53 -15.85 30.60
C ASP D 70 -0.31 -14.92 30.71
N ASP D 71 -0.32 -13.97 31.64
CA ASP D 71 0.78 -12.99 31.69
C ASP D 71 2.13 -13.58 32.08
N ASN D 72 2.14 -14.83 32.55
CA ASN D 72 3.41 -15.47 32.83
C ASN D 72 4.03 -16.13 31.61
N ILE D 73 3.28 -16.15 30.50
CA ILE D 73 3.83 -16.64 29.23
C ILE D 73 4.32 -15.45 28.41
N GLY D 74 5.55 -15.52 27.89
CA GLY D 74 6.09 -14.47 27.05
C GLY D 74 6.33 -14.89 25.60
N VAL D 75 6.40 -16.20 25.36
CA VAL D 75 6.69 -16.72 24.04
C VAL D 75 5.91 -18.02 23.82
N ILE D 76 5.42 -18.24 22.60
CA ILE D 76 4.72 -19.47 22.25
C ILE D 76 5.47 -20.28 21.20
N ILE D 77 5.59 -21.59 21.44
CA ILE D 77 6.10 -22.52 20.44
C ILE D 77 4.94 -23.25 19.77
N LEU D 78 4.99 -23.32 18.43
CA LEU D 78 4.07 -24.16 17.67
C LEU D 78 4.89 -25.32 17.11
N THR D 79 4.39 -26.54 17.25
CA THR D 79 5.14 -27.69 16.74
C THR D 79 4.20 -28.88 16.46
N GLY D 80 4.74 -29.95 15.90
CA GLY D 80 3.96 -31.17 15.72
C GLY D 80 4.52 -32.33 16.53
N ALA D 81 3.66 -33.28 16.89
CA ALA D 81 4.10 -34.46 17.64
C ALA D 81 4.97 -35.38 16.76
N GLY D 82 6.03 -35.91 17.36
CA GLY D 82 6.91 -36.84 16.65
C GLY D 82 7.94 -36.14 15.79
N ASP D 83 8.82 -36.92 15.17
CA ASP D 83 9.94 -36.39 14.41
C ASP D 83 9.63 -36.27 12.94
N LYS D 84 8.53 -36.87 12.50
CA LYS D 84 8.28 -37.00 11.06
C LYS D 84 7.54 -35.81 10.44
N ALA D 85 6.83 -35.04 11.26
CA ALA D 85 6.03 -33.96 10.71
C ALA D 85 5.65 -32.89 11.72
N PHE D 86 5.77 -31.65 11.28
CA PHE D 86 5.29 -30.45 11.97
C PHE D 86 3.79 -30.38 11.69
N CYS D 87 3.43 -30.44 10.40
CA CYS D 87 2.05 -30.33 9.95
C CYS D 87 1.98 -30.49 8.43
N SER D 88 1.08 -31.35 7.96
CA SER D 88 0.89 -31.62 6.53
C SER D 88 -0.31 -30.87 5.94
N GLY D 89 -0.81 -29.88 6.68
CA GLY D 89 -1.87 -29.03 6.15
C GLY D 89 -3.28 -29.52 6.48
N GLY D 90 -4.25 -29.05 5.71
CA GLY D 90 -5.62 -29.46 5.90
C GLY D 90 -5.79 -30.94 5.68
N ASP D 91 -6.60 -31.56 6.51
CA ASP D 91 -6.83 -33.00 6.43
C ASP D 91 -7.74 -33.32 5.25
N GLN D 92 -7.18 -33.87 4.18
CA GLN D 92 -7.94 -34.04 2.94
C GLN D 92 -9.06 -35.07 3.05
N LYS D 93 -9.01 -35.86 4.11
CA LYS D 93 -10.01 -36.90 4.34
C LYS D 93 -11.35 -36.29 4.72
N VAL D 94 -11.33 -35.12 5.35
CA VAL D 94 -12.58 -34.49 5.76
C VAL D 94 -12.90 -33.24 4.94
N ARG D 95 -12.15 -33.05 3.86
CA ARG D 95 -12.37 -31.88 3.02
C ARG D 95 -13.61 -32.12 2.17
N GLY D 96 -14.62 -31.26 2.33
CA GLY D 96 -15.89 -31.48 1.68
C GLY D 96 -15.96 -30.75 0.35
N ASP D 97 -17.05 -30.99 -0.38
CA ASP D 97 -17.29 -30.32 -1.66
C ASP D 97 -17.72 -28.87 -1.44
N TYR D 98 -18.43 -28.61 -0.35
CA TYR D 98 -19.03 -27.29 -0.15
C TYR D 98 -18.11 -26.27 0.54
N GLY D 99 -16.95 -26.04 -0.06
CA GLY D 99 -16.12 -24.89 0.30
C GLY D 99 -15.43 -24.94 1.65
N GLY D 100 -15.11 -26.14 2.12
CA GLY D 100 -14.36 -26.24 3.36
C GLY D 100 -14.22 -27.65 3.90
N TYR D 101 -13.69 -27.77 5.12
CA TYR D 101 -13.54 -29.08 5.78
C TYR D 101 -14.72 -29.35 6.73
N LYS D 102 -15.30 -30.55 6.65
CA LYS D 102 -16.49 -30.86 7.43
C LYS D 102 -16.15 -31.27 8.85
N ASP D 103 -16.87 -30.71 9.81
CA ASP D 103 -16.78 -31.20 11.18
C ASP D 103 -17.80 -32.33 11.34
N ASP D 104 -17.94 -32.85 12.55
CA ASP D 104 -18.85 -33.96 12.80
C ASP D 104 -20.31 -33.54 12.63
N SER D 105 -20.57 -32.23 12.68
CA SER D 105 -21.93 -31.73 12.52
C SER D 105 -22.26 -31.41 11.06
N GLY D 106 -21.31 -31.66 10.16
CA GLY D 106 -21.52 -31.41 8.75
C GLY D 106 -21.19 -29.99 8.28
N VAL D 107 -20.81 -29.11 9.19
CA VAL D 107 -20.49 -27.72 8.80
C VAL D 107 -19.16 -27.66 8.05
N HIS D 108 -19.09 -26.87 6.98
CA HIS D 108 -17.85 -26.71 6.20
C HIS D 108 -17.02 -25.51 6.66
N HIS D 109 -15.80 -25.79 7.13
CA HIS D 109 -14.94 -24.77 7.75
C HIS D 109 -13.68 -24.45 6.96
N LEU D 110 -13.21 -23.21 7.10
CA LEU D 110 -11.86 -22.84 6.70
C LEU D 110 -11.22 -22.09 7.86
N ASN D 111 -11.33 -22.66 9.05
CA ASN D 111 -10.97 -21.95 10.26
C ASN D 111 -9.47 -21.72 10.49
N VAL D 112 -8.62 -22.33 9.67
CA VAL D 112 -7.19 -22.03 9.78
C VAL D 112 -6.93 -20.53 9.50
N LEU D 113 -7.84 -19.92 8.74
CA LEU D 113 -7.78 -18.48 8.48
C LEU D 113 -7.91 -17.67 9.77
N ASP D 114 -8.77 -18.13 10.68
CA ASP D 114 -8.84 -17.47 11.99
C ASP D 114 -7.54 -17.64 12.76
N PHE D 115 -7.03 -18.87 12.81
CA PHE D 115 -5.76 -19.16 13.47
C PHE D 115 -4.62 -18.31 12.90
N GLN D 116 -4.54 -18.20 11.57
CA GLN D 116 -3.53 -17.34 10.93
C GLN D 116 -3.56 -15.91 11.48
N ARG D 117 -4.74 -15.31 11.52
CA ARG D 117 -4.92 -13.95 12.04
CA ARG D 117 -4.86 -13.94 12.02
C ARG D 117 -4.52 -13.85 13.51
N GLN D 118 -4.85 -14.90 14.26
CA GLN D 118 -4.59 -14.93 15.69
C GLN D 118 -3.08 -15.00 15.99
N ILE D 119 -2.36 -15.76 15.20
CA ILE D 119 -0.90 -15.78 15.31
C ILE D 119 -0.34 -14.39 14.97
N ARG D 120 -0.82 -13.85 13.86
CA ARG D 120 -0.39 -12.52 13.39
C ARG D 120 -0.55 -11.44 14.46
N THR D 121 -1.73 -11.40 15.08
CA THR D 121 -2.06 -10.33 16.03
C THR D 121 -1.66 -10.68 17.47
N CYS D 122 -1.04 -11.83 17.66
CA CYS D 122 -0.58 -12.21 18.99
C CYS D 122 0.56 -11.28 19.42
N PRO D 123 0.43 -10.63 20.59
CA PRO D 123 1.44 -9.67 21.05
C PRO D 123 2.76 -10.34 21.47
N LYS D 124 2.74 -11.66 21.56
CA LYS D 124 3.93 -12.38 21.99
C LYS D 124 4.53 -13.10 20.81
N PRO D 125 5.87 -13.22 20.81
CA PRO D 125 6.50 -13.96 19.72
C PRO D 125 6.02 -15.41 19.66
N VAL D 126 5.75 -15.88 18.44
CA VAL D 126 5.37 -17.26 18.18
C VAL D 126 6.47 -17.92 17.34
N VAL D 127 6.99 -19.05 17.81
CA VAL D 127 8.11 -19.73 17.17
C VAL D 127 7.67 -21.10 16.65
N ALA D 128 7.87 -21.34 15.37
CA ALA D 128 7.61 -22.66 14.80
C ALA D 128 8.84 -23.53 15.01
N MET D 129 8.64 -24.66 15.67
CA MET D 129 9.70 -25.65 15.88
C MET D 129 9.43 -26.82 14.94
N VAL D 130 10.21 -26.91 13.87
CA VAL D 130 9.85 -27.78 12.76
C VAL D 130 10.74 -29.01 12.68
N ALA D 131 10.16 -30.18 12.95
CA ALA D 131 10.83 -31.44 12.66
C ALA D 131 10.10 -32.09 11.51
N GLY D 132 10.85 -32.61 10.55
CA GLY D 132 10.23 -33.28 9.41
C GLY D 132 9.32 -32.36 8.60
N TYR D 133 8.24 -32.92 8.08
CA TYR D 133 7.40 -32.21 7.10
C TYR D 133 6.62 -30.99 7.61
N SER D 134 6.80 -29.88 6.92
CA SER D 134 5.97 -28.68 7.03
C SER D 134 5.48 -28.40 5.61
N ILE D 135 4.27 -28.86 5.31
CA ILE D 135 3.78 -28.96 3.94
C ILE D 135 2.37 -28.37 3.83
N GLY D 136 2.10 -27.69 2.72
CA GLY D 136 0.78 -27.16 2.44
C GLY D 136 0.36 -26.12 3.46
N GLY D 137 -0.85 -26.24 4.00
CA GLY D 137 -1.30 -25.34 5.04
C GLY D 137 -0.36 -25.37 6.24
N GLY D 138 0.34 -26.50 6.39
CA GLY D 138 1.31 -26.67 7.47
C GLY D 138 2.52 -25.82 7.21
N HIS D 139 2.82 -25.59 5.94
CA HIS D 139 3.93 -24.73 5.59
C HIS D 139 3.59 -23.25 5.79
N VAL D 140 2.35 -22.87 5.46
CA VAL D 140 1.89 -21.52 5.71
C VAL D 140 1.94 -21.25 7.23
N LEU D 141 1.58 -22.24 8.04
CA LEU D 141 1.62 -22.04 9.50
C LEU D 141 3.02 -21.70 10.01
N HIS D 142 4.05 -22.39 9.53
CA HIS D 142 5.39 -22.08 10.04
C HIS D 142 5.77 -20.68 9.54
N MET D 143 5.40 -20.37 8.29
CA MET D 143 5.67 -19.02 7.77
C MET D 143 5.02 -17.91 8.62
N MET D 144 3.78 -18.11 9.07
CA MET D 144 3.07 -17.12 9.90
C MET D 144 3.76 -16.87 11.23
N CYS D 145 4.38 -17.90 11.79
CA CYS D 145 5.11 -17.74 13.03
C CYS D 145 6.22 -16.71 12.84
N ASP D 146 6.50 -15.95 13.87
CA ASP D 146 7.52 -14.90 13.76
C ASP D 146 8.86 -15.47 13.35
N LEU D 147 9.22 -16.61 13.94
CA LEU D 147 10.51 -17.25 13.70
C LEU D 147 10.32 -18.74 13.42
N THR D 148 11.26 -19.34 12.69
CA THR D 148 11.23 -20.78 12.49
C THR D 148 12.58 -21.41 12.80
N ILE D 149 12.56 -22.34 13.76
CA ILE D 149 13.73 -23.16 14.07
C ILE D 149 13.52 -24.52 13.42
N ALA D 150 14.42 -24.91 12.53
CA ALA D 150 14.24 -26.15 11.79
C ALA D 150 15.29 -27.21 12.15
N ALA D 151 14.84 -28.46 12.28
CA ALA D 151 15.76 -29.57 12.45
C ALA D 151 16.37 -29.89 11.10
N ASP D 152 17.49 -30.59 11.11
CA ASP D 152 18.14 -30.96 9.86
C ASP D 152 17.32 -31.94 9.02
N ASN D 153 16.30 -32.56 9.60
CA ASN D 153 15.45 -33.46 8.82
C ASN D 153 14.17 -32.77 8.32
N ALA D 154 14.08 -31.46 8.49
CA ALA D 154 12.87 -30.73 8.09
C ALA D 154 12.74 -30.63 6.58
N ILE D 155 11.51 -30.70 6.10
CA ILE D 155 11.22 -30.60 4.67
CA ILE D 155 11.21 -30.62 4.67
C ILE D 155 10.07 -29.62 4.47
N PHE D 156 10.23 -28.70 3.53
CA PHE D 156 9.29 -27.60 3.35
C PHE D 156 8.70 -27.59 1.93
N GLY D 157 7.45 -27.18 1.81
CA GLY D 157 6.89 -26.98 0.49
C GLY D 157 5.40 -26.77 0.46
N GLN D 158 4.89 -26.33 -0.68
CA GLN D 158 3.45 -26.19 -0.91
C GLN D 158 3.00 -27.27 -1.88
N THR D 159 1.69 -27.55 -1.90
CA THR D 159 1.14 -28.59 -2.76
C THR D 159 -0.15 -28.15 -3.45
N GLY D 160 -0.60 -26.93 -3.16
CA GLY D 160 -1.90 -26.48 -3.65
C GLY D 160 -2.24 -26.86 -5.08
N PRO D 161 -1.42 -26.40 -6.05
CA PRO D 161 -1.70 -26.69 -7.46
C PRO D 161 -1.70 -28.19 -7.78
N LYS D 162 -1.18 -29.01 -6.87
CA LYS D 162 -1.21 -30.45 -7.07
C LYS D 162 -2.43 -31.11 -6.43
N VAL D 163 -2.91 -30.56 -5.31
CA VAL D 163 -4.01 -31.17 -4.60
C VAL D 163 -5.30 -30.35 -4.64
N GLY D 164 -5.34 -29.38 -5.55
CA GLY D 164 -6.55 -28.60 -5.79
C GLY D 164 -6.82 -27.54 -4.74
N SER D 165 -5.78 -26.81 -4.32
CA SER D 165 -5.95 -25.72 -3.37
C SER D 165 -4.94 -24.60 -3.59
N PHE D 166 -5.11 -23.50 -2.87
CA PHE D 166 -4.12 -22.44 -2.88
C PHE D 166 -4.39 -21.53 -1.71
N ASP D 167 -3.30 -21.01 -1.15
CA ASP D 167 -3.39 -19.95 -0.15
C ASP D 167 -2.84 -18.70 -0.80
N GLY D 168 -3.73 -17.88 -1.32
CA GLY D 168 -3.35 -16.63 -1.97
C GLY D 168 -3.40 -15.45 -1.02
N GLY D 169 -3.54 -15.72 0.28
CA GLY D 169 -3.52 -14.67 1.28
C GLY D 169 -2.12 -14.49 1.82
N TRP D 170 -1.93 -14.70 3.12
CA TRP D 170 -0.59 -14.59 3.69
C TRP D 170 0.30 -15.69 3.12
N GLY D 171 -0.29 -16.79 2.67
CA GLY D 171 0.48 -17.89 2.12
C GLY D 171 1.25 -17.54 0.85
N ALA D 172 0.82 -16.49 0.17
CA ALA D 172 1.52 -16.04 -1.03
C ALA D 172 2.30 -14.75 -0.77
N SER D 173 1.56 -13.65 -0.59
CA SER D 173 2.17 -12.35 -0.34
C SER D 173 3.20 -12.39 0.79
N TYR D 174 2.85 -12.95 1.94
CA TYR D 174 3.79 -12.95 3.06
C TYR D 174 5.01 -13.82 2.75
N MET D 175 4.78 -14.97 2.12
CA MET D 175 5.88 -15.79 1.63
C MET D 175 6.88 -14.96 0.81
N ALA D 176 6.36 -14.14 -0.11
CA ALA D 176 7.23 -13.26 -0.90
C ALA D 176 8.04 -12.29 -0.04
N ARG D 177 7.50 -11.87 1.10
CA ARG D 177 8.23 -10.92 1.97
C ARG D 177 9.32 -11.64 2.77
N ILE D 178 9.34 -12.97 2.70
CA ILE D 178 10.37 -13.77 3.34
C ILE D 178 11.45 -14.21 2.34
N VAL D 179 11.03 -14.82 1.23
CA VAL D 179 11.98 -15.40 0.27
C VAL D 179 12.13 -14.61 -1.03
N GLY D 180 11.32 -13.58 -1.21
CA GLY D 180 11.36 -12.82 -2.46
C GLY D 180 10.46 -13.44 -3.50
N GLN D 181 10.12 -12.65 -4.52
CA GLN D 181 9.08 -13.01 -5.50
C GLN D 181 9.47 -14.16 -6.45
N LYS D 182 10.74 -14.28 -6.81
CA LYS D 182 11.16 -15.39 -7.68
C LYS D 182 11.02 -16.75 -6.99
N LYS D 183 11.54 -16.87 -5.76
CA LYS D 183 11.45 -18.14 -5.01
C LYS D 183 10.02 -18.45 -4.65
N ALA D 184 9.24 -17.42 -4.31
CA ALA D 184 7.84 -17.63 -3.96
C ALA D 184 7.06 -18.25 -5.14
N ARG D 185 7.29 -17.74 -6.33
CA ARG D 185 6.58 -18.26 -7.50
C ARG D 185 7.04 -19.68 -7.83
N GLU D 186 8.33 -19.93 -7.65
CA GLU D 186 8.85 -21.28 -7.83
C GLU D 186 8.22 -22.26 -6.83
N ILE D 187 8.17 -21.86 -5.57
CA ILE D 187 7.66 -22.72 -4.51
C ILE D 187 6.22 -23.12 -4.78
N TRP D 188 5.41 -22.14 -5.15
CA TRP D 188 3.98 -22.34 -5.38
C TRP D 188 3.66 -23.04 -6.69
N PHE D 189 4.35 -22.65 -7.76
CA PHE D 189 4.02 -23.12 -9.11
C PHE D 189 4.46 -24.58 -9.32
N LEU D 190 5.64 -24.93 -8.82
CA LEU D 190 6.17 -26.29 -9.04
C LEU D 190 5.85 -27.29 -7.94
N CYS D 191 5.61 -26.81 -6.73
CA CYS D 191 5.27 -27.66 -5.59
C CYS D 191 6.34 -28.71 -5.28
N ARG D 192 7.60 -28.34 -5.44
CA ARG D 192 8.70 -29.20 -5.01
C ARG D 192 8.81 -29.25 -3.49
N GLN D 193 9.67 -30.15 -3.00
CA GLN D 193 10.02 -30.17 -1.59
C GLN D 193 11.42 -29.57 -1.41
N TYR D 194 11.61 -28.85 -0.31
CA TYR D 194 12.89 -28.24 -0.02
C TYR D 194 13.45 -28.75 1.31
N ASP D 195 14.72 -29.16 1.33
CA ASP D 195 15.30 -29.63 2.57
C ASP D 195 15.71 -28.44 3.47
N ALA D 196 16.17 -28.75 4.68
CA ALA D 196 16.47 -27.73 5.67
C ALA D 196 17.51 -26.73 5.16
N LYS D 197 18.54 -27.24 4.47
CA LYS D 197 19.60 -26.38 3.96
C LYS D 197 19.06 -25.44 2.87
N GLN D 198 18.25 -25.98 1.97
CA GLN D 198 17.60 -25.14 0.96
C GLN D 198 16.74 -24.06 1.63
N ALA D 199 16.00 -24.45 2.66
CA ALA D 199 15.16 -23.50 3.40
C ALA D 199 16.00 -22.39 4.02
N LEU D 200 17.12 -22.77 4.62
CA LEU D 200 17.98 -21.81 5.28
C LEU D 200 18.58 -20.84 4.25
N ASP D 201 19.01 -21.38 3.11
CA ASP D 201 19.66 -20.58 2.08
C ASP D 201 18.73 -19.55 1.47
N MET D 202 17.44 -19.87 1.34
CA MET D 202 16.51 -18.89 0.79
C MET D 202 15.90 -17.95 1.84
N GLY D 203 16.29 -18.14 3.09
CA GLY D 203 15.82 -17.26 4.17
C GLY D 203 14.45 -17.65 4.71
N LEU D 204 14.03 -18.86 4.38
CA LEU D 204 12.69 -19.33 4.75
C LEU D 204 12.59 -19.71 6.25
N VAL D 205 13.71 -20.12 6.84
CA VAL D 205 13.76 -20.41 8.27
C VAL D 205 14.95 -19.67 8.87
N ASN D 206 14.96 -19.55 10.20
CA ASN D 206 15.99 -18.74 10.85
C ASN D 206 17.28 -19.50 11.12
N THR D 207 17.14 -20.79 11.42
CA THR D 207 18.32 -21.59 11.70
C THR D 207 17.99 -23.05 11.47
N VAL D 208 19.03 -23.86 11.29
CA VAL D 208 18.87 -25.30 11.16
C VAL D 208 19.78 -25.94 12.20
N VAL D 209 19.24 -26.85 13.00
CA VAL D 209 20.03 -27.54 14.02
C VAL D 209 19.84 -29.06 13.91
N PRO D 210 20.79 -29.84 14.48
CA PRO D 210 20.58 -31.29 14.46
C PRO D 210 19.23 -31.64 15.10
N LEU D 211 18.55 -32.63 14.54
CA LEU D 211 17.27 -33.06 15.12
C LEU D 211 17.35 -33.26 16.64
N ALA D 212 18.45 -33.83 17.11
CA ALA D 212 18.62 -34.10 18.55
C ALA D 212 18.57 -32.82 19.38
N ASP D 213 18.94 -31.71 18.77
CA ASP D 213 19.06 -30.43 19.48
C ASP D 213 17.90 -29.48 19.24
N LEU D 214 16.90 -29.92 18.47
CA LEU D 214 15.80 -29.04 18.09
C LEU D 214 15.14 -28.33 19.28
N GLU D 215 14.71 -29.09 20.28
CA GLU D 215 14.03 -28.48 21.42
C GLU D 215 14.96 -27.57 22.23
N LYS D 216 16.18 -28.06 22.49
CA LYS D 216 17.12 -27.30 23.30
C LYS D 216 17.47 -25.97 22.63
N GLU D 217 17.68 -26.00 21.32
CA GLU D 217 17.95 -24.76 20.59
C GLU D 217 16.71 -23.85 20.51
N THR D 218 15.54 -24.44 20.25
CA THR D 218 14.34 -23.63 20.24
C THR D 218 14.12 -22.93 21.58
N VAL D 219 14.33 -23.67 22.68
CA VAL D 219 14.13 -23.12 24.02
C VAL D 219 15.14 -22.01 24.33
N ARG D 220 16.39 -22.22 23.89
CA ARG D 220 17.37 -21.14 23.96
C ARG D 220 16.86 -19.85 23.30
N TRP D 221 16.43 -19.96 22.06
CA TRP D 221 15.97 -18.78 21.33
C TRP D 221 14.80 -18.13 22.07
N CYS D 222 13.89 -18.95 22.58
CA CYS D 222 12.78 -18.46 23.40
C CYS D 222 13.24 -17.71 24.65
N ARG D 223 14.21 -18.29 25.36
CA ARG D 223 14.73 -17.68 26.57
C ARG D 223 15.43 -16.36 26.30
N GLU D 224 16.06 -16.25 25.14
CA GLU D 224 16.70 -15.00 24.77
C GLU D 224 15.65 -13.90 24.66
N MET D 225 14.52 -14.22 24.02
CA MET D 225 13.45 -13.24 23.89
C MET D 225 12.83 -12.89 25.24
N LEU D 226 12.70 -13.90 26.10
CA LEU D 226 12.12 -13.72 27.44
C LEU D 226 12.95 -12.79 28.35
N GLN D 227 14.20 -12.55 27.98
CA GLN D 227 15.05 -11.61 28.72
C GLN D 227 14.74 -10.17 28.37
N ASN D 228 14.04 -9.98 27.25
CA ASN D 228 13.84 -8.65 26.68
C ASN D 228 12.50 -8.00 27.05
N SER D 229 12.36 -6.72 26.74
CA SER D 229 11.14 -5.99 27.06
C SER D 229 9.90 -6.52 26.31
N PRO D 230 8.89 -7.02 27.05
CA PRO D 230 7.67 -7.50 26.39
C PRO D 230 6.95 -6.40 25.62
N MET D 231 6.95 -5.19 26.15
CA MET D 231 6.33 -4.06 25.47
C MET D 231 7.07 -3.75 24.17
N ALA D 232 8.40 -3.71 24.21
CA ALA D 232 9.16 -3.45 22.98
C ALA D 232 8.90 -4.53 21.91
N LEU D 233 8.79 -5.78 22.34
CA LEU D 233 8.59 -6.89 21.41
C LEU D 233 7.23 -6.76 20.72
N ARG D 234 6.18 -6.46 21.49
CA ARG D 234 4.87 -6.39 20.88
C ARG D 234 4.77 -5.23 19.91
N CYS D 235 5.37 -4.09 20.27
CA CYS D 235 5.40 -2.93 19.37
C CYS D 235 6.13 -3.26 18.06
N LEU D 236 7.26 -3.96 18.17
CA LEU D 236 8.04 -4.32 16.99
C LEU D 236 7.30 -5.32 16.12
N LYS D 237 6.63 -6.29 16.75
CA LYS D 237 5.88 -7.27 15.98
C LYS D 237 4.79 -6.55 15.18
N ALA D 238 4.08 -5.65 15.86
CA ALA D 238 3.05 -4.84 15.21
C ALA D 238 3.65 -4.02 14.06
N ALA D 239 4.82 -3.45 14.30
CA ALA D 239 5.47 -2.57 13.31
C ALA D 239 5.87 -3.35 12.07
N LEU D 240 6.36 -4.57 12.28
CA LEU D 240 6.73 -5.46 11.19
C LEU D 240 5.50 -5.97 10.43
N ASN D 241 4.41 -6.30 11.14
CA ASN D 241 3.16 -6.63 10.46
C ASN D 241 2.68 -5.44 9.64
N ALA D 242 2.92 -4.24 10.15
CA ALA D 242 2.41 -3.02 9.55
C ALA D 242 3.00 -2.74 8.18
N ASP D 243 4.17 -3.30 7.88
CA ASP D 243 4.76 -3.16 6.56
C ASP D 243 3.99 -4.00 5.54
N CYS D 244 3.14 -4.91 6.03
CA CYS D 244 2.39 -5.82 5.16
C CYS D 244 0.86 -5.61 5.20
N ASP D 245 0.32 -5.29 6.37
CA ASP D 245 -1.12 -5.41 6.61
C ASP D 245 -1.95 -4.11 6.51
N GLY D 246 -1.45 -3.10 5.82
CA GLY D 246 -2.19 -1.84 5.66
C GLY D 246 -2.85 -1.36 6.95
N GLN D 247 -4.14 -1.03 6.88
CA GLN D 247 -4.85 -0.48 8.03
C GLN D 247 -5.01 -1.46 9.20
N ALA D 248 -4.98 -2.76 8.91
CA ALA D 248 -5.05 -3.77 9.98
C ALA D 248 -3.74 -3.75 10.74
N GLY D 249 -2.65 -3.51 10.02
CA GLY D 249 -1.35 -3.30 10.66
C GLY D 249 -1.32 -2.01 11.47
N LEU D 250 -1.92 -0.96 10.92
CA LEU D 250 -2.04 0.30 11.66
C LEU D 250 -2.87 0.13 12.93
N GLN D 251 -3.89 -0.72 12.88
CA GLN D 251 -4.70 -0.97 14.05
C GLN D 251 -3.86 -1.52 15.20
N GLU D 252 -2.98 -2.48 14.89
CA GLU D 252 -2.09 -3.05 15.90
C GLU D 252 -1.07 -2.04 16.40
N LEU D 253 -0.36 -1.42 15.46
CA LEU D 253 0.69 -0.45 15.82
C LEU D 253 0.13 0.73 16.61
N ALA D 254 -0.89 1.40 16.07
CA ALA D 254 -1.56 2.47 16.78
C ALA D 254 -2.16 2.00 18.11
N GLY D 255 -2.73 0.79 18.13
CA GLY D 255 -3.28 0.22 19.36
C GLY D 255 -2.26 0.19 20.50
N ASN D 256 -1.02 -0.15 20.16
CA ASN D 256 0.04 -0.14 21.14
C ASN D 256 0.38 1.28 21.60
N ALA D 257 0.35 2.22 20.65
CA ALA D 257 0.58 3.62 20.99
C ALA D 257 -0.49 4.11 21.96
N THR D 258 -1.73 3.71 21.73
CA THR D 258 -2.81 4.08 22.65
C THR D 258 -2.53 3.53 24.05
N MET D 259 -2.15 2.26 24.13
CA MET D 259 -1.85 1.63 25.41
C MET D 259 -0.78 2.44 26.16
N LEU D 260 0.27 2.79 25.45
CA LEU D 260 1.35 3.60 26.03
C LEU D 260 0.85 4.98 26.46
N PHE D 261 0.03 5.61 25.63
CA PHE D 261 -0.49 6.94 25.96
C PHE D 261 -1.31 6.91 27.25
N TYR D 262 -2.09 5.83 27.42
CA TYR D 262 -2.88 5.62 28.64
C TYR D 262 -2.00 5.44 29.88
N MET D 263 -0.71 5.25 29.69
CA MET D 263 0.21 5.12 30.81
C MET D 263 0.97 6.43 31.12
N THR D 264 0.64 7.49 30.40
CA THR D 264 1.28 8.77 30.66
C THR D 264 0.37 9.65 31.52
N GLU D 265 0.98 10.62 32.20
CA GLU D 265 0.23 11.62 32.97
C GLU D 265 -0.73 12.45 32.12
N GLU D 266 -0.30 12.80 30.91
CA GLU D 266 -1.16 13.56 29.99
C GLU D 266 -2.43 12.79 29.66
N GLY D 267 -2.28 11.54 29.26
CA GLY D 267 -3.46 10.74 28.96
C GLY D 267 -4.37 10.63 30.16
N GLN D 268 -3.76 10.44 31.33
CA GLN D 268 -4.52 10.20 32.55
C GLN D 268 -5.28 11.45 33.01
N GLU D 269 -4.71 12.62 32.73
CA GLU D 269 -5.40 13.88 33.05
C GLU D 269 -6.67 13.99 32.22
N GLY D 270 -6.60 13.56 30.95
CA GLY D 270 -7.79 13.56 30.11
C GLY D 270 -8.88 12.71 30.74
N ARG D 271 -8.52 11.52 31.20
CA ARG D 271 -9.48 10.63 31.83
C ARG D 271 -10.02 11.21 33.14
N ASN D 272 -9.10 11.69 33.98
CA ASN D 272 -9.49 12.26 35.27
C ASN D 272 -10.45 13.44 35.10
N ALA D 273 -10.12 14.35 34.17
CA ALA D 273 -10.98 15.51 33.93
C ALA D 273 -12.38 15.07 33.51
N PHE D 274 -12.50 14.08 32.64
CA PHE D 274 -13.83 13.59 32.28
C PHE D 274 -14.58 13.03 33.49
N ASN D 275 -13.92 12.18 34.27
CA ASN D 275 -14.59 11.59 35.43
C ASN D 275 -14.96 12.66 36.46
N GLN D 276 -14.14 13.70 36.55
CA GLN D 276 -14.38 14.76 37.52
C GLN D 276 -15.28 15.87 36.95
N LYS D 277 -15.76 15.66 35.73
CA LYS D 277 -16.67 16.62 35.10
C LYS D 277 -16.09 18.04 35.12
N ARG D 278 -14.84 18.16 34.67
CA ARG D 278 -14.18 19.44 34.54
C ARG D 278 -13.36 19.45 33.24
N GLN D 279 -12.92 20.64 32.82
CA GLN D 279 -12.10 20.76 31.63
C GLN D 279 -10.69 20.25 31.94
N PRO D 280 -10.11 19.46 31.03
CA PRO D 280 -8.75 18.95 31.26
C PRO D 280 -7.76 20.10 31.16
N ASP D 281 -6.64 20.01 31.85
CA ASP D 281 -5.61 21.02 31.70
C ASP D 281 -4.36 20.38 31.13
N PHE D 282 -4.21 20.47 29.82
CA PHE D 282 -3.09 19.82 29.13
C PHE D 282 -1.89 20.76 29.04
N SER D 283 -2.06 22.01 29.45
CA SER D 283 -1.01 23.02 29.26
C SER D 283 0.22 22.77 30.13
N LYS D 284 0.06 21.94 31.16
CA LYS D 284 1.15 21.63 32.07
C LYS D 284 2.08 20.59 31.50
N PHE D 285 1.69 19.99 30.38
CA PHE D 285 2.54 18.98 29.72
C PHE D 285 3.30 19.60 28.55
N LYS D 286 4.61 19.69 28.72
CA LYS D 286 5.48 20.34 27.75
C LYS D 286 5.32 19.72 26.36
N ARG D 287 5.29 20.56 25.33
CA ARG D 287 5.25 20.07 23.96
C ARG D 287 6.66 19.73 23.49
N ASN D 288 6.91 18.46 23.22
CA ASN D 288 8.15 18.06 22.57
C ASN D 288 8.16 18.54 21.10
N PRO D 289 9.35 18.73 20.53
CA PRO D 289 9.46 19.08 19.11
C PRO D 289 9.05 17.91 18.21
N ASP E 9 38.14 2.30 -15.17
CA ASP E 9 39.56 1.97 -14.99
C ASP E 9 39.89 1.79 -13.51
N GLU E 10 40.54 0.67 -13.17
CA GLU E 10 40.93 0.43 -11.79
C GLU E 10 41.97 1.45 -11.30
N ALA E 11 42.78 1.96 -12.23
CA ALA E 11 43.74 3.00 -11.90
C ALA E 11 42.98 4.22 -11.37
N MET E 12 41.94 4.61 -12.09
CA MET E 12 41.08 5.70 -11.68
C MET E 12 40.37 5.37 -10.37
N LEU E 13 39.74 4.20 -10.32
CA LEU E 13 38.92 3.81 -9.17
C LEU E 13 39.72 3.79 -7.88
N TYR E 14 40.98 3.33 -7.97
CA TYR E 14 41.80 3.19 -6.79
C TYR E 14 42.85 4.28 -6.61
N ALA E 15 42.74 5.35 -7.39
CA ALA E 15 43.62 6.51 -7.24
C ALA E 15 43.49 7.09 -5.84
N PRO E 16 44.53 7.79 -5.36
CA PRO E 16 44.49 8.37 -4.03
C PRO E 16 43.34 9.36 -3.92
N VAL E 17 42.78 9.50 -2.72
CA VAL E 17 41.70 10.45 -2.49
C VAL E 17 42.21 11.61 -1.66
N GLU E 18 41.99 12.83 -2.14
CA GLU E 18 42.39 14.03 -1.44
C GLU E 18 41.20 14.65 -0.71
N TRP E 19 41.18 14.49 0.60
CA TRP E 19 40.13 15.07 1.45
C TRP E 19 40.46 16.50 1.85
N HIS E 20 39.46 17.37 1.78
CA HIS E 20 39.60 18.74 2.26
C HIS E 20 38.67 18.93 3.45
N ASP E 21 39.14 19.58 4.50
CA ASP E 21 38.33 19.68 5.71
C ASP E 21 37.29 20.78 5.64
N CYS E 22 36.08 20.44 6.05
CA CYS E 22 34.98 21.40 6.07
C CYS E 22 34.25 21.30 7.41
N SER E 23 35.01 21.03 8.47
CA SER E 23 34.44 20.72 9.78
C SER E 23 34.30 21.95 10.67
N GLU E 24 34.75 23.10 10.18
CA GLU E 24 34.70 24.33 10.95
C GLU E 24 33.29 24.54 11.53
N GLY E 25 33.23 24.74 12.85
CA GLY E 25 31.97 24.97 13.51
C GLY E 25 31.30 23.72 14.06
N PHE E 26 31.85 22.55 13.75
CA PHE E 26 31.27 21.30 14.23
C PHE E 26 32.03 20.80 15.45
N GLU E 27 31.28 20.24 16.39
CA GLU E 27 31.84 19.78 17.65
C GLU E 27 31.84 18.25 17.75
N ASP E 28 30.81 17.62 17.17
CA ASP E 28 30.61 16.17 17.30
C ASP E 28 30.92 15.36 16.05
N ILE E 29 31.22 16.04 14.95
CA ILE E 29 31.42 15.35 13.70
C ILE E 29 32.58 15.97 12.92
N ARG E 30 33.10 15.23 11.95
CA ARG E 30 33.98 15.80 10.95
C ARG E 30 33.24 15.81 9.62
N TYR E 31 33.58 16.77 8.77
CA TYR E 31 32.92 16.89 7.48
C TYR E 31 33.98 17.26 6.44
N GLU E 32 34.18 16.40 5.47
CA GLU E 32 35.24 16.58 4.48
C GLU E 32 34.74 16.35 3.06
N LYS E 33 35.37 17.01 2.10
CA LYS E 33 35.02 16.82 0.69
C LYS E 33 36.24 16.43 -0.14
N SER E 34 36.04 15.53 -1.09
CA SER E 34 37.11 15.18 -2.02
C SER E 34 37.02 16.08 -3.24
N THR E 35 38.11 16.19 -3.99
CA THR E 35 38.14 17.06 -5.15
C THR E 35 37.30 16.47 -6.30
N ASP E 36 37.07 15.15 -6.25
CA ASP E 36 36.34 14.47 -7.32
C ASP E 36 34.86 14.18 -7.03
N GLY E 37 34.32 14.77 -5.97
CA GLY E 37 32.88 14.80 -5.77
C GLY E 37 32.29 13.96 -4.65
N ILE E 38 33.11 13.55 -3.69
CA ILE E 38 32.61 12.80 -2.55
C ILE E 38 32.62 13.67 -1.29
N ALA E 39 31.49 13.72 -0.59
CA ALA E 39 31.43 14.35 0.72
C ALA E 39 31.40 13.25 1.78
N LYS E 40 32.19 13.41 2.82
CA LYS E 40 32.25 12.42 3.88
C LYS E 40 31.89 12.99 5.26
N ILE E 41 30.84 12.45 5.85
CA ILE E 41 30.43 12.85 7.20
C ILE E 41 30.88 11.78 8.18
N THR E 42 31.65 12.18 9.19
CA THR E 42 32.22 11.24 10.16
C THR E 42 31.75 11.58 11.56
N ILE E 43 31.02 10.67 12.20
CA ILE E 43 30.65 10.86 13.60
C ILE E 43 31.92 10.79 14.42
N ASN E 44 32.13 11.78 15.27
CA ASN E 44 33.38 11.86 15.99
C ASN E 44 33.20 11.84 17.51
N ARG E 45 32.56 10.80 18.02
CA ARG E 45 32.50 10.59 19.46
C ARG E 45 32.93 9.17 19.85
N PRO E 46 34.15 8.78 19.44
CA PRO E 46 34.63 7.39 19.61
C PRO E 46 34.59 6.93 21.07
N GLN E 47 34.64 7.88 21.99
CA GLN E 47 34.70 7.54 23.41
C GLN E 47 33.40 6.91 23.89
N VAL E 48 32.33 7.10 23.12
CA VAL E 48 31.06 6.44 23.42
C VAL E 48 30.62 5.59 22.24
N ARG E 49 31.60 5.05 21.51
CA ARG E 49 31.34 4.23 20.32
C ARG E 49 30.50 4.96 19.30
N ASN E 50 30.67 6.28 19.25
CA ASN E 50 30.07 7.11 18.21
C ASN E 50 28.53 7.17 18.29
N ALA E 51 28.03 7.05 19.50
CA ALA E 51 26.62 7.29 19.81
C ALA E 51 26.30 8.75 19.56
N PHE E 52 25.10 9.02 19.06
CA PHE E 52 24.73 10.41 18.79
C PHE E 52 23.94 11.02 19.93
N ARG E 53 24.26 12.27 20.26
CA ARG E 53 23.37 13.07 21.10
C ARG E 53 22.68 14.07 20.15
N PRO E 54 21.70 14.83 20.67
CA PRO E 54 20.95 15.72 19.79
C PRO E 54 21.81 16.68 18.97
N LEU E 55 22.90 17.19 19.55
CA LEU E 55 23.79 18.09 18.80
C LEU E 55 24.47 17.34 17.64
N THR E 56 24.84 16.10 17.88
CA THR E 56 25.49 15.29 16.85
C THR E 56 24.58 15.19 15.63
N VAL E 57 23.31 14.89 15.89
CA VAL E 57 22.33 14.75 14.82
C VAL E 57 22.13 16.07 14.11
N LYS E 58 21.97 17.15 14.88
CA LYS E 58 21.85 18.48 14.31
C LYS E 58 23.03 18.79 13.37
N GLU E 59 24.23 18.40 13.76
CA GLU E 59 25.38 18.65 12.92
C GLU E 59 25.34 17.82 11.64
N MET E 60 24.93 16.56 11.78
CA MET E 60 24.86 15.67 10.62
C MET E 60 23.85 16.18 9.59
N ILE E 61 22.74 16.71 10.09
CA ILE E 61 21.72 17.31 9.23
C ILE E 61 22.30 18.55 8.52
N GLN E 62 23.04 19.37 9.26
CA GLN E 62 23.69 20.52 8.63
C GLN E 62 24.66 20.07 7.54
N ALA E 63 25.49 19.08 7.87
CA ALA E 63 26.47 18.55 6.90
C ALA E 63 25.79 17.97 5.66
N LEU E 64 24.76 17.17 5.86
CA LEU E 64 24.08 16.54 4.73
C LEU E 64 23.34 17.58 3.88
N ALA E 65 22.82 18.63 4.49
CA ALA E 65 22.19 19.70 3.70
C ALA E 65 23.23 20.37 2.81
N ASP E 66 24.41 20.65 3.39
CA ASP E 66 25.50 21.26 2.64
C ASP E 66 25.89 20.38 1.44
N ALA E 67 26.01 19.08 1.68
CA ALA E 67 26.35 18.15 0.61
C ALA E 67 25.28 18.16 -0.46
N ARG E 68 24.01 18.20 -0.04
CA ARG E 68 22.91 18.23 -1.01
C ARG E 68 23.05 19.42 -1.96
N TYR E 69 23.41 20.57 -1.42
CA TYR E 69 23.42 21.81 -2.21
C TYR E 69 24.74 22.12 -2.91
N ASP E 70 25.80 21.36 -2.61
CA ASP E 70 27.07 21.56 -3.30
C ASP E 70 27.04 20.81 -4.61
N ASP E 71 26.90 21.54 -5.71
CA ASP E 71 26.76 20.88 -7.01
C ASP E 71 28.01 20.13 -7.47
N ASN E 72 29.12 20.30 -6.76
CA ASN E 72 30.32 19.50 -7.01
C ASN E 72 30.29 18.13 -6.34
N ILE E 73 29.33 17.92 -5.44
CA ILE E 73 29.26 16.64 -4.70
C ILE E 73 28.26 15.74 -5.38
N GLY E 74 28.63 14.48 -5.61
CA GLY E 74 27.72 13.53 -6.23
C GLY E 74 27.33 12.35 -5.35
N VAL E 75 28.14 12.08 -4.33
CA VAL E 75 27.92 10.95 -3.43
C VAL E 75 28.35 11.31 -2.02
N ILE E 76 27.61 10.84 -1.02
CA ILE E 76 27.96 11.08 0.37
C ILE E 76 28.36 9.77 1.08
N ILE E 77 29.42 9.83 1.85
CA ILE E 77 29.79 8.72 2.73
C ILE E 77 29.44 9.11 4.14
N LEU E 78 28.77 8.20 4.86
CA LEU E 78 28.56 8.38 6.29
C LEU E 78 29.40 7.33 7.01
N THR E 79 30.12 7.75 8.05
CA THR E 79 31.02 6.84 8.73
C THR E 79 31.26 7.24 10.18
N GLY E 80 32.01 6.41 10.91
CA GLY E 80 32.30 6.70 12.29
C GLY E 80 33.80 6.86 12.46
N ALA E 81 34.21 7.71 13.39
CA ALA E 81 35.63 7.93 13.68
C ALA E 81 36.27 6.70 14.31
N GLY E 82 37.46 6.33 13.84
CA GLY E 82 38.16 5.18 14.39
C GLY E 82 37.67 3.90 13.75
N ASP E 83 38.18 2.76 14.25
CA ASP E 83 37.90 1.47 13.65
C ASP E 83 37.02 0.60 14.53
N LYS E 84 36.58 1.13 15.66
CA LYS E 84 35.84 0.31 16.61
C LYS E 84 34.32 0.43 16.47
N ALA E 85 33.86 1.55 15.94
CA ALA E 85 32.42 1.77 15.84
C ALA E 85 32.07 2.70 14.71
N PHE E 86 30.99 2.36 14.04
CA PHE E 86 30.36 3.21 13.06
C PHE E 86 29.46 4.16 13.86
N CYS E 87 28.58 3.57 14.67
CA CYS E 87 27.66 4.34 15.48
C CYS E 87 26.89 3.39 16.39
N SER E 88 26.85 3.69 17.68
CA SER E 88 26.19 2.80 18.62
C SER E 88 24.77 3.26 18.97
N GLY E 89 24.22 4.18 18.17
CA GLY E 89 22.86 4.63 18.35
C GLY E 89 22.74 5.85 19.23
N GLY E 90 21.56 6.02 19.82
CA GLY E 90 21.32 7.14 20.70
C GLY E 90 22.17 7.07 21.95
N ASP E 91 22.72 8.23 22.34
CA ASP E 91 23.53 8.33 23.54
C ASP E 91 22.66 8.15 24.78
N GLN E 92 22.72 6.97 25.38
CA GLN E 92 21.85 6.66 26.52
C GLN E 92 22.13 7.51 27.77
N LYS E 93 23.26 8.19 27.79
CA LYS E 93 23.63 8.99 28.95
C LYS E 93 22.81 10.29 29.03
N VAL E 94 22.25 10.73 27.90
CA VAL E 94 21.44 11.94 27.89
C VAL E 94 19.97 11.68 27.52
N ARG E 95 19.60 10.40 27.51
CA ARG E 95 18.21 10.02 27.23
C ARG E 95 17.36 10.34 28.44
N GLY E 96 16.39 11.24 28.28
CA GLY E 96 15.59 11.67 29.41
C GLY E 96 14.32 10.85 29.60
N ASP E 97 13.58 11.12 30.66
CA ASP E 97 12.32 10.43 30.88
C ASP E 97 11.21 10.98 29.99
N TYR E 98 11.38 12.22 29.53
CA TYR E 98 10.28 12.90 28.83
C TYR E 98 10.29 12.75 27.31
N GLY E 99 10.37 11.51 26.85
CA GLY E 99 10.17 11.22 25.44
C GLY E 99 11.27 11.67 24.49
N GLY E 100 12.53 11.66 24.94
CA GLY E 100 13.62 11.99 24.05
C GLY E 100 14.94 12.18 24.77
N TYR E 101 15.94 12.60 24.01
CA TYR E 101 17.29 12.87 24.50
C TYR E 101 17.44 14.35 24.81
N LYS E 102 17.94 14.67 26.01
CA LYS E 102 18.03 16.06 26.45
C LYS E 102 19.26 16.76 25.90
N ASP E 103 19.06 17.94 25.31
CA ASP E 103 20.19 18.80 24.98
C ASP E 103 20.61 19.59 26.21
N ASP E 104 21.64 20.42 26.07
CA ASP E 104 22.15 21.18 27.22
C ASP E 104 21.13 22.15 27.78
N SER E 105 20.07 22.41 27.02
CA SER E 105 19.03 23.34 27.45
C SER E 105 17.86 22.63 28.12
N GLY E 106 17.89 21.30 28.13
CA GLY E 106 16.83 20.53 28.75
C GLY E 106 15.69 20.13 27.82
N VAL E 107 15.80 20.47 26.54
CA VAL E 107 14.76 20.09 25.57
C VAL E 107 14.96 18.61 25.17
N HIS E 108 13.87 17.87 25.04
CA HIS E 108 13.92 16.45 24.68
C HIS E 108 13.72 16.23 23.18
N HIS E 109 14.69 15.59 22.54
CA HIS E 109 14.68 15.41 21.09
C HIS E 109 14.63 13.95 20.66
N LEU E 110 14.05 13.73 19.48
CA LEU E 110 14.21 12.48 18.75
C LEU E 110 14.59 12.90 17.33
N ASN E 111 15.60 13.76 17.21
CA ASN E 111 15.89 14.36 15.92
C ASN E 111 16.57 13.43 14.90
N VAL E 112 16.94 12.23 15.32
CA VAL E 112 17.43 11.27 14.31
C VAL E 112 16.32 10.98 13.30
N LEU E 113 15.07 11.14 13.72
CA LEU E 113 13.95 10.92 12.78
C LEU E 113 14.03 11.89 11.60
N ASP E 114 14.48 13.12 11.87
CA ASP E 114 14.69 14.10 10.81
C ASP E 114 15.82 13.69 9.89
N PHE E 115 16.92 13.24 10.48
CA PHE E 115 18.09 12.80 9.71
C PHE E 115 17.77 11.58 8.82
N GLN E 116 16.98 10.65 9.35
CA GLN E 116 16.53 9.52 8.54
C GLN E 116 15.79 9.98 7.27
N ARG E 117 14.85 10.89 7.43
CA ARG E 117 14.09 11.38 6.29
CA ARG E 117 14.08 11.42 6.30
C ARG E 117 14.98 12.15 5.32
N GLN E 118 15.98 12.83 5.86
CA GLN E 118 16.91 13.61 5.04
C GLN E 118 17.77 12.69 4.18
N ILE E 119 18.24 11.58 4.75
CA ILE E 119 18.98 10.59 3.96
C ILE E 119 18.08 10.02 2.86
N ARG E 120 16.87 9.61 3.26
CA ARG E 120 15.87 9.06 2.35
C ARG E 120 15.62 9.98 1.16
N THR E 121 15.47 11.27 1.44
CA THR E 121 15.05 12.21 0.41
C THR E 121 16.22 12.87 -0.32
N CYS E 122 17.45 12.57 0.11
CA CYS E 122 18.64 13.11 -0.56
C CYS E 122 18.74 12.57 -2.00
N PRO E 123 18.87 13.46 -2.99
CA PRO E 123 18.87 12.98 -4.38
C PRO E 123 20.22 12.39 -4.79
N LYS E 124 21.18 12.39 -3.89
CA LYS E 124 22.50 11.82 -4.19
C LYS E 124 22.68 10.54 -3.38
N PRO E 125 23.32 9.52 -3.97
CA PRO E 125 23.49 8.29 -3.20
C PRO E 125 24.23 8.55 -1.88
N VAL E 126 23.84 7.84 -0.81
CA VAL E 126 24.52 7.94 0.48
C VAL E 126 25.05 6.56 0.88
N VAL E 127 26.32 6.49 1.23
CA VAL E 127 26.97 5.20 1.47
C VAL E 127 27.49 5.06 2.90
N ALA E 128 27.02 4.04 3.61
CA ALA E 128 27.55 3.75 4.95
C ALA E 128 28.86 2.99 4.85
N MET E 129 29.89 3.54 5.45
CA MET E 129 31.21 2.91 5.48
C MET E 129 31.37 2.44 6.90
N VAL E 130 31.25 1.13 7.10
CA VAL E 130 31.12 0.58 8.44
C VAL E 130 32.36 -0.21 8.89
N ALA E 131 33.03 0.33 9.90
CA ALA E 131 34.09 -0.36 10.62
C ALA E 131 33.59 -0.62 12.04
N GLY E 132 33.69 -1.87 12.51
CA GLY E 132 33.25 -2.16 13.86
C GLY E 132 31.74 -2.09 14.06
N TYR E 133 31.32 -1.69 15.26
CA TYR E 133 29.91 -1.73 15.65
C TYR E 133 29.00 -0.75 14.89
N SER E 134 27.93 -1.31 14.32
CA SER E 134 26.80 -0.55 13.82
C SER E 134 25.60 -1.15 14.55
N ILE E 135 25.17 -0.46 15.61
CA ILE E 135 24.27 -1.05 16.60
C ILE E 135 23.18 -0.07 16.95
N GLY E 136 21.96 -0.59 17.15
CA GLY E 136 20.85 0.24 17.61
C GLY E 136 20.43 1.28 16.58
N GLY E 137 20.21 2.51 17.04
CA GLY E 137 19.91 3.60 16.12
C GLY E 137 21.03 3.70 15.10
N GLY E 138 22.22 3.27 15.49
CA GLY E 138 23.36 3.30 14.59
C GLY E 138 23.20 2.26 13.51
N HIS E 139 22.54 1.15 13.83
CA HIS E 139 22.27 0.13 12.82
C HIS E 139 21.21 0.61 11.81
N VAL E 140 20.19 1.29 12.31
CA VAL E 140 19.17 1.84 11.41
C VAL E 140 19.79 2.84 10.42
N LEU E 141 20.72 3.66 10.92
CA LEU E 141 21.40 4.63 10.06
C LEU E 141 22.11 3.96 8.88
N HIS E 142 22.81 2.86 9.12
CA HIS E 142 23.49 2.21 7.98
C HIS E 142 22.46 1.63 7.01
N MET E 143 21.38 1.06 7.55
CA MET E 143 20.28 0.57 6.71
C MET E 143 19.66 1.66 5.82
N MET E 144 19.48 2.86 6.37
CA MET E 144 18.89 3.99 5.66
C MET E 144 19.75 4.39 4.48
N CYS E 145 21.08 4.31 4.65
CA CYS E 145 21.96 4.62 3.53
C CYS E 145 21.66 3.69 2.36
N ASP E 146 21.78 4.22 1.15
CA ASP E 146 21.47 3.44 -0.04
C ASP E 146 22.30 2.17 -0.10
N LEU E 147 23.58 2.28 0.27
CA LEU E 147 24.50 1.13 0.25
C LEU E 147 25.32 1.06 1.52
N THR E 148 25.85 -0.13 1.82
CA THR E 148 26.73 -0.28 2.95
C THR E 148 27.97 -1.06 2.54
N ILE E 149 29.13 -0.46 2.79
CA ILE E 149 30.39 -1.14 2.60
C ILE E 149 30.91 -1.50 3.98
N ALA E 150 31.09 -2.79 4.24
CA ALA E 150 31.45 -3.24 5.57
C ALA E 150 32.90 -3.73 5.65
N ALA E 151 33.60 -3.33 6.71
CA ALA E 151 34.90 -3.93 7.01
C ALA E 151 34.69 -5.33 7.61
N ASP E 152 35.74 -6.16 7.55
CA ASP E 152 35.62 -7.52 8.08
C ASP E 152 35.48 -7.57 9.60
N ASN E 153 35.72 -6.44 10.27
CA ASN E 153 35.52 -6.35 11.72
C ASN E 153 34.17 -5.73 12.10
N ALA E 154 33.30 -5.53 11.11
CA ALA E 154 32.03 -4.87 11.38
C ALA E 154 31.07 -5.80 12.12
N ILE E 155 30.33 -5.23 13.07
CA ILE E 155 29.32 -5.96 13.83
C ILE E 155 27.97 -5.24 13.74
N PHE E 156 26.91 -6.00 13.49
CA PHE E 156 25.58 -5.43 13.27
C PHE E 156 24.56 -5.97 14.26
N GLY E 157 23.61 -5.12 14.66
CA GLY E 157 22.45 -5.59 15.42
C GLY E 157 21.57 -4.48 15.98
N GLN E 158 20.42 -4.87 16.50
CA GLN E 158 19.56 -3.95 17.23
C GLN E 158 19.64 -4.30 18.73
N THR E 159 19.26 -3.37 19.59
CA THR E 159 19.26 -3.64 21.02
C THR E 159 17.98 -3.15 21.69
N GLY E 160 17.08 -2.56 20.91
CA GLY E 160 15.88 -1.96 21.46
C GLY E 160 15.23 -2.70 22.62
N PRO E 161 14.76 -3.94 22.38
CA PRO E 161 14.08 -4.72 23.42
C PRO E 161 14.94 -4.98 24.65
N LYS E 162 16.26 -4.81 24.55
CA LYS E 162 17.15 -4.91 25.72
C LYS E 162 17.32 -3.61 26.48
N VAL E 163 17.27 -2.48 25.76
CA VAL E 163 17.60 -1.20 26.37
C VAL E 163 16.39 -0.26 26.46
N GLY E 164 15.20 -0.83 26.28
CA GLY E 164 13.98 -0.06 26.44
C GLY E 164 13.69 0.89 25.30
N SER E 165 13.96 0.46 24.07
CA SER E 165 13.59 1.26 22.92
C SER E 165 13.13 0.38 21.73
N PHE E 166 12.62 1.02 20.69
CA PHE E 166 12.37 0.36 19.40
C PHE E 166 12.29 1.39 18.30
N ASP E 167 12.64 0.96 17.09
CA ASP E 167 12.40 1.76 15.89
C ASP E 167 11.48 0.95 15.03
N GLY E 168 10.19 1.25 15.15
CA GLY E 168 9.16 0.55 14.42
C GLY E 168 8.79 1.28 13.14
N GLY E 169 9.63 2.25 12.76
CA GLY E 169 9.41 2.96 11.51
C GLY E 169 10.22 2.32 10.41
N TRP E 170 11.12 3.08 9.79
CA TRP E 170 12.01 2.52 8.80
C TRP E 170 12.92 1.46 9.43
N GLY E 171 13.17 1.58 10.75
CA GLY E 171 13.97 0.60 11.46
C GLY E 171 13.42 -0.83 11.36
N ALA E 172 12.11 -0.93 11.14
CA ALA E 172 11.47 -2.24 11.09
C ALA E 172 11.07 -2.56 9.66
N SER E 173 10.05 -1.87 9.16
CA SER E 173 9.55 -2.07 7.79
C SER E 173 10.68 -2.09 6.75
N TYR E 174 11.55 -1.09 6.75
CA TYR E 174 12.60 -1.06 5.74
C TYR E 174 13.64 -2.19 5.90
N MET E 175 13.93 -2.56 7.15
CA MET E 175 14.82 -3.70 7.41
C MET E 175 14.24 -4.96 6.76
N ALA E 176 12.93 -5.14 6.90
CA ALA E 176 12.27 -6.28 6.28
C ALA E 176 12.38 -6.27 4.75
N ARG E 177 12.42 -5.08 4.15
CA ARG E 177 12.57 -4.98 2.68
C ARG E 177 14.02 -5.24 2.25
N ILE E 178 14.92 -5.27 3.22
CA ILE E 178 16.32 -5.61 2.96
C ILE E 178 16.59 -7.10 3.20
N VAL E 179 16.30 -7.59 4.40
CA VAL E 179 16.68 -8.96 4.78
C VAL E 179 15.52 -9.97 4.83
N GLY E 180 14.29 -9.50 4.62
CA GLY E 180 13.13 -10.39 4.69
C GLY E 180 12.50 -10.42 6.09
N GLN E 181 11.24 -10.83 6.15
CA GLN E 181 10.47 -10.77 7.40
C GLN E 181 10.96 -11.73 8.50
N LYS E 182 11.44 -12.92 8.12
CA LYS E 182 11.93 -13.87 9.14
C LYS E 182 13.18 -13.34 9.84
N LYS E 183 14.13 -12.85 9.06
CA LYS E 183 15.39 -12.32 9.63
C LYS E 183 15.13 -11.04 10.41
N ALA E 184 14.26 -10.21 9.87
CA ALA E 184 13.98 -8.92 10.50
C ALA E 184 13.41 -9.20 11.89
N ARG E 185 12.50 -10.17 11.99
CA ARG E 185 11.95 -10.52 13.30
C ARG E 185 13.01 -11.11 14.25
N GLU E 186 13.90 -11.92 13.69
CA GLU E 186 15.02 -12.46 14.48
C GLU E 186 15.90 -11.34 15.06
N ILE E 187 16.32 -10.44 14.17
CA ILE E 187 17.23 -9.35 14.52
C ILE E 187 16.66 -8.51 15.65
N TRP E 188 15.40 -8.10 15.50
CA TRP E 188 14.74 -7.29 16.51
C TRP E 188 14.41 -8.03 17.81
N PHE E 189 13.86 -9.24 17.71
CA PHE E 189 13.32 -9.92 18.90
C PHE E 189 14.42 -10.47 19.83
N LEU E 190 15.51 -10.97 19.26
CA LEU E 190 16.59 -11.52 20.09
C LEU E 190 17.70 -10.52 20.38
N CYS E 191 17.87 -9.52 19.52
CA CYS E 191 18.95 -8.55 19.73
C CYS E 191 20.33 -9.20 19.82
N ARG E 192 20.58 -10.20 18.98
CA ARG E 192 21.94 -10.73 18.85
C ARG E 192 22.83 -9.76 18.07
N GLN E 193 24.13 -10.05 18.04
CA GLN E 193 25.05 -9.34 17.15
C GLN E 193 25.42 -10.26 16.01
N TYR E 194 25.72 -9.68 14.86
CA TYR E 194 26.01 -10.41 13.64
C TYR E 194 27.33 -9.93 13.08
N ASP E 195 28.21 -10.86 12.69
CA ASP E 195 29.46 -10.45 12.09
C ASP E 195 29.29 -10.07 10.62
N ALA E 196 30.37 -9.68 9.97
CA ALA E 196 30.28 -9.12 8.63
C ALA E 196 29.81 -10.17 7.63
N LYS E 197 30.27 -11.40 7.81
CA LYS E 197 29.86 -12.49 6.93
C LYS E 197 28.35 -12.76 7.05
N GLN E 198 27.85 -12.78 8.28
CA GLN E 198 26.43 -13.01 8.51
C GLN E 198 25.61 -11.90 7.84
N ALA E 199 26.08 -10.66 8.00
CA ALA E 199 25.40 -9.52 7.40
C ALA E 199 25.38 -9.67 5.88
N LEU E 200 26.54 -9.97 5.30
CA LEU E 200 26.63 -10.17 3.86
C LEU E 200 25.68 -11.29 3.40
N ASP E 201 25.67 -12.40 4.13
CA ASP E 201 24.89 -13.55 3.71
C ASP E 201 23.39 -13.27 3.69
N MET E 202 22.94 -12.38 4.56
CA MET E 202 21.50 -12.11 4.64
C MET E 202 21.08 -10.95 3.77
N GLY E 203 22.06 -10.34 3.08
CA GLY E 203 21.79 -9.24 2.18
C GLY E 203 21.74 -7.90 2.91
N LEU E 204 22.21 -7.88 4.15
CA LEU E 204 22.17 -6.69 4.98
C LEU E 204 23.18 -5.60 4.57
N VAL E 205 24.35 -6.03 4.07
CA VAL E 205 25.35 -5.10 3.56
C VAL E 205 25.70 -5.51 2.12
N ASN E 206 26.31 -4.61 1.35
CA ASN E 206 26.55 -4.88 -0.07
C ASN E 206 27.86 -5.64 -0.34
N THR E 207 28.85 -5.42 0.50
CA THR E 207 30.11 -6.13 0.33
C THR E 207 30.92 -6.07 1.62
N VAL E 208 31.82 -7.04 1.77
CA VAL E 208 32.72 -7.07 2.90
C VAL E 208 34.16 -7.08 2.39
N VAL E 209 34.97 -6.19 2.94
CA VAL E 209 36.36 -6.06 2.54
C VAL E 209 37.23 -5.96 3.79
N PRO E 210 38.54 -6.20 3.65
CA PRO E 210 39.46 -6.10 4.78
C PRO E 210 39.46 -4.68 5.37
N LEU E 211 39.54 -4.59 6.70
CA LEU E 211 39.45 -3.31 7.37
C LEU E 211 40.40 -2.29 6.75
N ALA E 212 41.63 -2.72 6.48
CA ALA E 212 42.63 -1.82 5.91
C ALA E 212 42.23 -1.31 4.51
N ASP E 213 41.30 -2.00 3.86
CA ASP E 213 40.88 -1.63 2.51
C ASP E 213 39.53 -0.89 2.51
N LEU E 214 39.01 -0.56 3.68
CA LEU E 214 37.64 -0.06 3.79
C LEU E 214 37.39 1.22 2.98
N GLU E 215 38.17 2.26 3.24
CA GLU E 215 37.94 3.53 2.58
C GLU E 215 38.26 3.43 1.09
N LYS E 216 39.34 2.72 0.79
CA LYS E 216 39.77 2.51 -0.59
C LYS E 216 38.64 1.88 -1.42
N GLU E 217 38.01 0.85 -0.89
CA GLU E 217 36.93 0.18 -1.60
C GLU E 217 35.67 1.05 -1.61
N THR E 218 35.40 1.75 -0.51
CA THR E 218 34.23 2.62 -0.45
C THR E 218 34.34 3.72 -1.52
N VAL E 219 35.51 4.31 -1.65
CA VAL E 219 35.77 5.35 -2.64
C VAL E 219 35.63 4.81 -4.05
N ARG E 220 36.06 3.58 -4.28
CA ARG E 220 35.86 2.97 -5.59
C ARG E 220 34.36 2.87 -5.94
N TRP E 221 33.55 2.36 -5.01
CA TRP E 221 32.11 2.30 -5.26
C TRP E 221 31.55 3.68 -5.55
N CYS E 222 32.00 4.67 -4.78
CA CYS E 222 31.56 6.04 -4.96
C CYS E 222 31.91 6.54 -6.34
N ARG E 223 33.16 6.32 -6.74
CA ARG E 223 33.62 6.80 -8.04
C ARG E 223 32.90 6.09 -9.16
N GLU E 224 32.52 4.83 -8.95
CA GLU E 224 31.75 4.12 -9.95
C GLU E 224 30.39 4.82 -10.23
N MET E 225 29.73 5.27 -9.16
CA MET E 225 28.46 5.99 -9.29
C MET E 225 28.69 7.39 -9.86
N LEU E 226 29.81 8.01 -9.50
CA LEU E 226 30.14 9.34 -9.97
C LEU E 226 30.34 9.40 -11.49
N GLN E 227 30.47 8.25 -12.14
CA GLN E 227 30.61 8.18 -13.58
C GLN E 227 29.27 8.17 -14.28
N ASN E 228 28.20 7.95 -13.50
CA ASN E 228 26.87 7.76 -14.06
C ASN E 228 26.00 9.01 -14.01
N SER E 229 24.85 8.96 -14.70
CA SER E 229 23.94 10.11 -14.76
C SER E 229 23.38 10.49 -13.39
N PRO E 230 23.70 11.70 -12.90
CA PRO E 230 23.12 12.13 -11.61
C PRO E 230 21.59 12.15 -11.63
N MET E 231 21.03 12.47 -12.79
CA MET E 231 19.58 12.52 -12.96
C MET E 231 18.96 11.12 -12.90
N ALA E 232 19.54 10.17 -13.64
CA ALA E 232 19.07 8.79 -13.59
C ALA E 232 19.19 8.23 -12.17
N LEU E 233 20.31 8.51 -11.52
CA LEU E 233 20.52 8.09 -10.14
C LEU E 233 19.42 8.60 -9.22
N ARG E 234 19.12 9.90 -9.29
CA ARG E 234 18.11 10.45 -8.37
C ARG E 234 16.71 9.93 -8.69
N CYS E 235 16.39 9.77 -9.96
CA CYS E 235 15.10 9.20 -10.32
C CYS E 235 14.96 7.76 -9.80
N LEU E 236 16.02 6.97 -9.95
CA LEU E 236 15.98 5.59 -9.48
C LEU E 236 15.88 5.51 -7.95
N LYS E 237 16.63 6.35 -7.25
CA LYS E 237 16.53 6.38 -5.80
C LYS E 237 15.09 6.69 -5.35
N ALA E 238 14.48 7.69 -5.98
CA ALA E 238 13.08 8.00 -5.72
C ALA E 238 12.17 6.80 -6.01
N ALA E 239 12.36 6.16 -7.16
CA ALA E 239 11.53 5.03 -7.58
C ALA E 239 11.63 3.88 -6.58
N LEU E 240 12.83 3.65 -6.04
CA LEU E 240 13.02 2.57 -5.09
C LEU E 240 12.41 2.91 -3.73
N ASN E 241 12.50 4.19 -3.32
CA ASN E 241 11.80 4.65 -2.14
C ASN E 241 10.31 4.46 -2.31
N ALA E 242 9.84 4.66 -3.53
CA ALA E 242 8.41 4.68 -3.81
C ALA E 242 7.79 3.31 -3.64
N ASP E 243 8.61 2.26 -3.65
CA ASP E 243 8.06 0.93 -3.39
C ASP E 243 7.73 0.79 -1.91
N CYS E 244 8.19 1.76 -1.11
CA CYS E 244 8.07 1.69 0.35
C CYS E 244 7.22 2.79 0.95
N ASP E 245 7.33 3.99 0.38
CA ASP E 245 6.92 5.22 1.08
C ASP E 245 5.58 5.81 0.62
N GLY E 246 4.74 4.99 0.00
CA GLY E 246 3.42 5.46 -0.39
C GLY E 246 3.46 6.82 -1.05
N GLN E 247 2.59 7.73 -0.62
CA GLN E 247 2.49 9.07 -1.22
C GLN E 247 3.76 9.90 -1.01
N ALA E 248 4.47 9.65 0.08
CA ALA E 248 5.73 10.37 0.28
C ALA E 248 6.70 9.96 -0.83
N GLY E 249 6.66 8.70 -1.21
CA GLY E 249 7.44 8.20 -2.33
C GLY E 249 6.98 8.75 -3.67
N LEU E 250 5.67 8.82 -3.88
CA LEU E 250 5.12 9.47 -5.07
C LEU E 250 5.61 10.92 -5.18
N GLN E 251 5.66 11.60 -4.04
CA GLN E 251 6.12 12.99 -4.06
C GLN E 251 7.53 13.09 -4.65
N GLU E 252 8.42 12.19 -4.27
CA GLU E 252 9.80 12.24 -4.75
C GLU E 252 9.86 11.88 -6.23
N LEU E 253 9.16 10.81 -6.57
CA LEU E 253 9.18 10.32 -7.94
C LEU E 253 8.54 11.34 -8.89
N ALA E 254 7.30 11.74 -8.58
CA ALA E 254 6.61 12.75 -9.38
C ALA E 254 7.37 14.07 -9.41
N GLY E 255 7.98 14.43 -8.29
CA GLY E 255 8.76 15.66 -8.19
C GLY E 255 9.86 15.65 -9.25
N ASN E 256 10.52 14.50 -9.40
CA ASN E 256 11.55 14.35 -10.42
C ASN E 256 10.96 14.42 -11.82
N ALA E 257 9.79 13.83 -12.02
CA ALA E 257 9.08 13.97 -13.29
C ALA E 257 8.81 15.45 -13.62
N THR E 258 8.43 16.22 -12.62
CA THR E 258 8.17 17.64 -12.81
C THR E 258 9.46 18.36 -13.25
N MET E 259 10.56 18.09 -12.55
CA MET E 259 11.83 18.69 -12.90
C MET E 259 12.17 18.45 -14.37
N LEU E 260 11.99 17.21 -14.81
CA LEU E 260 12.24 16.82 -16.19
C LEU E 260 11.28 17.52 -17.16
N PHE E 261 10.00 17.56 -16.81
CA PHE E 261 9.02 18.27 -17.63
C PHE E 261 9.41 19.75 -17.83
N TYR E 262 9.92 20.38 -16.78
CA TYR E 262 10.34 21.78 -16.88
C TYR E 262 11.46 21.96 -17.90
N MET E 263 12.19 20.88 -18.18
CA MET E 263 13.29 20.93 -19.13
C MET E 263 12.86 20.69 -20.56
N THR E 264 11.56 20.48 -20.79
CA THR E 264 11.07 20.24 -22.14
C THR E 264 10.44 21.49 -22.73
N GLU E 265 10.37 21.54 -24.05
CA GLU E 265 9.74 22.65 -24.73
C GLU E 265 8.24 22.71 -24.43
N GLU E 266 7.60 21.56 -24.30
CA GLU E 266 6.16 21.56 -24.01
C GLU E 266 5.90 22.20 -22.65
N GLY E 267 6.66 21.78 -21.64
CA GLY E 267 6.55 22.40 -20.34
C GLY E 267 6.81 23.90 -20.43
N GLN E 268 7.90 24.28 -21.08
CA GLN E 268 8.33 25.67 -21.16
C GLN E 268 7.33 26.55 -21.90
N GLU E 269 6.63 25.98 -22.87
CA GLU E 269 5.60 26.75 -23.57
C GLU E 269 4.51 27.23 -22.61
N GLY E 270 4.11 26.36 -21.69
CA GLY E 270 3.16 26.74 -20.66
C GLY E 270 3.62 27.97 -19.88
N ARG E 271 4.87 27.94 -19.43
CA ARG E 271 5.45 29.07 -18.71
C ARG E 271 5.52 30.32 -19.59
N ASN E 272 6.00 30.15 -20.81
CA ASN E 272 6.16 31.29 -21.73
C ASN E 272 4.83 31.96 -22.04
N ALA E 273 3.82 31.15 -22.34
CA ALA E 273 2.49 31.69 -22.62
C ALA E 273 1.95 32.50 -21.44
N PHE E 274 2.13 31.99 -20.22
CA PHE E 274 1.69 32.73 -19.04
C PHE E 274 2.44 34.05 -18.89
N ASN E 275 3.76 34.02 -19.05
CA ASN E 275 4.58 35.22 -18.88
C ASN E 275 4.31 36.26 -19.98
N GLN E 276 3.95 35.77 -21.17
CA GLN E 276 3.69 36.63 -22.32
C GLN E 276 2.22 36.96 -22.43
N LYS E 277 1.46 36.57 -21.40
CA LYS E 277 0.03 36.87 -21.32
C LYS E 277 -0.71 36.49 -22.60
N ARG E 278 -0.58 35.22 -22.99
CA ARG E 278 -1.25 34.70 -24.17
C ARG E 278 -1.65 33.24 -23.92
N GLN E 279 -2.56 32.71 -24.73
CA GLN E 279 -2.95 31.32 -24.64
C GLN E 279 -1.79 30.41 -25.05
N PRO E 280 -1.56 29.32 -24.30
CA PRO E 280 -0.53 28.36 -24.68
C PRO E 280 -0.89 27.66 -25.98
N ASP E 281 0.11 27.28 -26.76
CA ASP E 281 -0.15 26.50 -27.96
C ASP E 281 0.63 25.19 -27.89
N PHE E 282 -0.05 24.13 -27.48
CA PHE E 282 0.61 22.85 -27.25
C PHE E 282 0.54 21.96 -28.49
N SER E 283 -0.18 22.44 -29.51
CA SER E 283 -0.42 21.64 -30.71
C SER E 283 0.88 21.29 -31.44
N LYS E 284 1.92 22.09 -31.22
CA LYS E 284 3.22 21.85 -31.84
C LYS E 284 3.92 20.61 -31.28
N PHE E 285 3.43 20.08 -30.16
CA PHE E 285 4.08 18.94 -29.51
C PHE E 285 3.26 17.66 -29.73
N LYS E 286 3.76 16.80 -30.62
CA LYS E 286 3.06 15.59 -31.00
C LYS E 286 2.75 14.70 -29.79
N ARG E 287 1.60 14.04 -29.84
CA ARG E 287 1.19 13.13 -28.78
C ARG E 287 1.82 11.76 -28.95
N ASN E 288 2.74 11.40 -28.07
CA ASN E 288 3.24 10.03 -28.07
C ASN E 288 2.14 9.05 -27.68
N PRO E 289 2.26 7.79 -28.12
CA PRO E 289 1.34 6.70 -27.79
C PRO E 289 1.42 6.34 -26.29
N ASP F 9 8.47 -37.82 -12.33
CA ASP F 9 8.97 -38.86 -13.22
C ASP F 9 10.00 -38.32 -14.21
N GLU F 10 11.28 -38.60 -13.94
CA GLU F 10 12.37 -38.06 -14.73
C GLU F 10 12.29 -38.44 -16.21
N ALA F 11 11.79 -39.64 -16.48
CA ALA F 11 11.64 -40.09 -17.86
C ALA F 11 10.72 -39.15 -18.64
N MET F 12 9.65 -38.71 -18.00
CA MET F 12 8.68 -37.81 -18.62
C MET F 12 9.21 -36.37 -18.68
N LEU F 13 9.89 -35.95 -17.60
CA LEU F 13 10.37 -34.58 -17.52
C LEU F 13 11.44 -34.30 -18.56
N TYR F 14 12.32 -35.28 -18.80
CA TYR F 14 13.43 -35.10 -19.72
C TYR F 14 13.22 -35.76 -21.09
N ALA F 15 11.99 -36.16 -21.40
CA ALA F 15 11.67 -36.66 -22.74
C ALA F 15 12.00 -35.61 -23.79
N PRO F 16 12.32 -36.03 -25.02
CA PRO F 16 12.56 -35.02 -26.06
C PRO F 16 11.36 -34.09 -26.20
N VAL F 17 11.59 -32.89 -26.71
CA VAL F 17 10.50 -31.96 -26.98
C VAL F 17 10.40 -31.69 -28.48
N GLU F 18 9.17 -31.74 -29.01
CA GLU F 18 8.93 -31.52 -30.42
C GLU F 18 8.30 -30.15 -30.68
N TRP F 19 9.12 -29.18 -31.05
CA TRP F 19 8.65 -27.83 -31.37
C TRP F 19 7.98 -27.74 -32.74
N HIS F 20 6.78 -27.15 -32.78
CA HIS F 20 6.11 -26.81 -34.04
C HIS F 20 6.25 -25.32 -34.29
N ASP F 21 6.65 -24.93 -35.50
CA ASP F 21 6.85 -23.52 -35.80
C ASP F 21 5.56 -22.74 -36.03
N CYS F 22 5.45 -21.59 -35.37
CA CYS F 22 4.27 -20.74 -35.50
C CYS F 22 4.75 -19.30 -35.72
N SER F 23 5.81 -19.15 -36.52
CA SER F 23 6.47 -17.86 -36.71
C SER F 23 5.93 -17.05 -37.89
N GLU F 24 4.94 -17.59 -38.58
CA GLU F 24 4.35 -16.89 -39.73
C GLU F 24 4.05 -15.43 -39.41
N GLY F 25 4.59 -14.53 -40.22
CA GLY F 25 4.30 -13.11 -40.06
C GLY F 25 5.31 -12.33 -39.23
N PHE F 26 6.11 -13.03 -38.44
CA PHE F 26 7.11 -12.36 -37.59
C PHE F 26 8.45 -12.16 -38.31
N GLU F 27 9.08 -11.02 -38.06
CA GLU F 27 10.39 -10.71 -38.60
C GLU F 27 11.50 -10.63 -37.56
N ASP F 28 11.17 -10.26 -36.32
CA ASP F 28 12.19 -10.05 -35.29
C ASP F 28 12.23 -11.15 -34.23
N ILE F 29 11.23 -12.03 -34.22
CA ILE F 29 11.19 -13.09 -33.23
C ILE F 29 10.83 -14.41 -33.89
N ARG F 30 11.07 -15.50 -33.19
CA ARG F 30 10.52 -16.80 -33.56
C ARG F 30 9.46 -17.16 -32.53
N TYR F 31 8.46 -17.91 -32.95
CA TYR F 31 7.39 -18.32 -32.04
C TYR F 31 7.06 -19.77 -32.32
N GLU F 32 7.09 -20.60 -31.28
CA GLU F 32 6.92 -22.03 -31.47
C GLU F 32 6.08 -22.64 -30.35
N LYS F 33 5.51 -23.80 -30.60
CA LYS F 33 4.72 -24.49 -29.59
C LYS F 33 5.06 -25.97 -29.57
N SER F 34 5.08 -26.55 -28.38
CA SER F 34 5.28 -27.98 -28.21
C SER F 34 3.92 -28.66 -28.14
N THR F 35 3.89 -29.95 -28.47
CA THR F 35 2.66 -30.72 -28.42
C THR F 35 2.14 -30.88 -27.00
N ASP F 36 3.03 -30.81 -26.02
CA ASP F 36 2.60 -31.02 -24.63
C ASP F 36 2.33 -29.70 -23.89
N GLY F 37 2.24 -28.59 -24.62
CA GLY F 37 1.70 -27.36 -24.07
C GLY F 37 2.65 -26.24 -23.68
N ILE F 38 3.86 -26.25 -24.22
CA ILE F 38 4.77 -25.14 -24.02
C ILE F 38 4.86 -24.24 -25.25
N ALA F 39 4.66 -22.94 -25.03
CA ALA F 39 4.88 -21.97 -26.09
C ALA F 39 6.22 -21.30 -25.86
N LYS F 40 7.02 -21.12 -26.91
CA LYS F 40 8.31 -20.46 -26.77
C LYS F 40 8.43 -19.24 -27.68
N ILE F 41 8.73 -18.09 -27.09
CA ILE F 41 8.93 -16.85 -27.81
C ILE F 41 10.41 -16.53 -27.80
N THR F 42 11.01 -16.46 -28.98
CA THR F 42 12.46 -16.25 -29.08
C THR F 42 12.76 -14.93 -29.77
N ILE F 43 13.42 -14.02 -29.05
CA ILE F 43 13.86 -12.77 -29.67
C ILE F 43 14.95 -13.13 -30.68
N ASN F 44 14.77 -12.75 -31.93
CA ASN F 44 15.68 -13.19 -32.98
C ASN F 44 16.41 -12.04 -33.64
N ARG F 45 17.24 -11.34 -32.87
CA ARG F 45 18.07 -10.28 -33.40
C ARG F 45 19.47 -10.39 -32.81
N PRO F 46 20.09 -11.57 -32.95
CA PRO F 46 21.38 -11.82 -32.28
C PRO F 46 22.47 -10.84 -32.71
N GLN F 47 22.31 -10.23 -33.88
CA GLN F 47 23.33 -9.30 -34.37
C GLN F 47 23.44 -8.08 -33.45
N VAL F 48 22.35 -7.76 -32.76
CA VAL F 48 22.36 -6.67 -31.78
C VAL F 48 22.18 -7.16 -30.33
N ARG F 49 22.61 -8.40 -30.08
CA ARG F 49 22.45 -9.05 -28.78
C ARG F 49 20.99 -9.07 -28.36
N ASN F 50 20.12 -9.25 -29.35
CA ASN F 50 18.69 -9.38 -29.12
C ASN F 50 18.05 -8.17 -28.43
N ALA F 51 18.55 -6.99 -28.75
CA ALA F 51 17.90 -5.74 -28.37
C ALA F 51 16.54 -5.67 -29.08
N PHE F 52 15.56 -5.08 -28.40
CA PHE F 52 14.24 -4.94 -29.00
C PHE F 52 14.02 -3.56 -29.60
N ARG F 53 13.49 -3.52 -30.82
CA ARG F 53 13.00 -2.28 -31.41
C ARG F 53 11.48 -2.36 -31.37
N PRO F 54 10.78 -1.23 -31.61
CA PRO F 54 9.32 -1.28 -31.45
C PRO F 54 8.63 -2.44 -32.18
N LEU F 55 9.07 -2.78 -33.39
CA LEU F 55 8.50 -3.94 -34.09
C LEU F 55 8.67 -5.21 -33.27
N THR F 56 9.84 -5.37 -32.67
CA THR F 56 10.13 -6.59 -31.92
C THR F 56 9.11 -6.75 -30.80
N VAL F 57 8.90 -5.65 -30.06
CA VAL F 57 7.99 -5.67 -28.95
C VAL F 57 6.57 -5.96 -29.41
N LYS F 58 6.17 -5.34 -30.52
CA LYS F 58 4.86 -5.55 -31.12
C LYS F 58 4.62 -7.05 -31.42
N GLU F 59 5.67 -7.70 -31.93
CA GLU F 59 5.56 -9.12 -32.25
C GLU F 59 5.52 -10.00 -30.98
N MET F 60 6.34 -9.67 -29.98
CA MET F 60 6.30 -10.43 -28.73
C MET F 60 4.92 -10.35 -28.10
N ILE F 61 4.34 -9.15 -28.12
CA ILE F 61 2.96 -8.96 -27.66
C ILE F 61 1.96 -9.86 -28.40
N GLN F 62 2.00 -9.84 -29.73
CA GLN F 62 1.10 -10.69 -30.53
C GLN F 62 1.28 -12.17 -30.20
N ALA F 63 2.54 -12.58 -30.07
CA ALA F 63 2.85 -13.97 -29.74
C ALA F 63 2.28 -14.35 -28.39
N LEU F 64 2.53 -13.51 -27.39
CA LEU F 64 2.10 -13.81 -26.02
C LEU F 64 0.57 -13.82 -25.93
N ALA F 65 -0.08 -13.02 -26.77
CA ALA F 65 -1.54 -13.02 -26.83
C ALA F 65 -2.02 -14.34 -27.40
N ASP F 66 -1.36 -14.80 -28.45
CA ASP F 66 -1.72 -16.07 -29.05
C ASP F 66 -1.60 -17.20 -28.01
N ALA F 67 -0.53 -17.17 -27.24
CA ALA F 67 -0.30 -18.19 -26.23
C ALA F 67 -1.36 -18.15 -25.13
N ARG F 68 -1.73 -16.94 -24.69
CA ARG F 68 -2.80 -16.78 -23.71
C ARG F 68 -4.11 -17.45 -24.17
N TYR F 69 -4.44 -17.28 -25.45
CA TYR F 69 -5.73 -17.76 -25.96
C TYR F 69 -5.74 -19.21 -26.48
N ASP F 70 -4.57 -19.81 -26.59
CA ASP F 70 -4.47 -21.21 -27.04
C ASP F 70 -4.66 -22.12 -25.82
N ASP F 71 -5.78 -22.83 -25.76
CA ASP F 71 -6.10 -23.56 -24.54
C ASP F 71 -5.24 -24.83 -24.33
N ASN F 72 -4.42 -25.16 -25.32
CA ASN F 72 -3.44 -26.25 -25.20
C ASN F 72 -2.11 -25.79 -24.62
N ILE F 73 -1.90 -24.48 -24.56
CA ILE F 73 -0.67 -23.94 -23.98
C ILE F 73 -0.90 -23.69 -22.49
N GLY F 74 0.06 -24.09 -21.67
CA GLY F 74 -0.08 -23.95 -20.22
C GLY F 74 1.06 -23.12 -19.64
N VAL F 75 2.16 -23.05 -20.39
CA VAL F 75 3.36 -22.34 -19.94
C VAL F 75 4.06 -21.68 -21.11
N ILE F 76 4.64 -20.50 -20.87
CA ILE F 76 5.37 -19.78 -21.93
C ILE F 76 6.82 -19.60 -21.58
N ILE F 77 7.70 -19.91 -22.53
CA ILE F 77 9.11 -19.62 -22.38
C ILE F 77 9.47 -18.38 -23.17
N LEU F 78 10.23 -17.48 -22.55
CA LEU F 78 10.79 -16.33 -23.24
C LEU F 78 12.29 -16.45 -23.29
N THR F 79 12.89 -16.23 -24.45
CA THR F 79 14.33 -16.43 -24.59
C THR F 79 14.90 -15.64 -25.76
N GLY F 80 16.23 -15.63 -25.88
CA GLY F 80 16.89 -14.96 -26.99
C GLY F 80 17.53 -15.98 -27.91
N ALA F 81 17.64 -15.63 -29.19
CA ALA F 81 18.31 -16.49 -30.19
C ALA F 81 19.81 -16.56 -29.91
N GLY F 82 20.39 -17.76 -30.06
CA GLY F 82 21.82 -17.93 -29.82
C GLY F 82 22.16 -18.18 -28.37
N ASP F 83 23.45 -18.23 -28.06
CA ASP F 83 23.93 -18.50 -26.71
C ASP F 83 24.54 -17.25 -26.04
N LYS F 84 24.61 -16.16 -26.79
CA LYS F 84 25.34 -14.97 -26.31
C LYS F 84 24.47 -13.95 -25.58
N ALA F 85 23.19 -13.90 -25.94
CA ALA F 85 22.29 -12.90 -25.36
C ALA F 85 20.86 -13.40 -25.22
N PHE F 86 20.27 -13.10 -24.08
CA PHE F 86 18.83 -13.22 -23.86
C PHE F 86 18.18 -11.98 -24.48
N CYS F 87 18.68 -10.81 -24.10
CA CYS F 87 18.16 -9.53 -24.59
C CYS F 87 18.95 -8.41 -23.95
N SER F 88 19.47 -7.50 -24.75
CA SER F 88 20.24 -6.38 -24.25
C SER F 88 19.39 -5.10 -24.10
N GLY F 89 18.07 -5.25 -24.10
CA GLY F 89 17.20 -4.12 -23.85
C GLY F 89 16.82 -3.35 -25.10
N GLY F 90 16.42 -2.10 -24.91
CA GLY F 90 16.00 -1.24 -26.01
C GLY F 90 17.12 -1.00 -27.00
N ASP F 91 16.78 -1.11 -28.28
CA ASP F 91 17.74 -0.91 -29.36
C ASP F 91 18.12 0.57 -29.47
N GLN F 92 19.27 0.92 -28.89
CA GLN F 92 19.72 2.31 -28.79
C GLN F 92 19.97 2.99 -30.13
N LYS F 93 19.99 2.18 -31.19
CA LYS F 93 20.27 2.72 -32.52
C LYS F 93 19.04 3.39 -33.08
N VAL F 94 17.87 3.04 -32.55
CA VAL F 94 16.63 3.66 -33.03
C VAL F 94 15.94 4.47 -31.96
N ARG F 95 16.62 4.69 -30.85
CA ARG F 95 16.09 5.52 -29.78
C ARG F 95 16.12 6.99 -30.20
N GLY F 96 14.94 7.60 -30.29
CA GLY F 96 14.82 8.97 -30.74
C GLY F 96 15.02 9.98 -29.64
N ASP F 97 14.96 11.26 -30.00
CA ASP F 97 15.04 12.36 -29.03
C ASP F 97 13.66 12.59 -28.40
N TYR F 98 12.60 12.35 -29.16
CA TYR F 98 11.26 12.66 -28.70
C TYR F 98 10.62 11.56 -27.84
N GLY F 99 11.32 11.15 -26.79
CA GLY F 99 10.73 10.32 -25.75
C GLY F 99 10.38 8.90 -26.12
N GLY F 100 11.22 8.24 -26.90
CA GLY F 100 10.95 6.86 -27.26
C GLY F 100 11.77 6.34 -28.42
N TYR F 101 11.50 5.11 -28.83
CA TYR F 101 12.18 4.47 -29.96
C TYR F 101 11.38 4.66 -31.23
N LYS F 102 12.08 5.06 -32.30
CA LYS F 102 11.44 5.37 -33.58
C LYS F 102 11.18 4.12 -34.42
N ASP F 103 9.94 3.97 -34.88
CA ASP F 103 9.64 2.94 -35.86
C ASP F 103 9.86 3.55 -37.23
N ASP F 104 9.72 2.75 -38.27
CA ASP F 104 10.02 3.23 -39.62
C ASP F 104 9.09 4.36 -40.06
N SER F 105 8.02 4.60 -39.30
CA SER F 105 7.11 5.70 -39.57
C SER F 105 7.48 6.98 -38.83
N GLY F 106 8.50 6.89 -37.99
CA GLY F 106 8.92 8.04 -37.19
C GLY F 106 8.16 8.21 -35.88
N VAL F 107 7.24 7.30 -35.58
CA VAL F 107 6.53 7.36 -34.29
C VAL F 107 7.47 6.87 -33.19
N HIS F 108 7.49 7.59 -32.07
CA HIS F 108 8.34 7.23 -30.93
C HIS F 108 7.57 6.35 -29.94
N HIS F 109 8.07 5.14 -29.70
CA HIS F 109 7.40 4.18 -28.82
C HIS F 109 8.16 3.87 -27.54
N LEU F 110 7.40 3.49 -26.50
CA LEU F 110 7.93 2.80 -25.34
C LEU F 110 7.08 1.56 -25.10
N ASN F 111 6.79 0.83 -26.16
CA ASN F 111 5.82 -0.25 -26.07
C ASN F 111 6.26 -1.45 -25.23
N VAL F 112 7.50 -1.48 -24.78
CA VAL F 112 7.89 -2.54 -23.86
C VAL F 112 7.06 -2.46 -22.56
N LEU F 113 6.57 -1.26 -22.25
CA LEU F 113 5.71 -1.09 -21.07
C LEU F 113 4.42 -1.92 -21.20
N ASP F 114 3.86 -1.99 -22.40
CA ASP F 114 2.72 -2.87 -22.67
C ASP F 114 3.11 -4.34 -22.52
N PHE F 115 4.28 -4.71 -23.02
CA PHE F 115 4.71 -6.11 -22.92
C PHE F 115 4.93 -6.47 -21.43
N GLN F 116 5.45 -5.55 -20.64
CA GLN F 116 5.61 -5.83 -19.21
C GLN F 116 4.26 -6.15 -18.56
N ARG F 117 3.26 -5.32 -18.84
CA ARG F 117 1.93 -5.51 -18.25
CA ARG F 117 1.96 -5.52 -18.23
C ARG F 117 1.31 -6.82 -18.72
N GLN F 118 1.57 -7.15 -19.98
CA GLN F 118 1.00 -8.36 -20.57
C GLN F 118 1.56 -9.63 -19.91
N ILE F 119 2.86 -9.64 -19.68
CA ILE F 119 3.51 -10.74 -18.97
C ILE F 119 2.94 -10.83 -17.56
N ARG F 120 2.84 -9.67 -16.92
CA ARG F 120 2.33 -9.58 -15.56
C ARG F 120 0.95 -10.19 -15.44
N THR F 121 0.06 -9.88 -16.38
CA THR F 121 -1.33 -10.28 -16.28
C THR F 121 -1.63 -11.60 -16.98
N CYS F 122 -0.62 -12.18 -17.61
CA CYS F 122 -0.80 -13.49 -18.25
C CYS F 122 -1.15 -14.57 -17.21
N PRO F 123 -2.29 -15.27 -17.40
CA PRO F 123 -2.73 -16.22 -16.38
C PRO F 123 -1.93 -17.52 -16.39
N LYS F 124 -0.99 -17.64 -17.32
CA LYS F 124 -0.13 -18.81 -17.40
C LYS F 124 1.26 -18.37 -16.99
N PRO F 125 2.01 -19.28 -16.33
CA PRO F 125 3.37 -18.94 -15.93
C PRO F 125 4.26 -18.62 -17.13
N VAL F 126 5.10 -17.59 -16.99
CA VAL F 126 6.05 -17.22 -18.02
C VAL F 126 7.47 -17.42 -17.50
N VAL F 127 8.29 -18.16 -18.24
CA VAL F 127 9.61 -18.53 -17.78
C VAL F 127 10.69 -17.91 -18.65
N ALA F 128 11.58 -17.14 -18.04
CA ALA F 128 12.72 -16.61 -18.77
C ALA F 128 13.80 -17.68 -18.84
N MET F 129 14.25 -17.98 -20.06
CA MET F 129 15.32 -18.94 -20.26
C MET F 129 16.52 -18.17 -20.75
N VAL F 130 17.46 -17.94 -19.85
CA VAL F 130 18.53 -16.99 -20.11
C VAL F 130 19.89 -17.62 -20.38
N ALA F 131 20.40 -17.39 -21.59
CA ALA F 131 21.78 -17.69 -21.93
C ALA F 131 22.46 -16.37 -22.23
N GLY F 132 23.70 -16.21 -21.77
CA GLY F 132 24.44 -14.99 -22.02
C GLY F 132 23.79 -13.77 -21.38
N TYR F 133 23.91 -12.63 -22.05
CA TYR F 133 23.51 -11.33 -21.48
C TYR F 133 22.01 -11.12 -21.30
N SER F 134 21.62 -10.79 -20.08
CA SER F 134 20.31 -10.22 -19.81
C SER F 134 20.55 -8.83 -19.22
N ILE F 135 20.47 -7.81 -20.08
CA ILE F 135 20.93 -6.48 -19.70
C ILE F 135 19.92 -5.37 -20.02
N GLY F 136 19.88 -4.36 -19.14
CA GLY F 136 19.03 -3.20 -19.34
C GLY F 136 17.56 -3.57 -19.34
N GLY F 137 16.85 -3.12 -20.37
CA GLY F 137 15.45 -3.49 -20.54
C GLY F 137 15.29 -4.99 -20.65
N GLY F 138 16.33 -5.65 -21.15
CA GLY F 138 16.30 -7.10 -21.28
C GLY F 138 16.43 -7.77 -19.92
N HIS F 139 17.06 -7.07 -18.99
CA HIS F 139 17.17 -7.60 -17.62
C HIS F 139 15.86 -7.45 -16.86
N VAL F 140 15.15 -6.35 -17.10
CA VAL F 140 13.83 -6.16 -16.52
C VAL F 140 12.89 -7.23 -17.06
N LEU F 141 12.99 -7.52 -18.35
CA LEU F 141 12.17 -8.58 -18.94
C LEU F 141 12.31 -9.94 -18.20
N HIS F 142 13.53 -10.39 -17.94
CA HIS F 142 13.69 -11.67 -17.24
C HIS F 142 13.09 -11.56 -15.83
N MET F 143 13.30 -10.43 -15.17
CA MET F 143 12.72 -10.22 -13.85
C MET F 143 11.19 -10.31 -13.87
N MET F 144 10.56 -9.74 -14.90
CA MET F 144 9.10 -9.76 -15.00
C MET F 144 8.58 -11.18 -15.15
N CYS F 145 9.35 -12.04 -15.82
CA CYS F 145 8.94 -13.42 -15.95
C CYS F 145 8.79 -14.04 -14.56
N ASP F 146 7.80 -14.92 -14.38
CA ASP F 146 7.59 -15.54 -13.08
C ASP F 146 8.85 -16.22 -12.54
N LEU F 147 9.52 -17.00 -13.40
CA LEU F 147 10.73 -17.72 -13.03
C LEU F 147 11.83 -17.48 -14.05
N THR F 148 13.07 -17.67 -13.61
CA THR F 148 14.20 -17.52 -14.52
C THR F 148 15.12 -18.71 -14.38
N ILE F 149 15.39 -19.37 -15.51
CA ILE F 149 16.35 -20.46 -15.57
C ILE F 149 17.56 -19.90 -16.29
N ALA F 150 18.70 -19.91 -15.62
CA ALA F 150 19.89 -19.28 -16.16
C ALA F 150 20.94 -20.31 -16.56
N ALA F 151 21.55 -20.12 -17.73
CA ALA F 151 22.72 -20.91 -18.11
C ALA F 151 23.91 -20.45 -17.30
N ASP F 152 24.93 -21.30 -17.20
CA ASP F 152 26.12 -20.92 -16.46
C ASP F 152 26.91 -19.78 -17.11
N ASN F 153 26.61 -19.49 -18.38
CA ASN F 153 27.23 -18.36 -19.06
C ASN F 153 26.41 -17.07 -18.96
N ALA F 154 25.37 -17.06 -18.13
CA ALA F 154 24.47 -15.91 -18.06
C ALA F 154 25.09 -14.71 -17.32
N ILE F 155 24.78 -13.52 -17.81
CA ILE F 155 25.27 -12.29 -17.20
CA ILE F 155 25.27 -12.29 -17.21
C ILE F 155 24.12 -11.29 -17.07
N PHE F 156 23.97 -10.72 -15.88
CA PHE F 156 22.81 -9.86 -15.59
C PHE F 156 23.23 -8.47 -15.15
N GLY F 157 22.35 -7.49 -15.32
CA GLY F 157 22.62 -6.16 -14.82
C GLY F 157 21.81 -5.09 -15.51
N GLN F 158 21.82 -3.89 -14.93
CA GLN F 158 21.18 -2.73 -15.55
C GLN F 158 22.26 -1.77 -16.06
N THR F 159 21.90 -0.88 -16.99
CA THR F 159 22.84 0.11 -17.53
C THR F 159 22.28 1.54 -17.59
N GLY F 160 21.01 1.69 -17.24
CA GLY F 160 20.32 2.96 -17.35
C GLY F 160 21.13 4.22 -17.02
N PRO F 161 21.66 4.30 -15.78
CA PRO F 161 22.42 5.49 -15.39
C PRO F 161 23.70 5.69 -16.22
N LYS F 162 24.12 4.64 -16.92
CA LYS F 162 25.27 4.75 -17.81
C LYS F 162 24.84 5.16 -19.23
N VAL F 163 23.67 4.72 -19.68
CA VAL F 163 23.26 4.98 -21.06
C VAL F 163 22.10 5.96 -21.19
N GLY F 164 21.83 6.70 -20.11
CA GLY F 164 20.82 7.75 -20.15
C GLY F 164 19.40 7.22 -20.14
N SER F 165 19.13 6.24 -19.27
CA SER F 165 17.78 5.70 -19.13
C SER F 165 17.52 5.27 -17.70
N PHE F 166 16.27 4.89 -17.42
CA PHE F 166 15.95 4.21 -16.18
C PHE F 166 14.58 3.57 -16.23
N ASP F 167 14.44 2.44 -15.55
CA ASP F 167 13.13 1.83 -15.36
C ASP F 167 12.78 1.97 -13.88
N GLY F 168 12.00 3.01 -13.56
CA GLY F 168 11.60 3.25 -12.18
C GLY F 168 10.26 2.63 -11.84
N GLY F 169 9.78 1.76 -12.72
CA GLY F 169 8.54 1.05 -12.47
C GLY F 169 8.82 -0.32 -11.88
N TRP F 170 8.37 -1.37 -12.55
CA TRP F 170 8.65 -2.73 -12.09
C TRP F 170 10.16 -3.02 -12.13
N GLY F 171 10.90 -2.31 -12.97
CA GLY F 171 12.34 -2.49 -13.05
C GLY F 171 13.04 -2.11 -11.76
N ALA F 172 12.38 -1.31 -10.94
CA ALA F 172 12.96 -0.91 -9.66
C ALA F 172 12.23 -1.56 -8.48
N SER F 173 11.00 -1.14 -8.24
CA SER F 173 10.21 -1.71 -7.15
C SER F 173 10.17 -3.24 -7.17
N TYR F 174 9.87 -3.85 -8.31
CA TYR F 174 9.75 -5.31 -8.35
C TYR F 174 11.10 -6.00 -8.17
N MET F 175 12.16 -5.39 -8.72
CA MET F 175 13.50 -5.93 -8.47
C MET F 175 13.75 -6.01 -6.95
N ALA F 176 13.39 -4.96 -6.23
CA ALA F 176 13.57 -4.94 -4.79
C ALA F 176 12.77 -6.03 -4.09
N ARG F 177 11.62 -6.40 -4.66
CA ARG F 177 10.82 -7.51 -4.13
C ARG F 177 11.48 -8.85 -4.44
N ILE F 178 12.51 -8.82 -5.29
CA ILE F 178 13.25 -10.05 -5.59
C ILE F 178 14.55 -10.17 -4.81
N VAL F 179 15.38 -9.12 -4.86
CA VAL F 179 16.73 -9.19 -4.29
C VAL F 179 16.91 -8.33 -3.03
N GLY F 180 15.87 -7.62 -2.62
CA GLY F 180 16.00 -6.72 -1.48
C GLY F 180 16.54 -5.36 -1.86
N GLN F 181 16.29 -4.37 -0.99
CA GLN F 181 16.55 -2.97 -1.29
C GLN F 181 18.03 -2.59 -1.40
N LYS F 182 18.89 -3.23 -0.61
CA LYS F 182 20.32 -2.95 -0.69
C LYS F 182 20.89 -3.40 -2.02
N LYS F 183 20.57 -4.63 -2.42
CA LYS F 183 21.08 -5.17 -3.68
C LYS F 183 20.49 -4.42 -4.86
N ALA F 184 19.22 -4.02 -4.75
CA ALA F 184 18.57 -3.35 -5.86
C ALA F 184 19.19 -1.95 -6.11
N ARG F 185 19.51 -1.25 -5.04
CA ARG F 185 20.19 0.04 -5.17
C ARG F 185 21.61 -0.14 -5.72
N GLU F 186 22.26 -1.23 -5.33
CA GLU F 186 23.57 -1.55 -5.86
C GLU F 186 23.50 -1.80 -7.37
N ILE F 187 22.58 -2.68 -7.78
CA ILE F 187 22.46 -3.05 -9.18
C ILE F 187 22.18 -1.81 -10.06
N TRP F 188 21.28 -0.96 -9.60
CA TRP F 188 20.93 0.24 -10.36
C TRP F 188 22.01 1.33 -10.34
N PHE F 189 22.56 1.62 -9.16
CA PHE F 189 23.41 2.80 -9.02
C PHE F 189 24.78 2.61 -9.65
N LEU F 190 25.31 1.39 -9.63
CA LEU F 190 26.66 1.13 -10.12
C LEU F 190 26.69 0.53 -11.52
N CYS F 191 25.61 -0.13 -11.90
CA CYS F 191 25.50 -0.73 -13.22
C CYS F 191 26.61 -1.75 -13.50
N ARG F 192 26.96 -2.55 -12.50
CA ARG F 192 27.90 -3.66 -12.70
C ARG F 192 27.22 -4.80 -13.42
N GLN F 193 28.02 -5.75 -13.87
CA GLN F 193 27.48 -6.98 -14.42
C GLN F 193 27.63 -8.07 -13.37
N TYR F 194 26.68 -8.99 -13.31
CA TYR F 194 26.73 -10.07 -12.35
C TYR F 194 26.66 -11.41 -13.05
N ASP F 195 27.52 -12.34 -12.65
CA ASP F 195 27.50 -13.65 -13.28
C ASP F 195 26.41 -14.53 -12.70
N ALA F 196 26.28 -15.74 -13.21
CA ALA F 196 25.17 -16.61 -12.87
C ALA F 196 25.14 -16.98 -11.38
N LYS F 197 26.31 -17.28 -10.81
CA LYS F 197 26.40 -17.63 -9.40
C LYS F 197 26.02 -16.44 -8.50
N GLN F 198 26.53 -15.26 -8.83
CA GLN F 198 26.14 -14.05 -8.11
C GLN F 198 24.63 -13.87 -8.15
N ALA F 199 24.05 -14.06 -9.33
CA ALA F 199 22.61 -13.93 -9.52
C ALA F 199 21.81 -14.93 -8.68
N LEU F 200 22.21 -16.18 -8.74
CA LEU F 200 21.55 -17.21 -7.94
C LEU F 200 21.68 -16.85 -6.46
N ASP F 201 22.89 -16.43 -6.05
CA ASP F 201 23.16 -16.13 -4.65
C ASP F 201 22.29 -14.97 -4.12
N MET F 202 21.83 -14.09 -5.00
CA MET F 202 21.01 -12.98 -4.51
C MET F 202 19.51 -13.20 -4.68
N GLY F 203 19.14 -14.33 -5.30
CA GLY F 203 17.74 -14.68 -5.45
C GLY F 203 17.17 -14.14 -6.75
N LEU F 204 18.05 -13.69 -7.63
CA LEU F 204 17.68 -13.07 -8.89
C LEU F 204 17.15 -14.07 -9.91
N VAL F 205 17.67 -15.29 -9.88
CA VAL F 205 17.23 -16.36 -10.78
C VAL F 205 16.90 -17.58 -9.95
N ASN F 206 16.11 -18.49 -10.50
CA ASN F 206 15.69 -19.66 -9.73
C ASN F 206 16.72 -20.78 -9.69
N THR F 207 17.49 -20.92 -10.75
CA THR F 207 18.51 -21.96 -10.82
C THR F 207 19.52 -21.62 -11.91
N VAL F 208 20.68 -22.26 -11.81
CA VAL F 208 21.74 -22.11 -12.79
C VAL F 208 22.10 -23.51 -13.27
N VAL F 209 22.14 -23.70 -14.59
CA VAL F 209 22.49 -24.99 -15.15
C VAL F 209 23.54 -24.81 -16.22
N PRO F 210 24.28 -25.88 -16.53
CA PRO F 210 25.25 -25.84 -17.64
C PRO F 210 24.56 -25.40 -18.92
N LEU F 211 25.25 -24.61 -19.73
CA LEU F 211 24.65 -24.06 -20.94
C LEU F 211 24.02 -25.10 -21.86
N ALA F 212 24.68 -26.24 -22.01
CA ALA F 212 24.18 -27.31 -22.88
C ALA F 212 22.86 -27.89 -22.39
N ASP F 213 22.61 -27.78 -21.08
CA ASP F 213 21.40 -28.31 -20.47
C ASP F 213 20.28 -27.26 -20.36
N LEU F 214 20.52 -26.05 -20.85
CA LEU F 214 19.59 -24.95 -20.56
C LEU F 214 18.16 -25.28 -20.96
N GLU F 215 17.94 -25.65 -22.22
CA GLU F 215 16.58 -25.93 -22.64
C GLU F 215 16.01 -27.18 -21.98
N LYS F 216 16.87 -28.18 -21.80
CA LYS F 216 16.44 -29.42 -21.16
C LYS F 216 15.90 -29.18 -19.74
N GLU F 217 16.56 -28.32 -18.97
CA GLU F 217 16.11 -28.04 -17.61
C GLU F 217 14.87 -27.15 -17.61
N THR F 218 14.87 -26.15 -18.50
CA THR F 218 13.73 -25.24 -18.62
C THR F 218 12.47 -26.03 -18.95
N VAL F 219 12.58 -26.94 -19.92
CA VAL F 219 11.43 -27.77 -20.28
C VAL F 219 10.99 -28.66 -19.09
N ARG F 220 11.96 -29.16 -18.33
CA ARG F 220 11.60 -29.92 -17.13
C ARG F 220 10.77 -29.06 -16.15
N TRP F 221 11.25 -27.86 -15.86
CA TRP F 221 10.50 -26.97 -14.99
C TRP F 221 9.10 -26.70 -15.56
N CYS F 222 9.03 -26.43 -16.86
CA CYS F 222 7.74 -26.19 -17.50
C CYS F 222 6.80 -27.37 -17.32
N ARG F 223 7.31 -28.58 -17.57
CA ARG F 223 6.50 -29.80 -17.42
C ARG F 223 6.02 -30.07 -15.98
N GLU F 224 6.84 -29.76 -14.99
CA GLU F 224 6.38 -29.90 -13.61
C GLU F 224 5.17 -29.00 -13.36
N MET F 225 5.21 -27.77 -13.86
CA MET F 225 4.05 -26.87 -13.75
C MET F 225 2.86 -27.38 -14.57
N LEU F 226 3.14 -28.01 -15.72
CA LEU F 226 2.06 -28.51 -16.58
C LEU F 226 1.31 -29.70 -15.97
N GLN F 227 1.88 -30.31 -14.93
CA GLN F 227 1.19 -31.38 -14.21
C GLN F 227 0.19 -30.82 -13.22
N ASN F 228 0.25 -29.50 -12.98
CA ASN F 228 -0.51 -28.91 -11.89
C ASN F 228 -1.80 -28.23 -12.34
N SER F 229 -2.63 -27.83 -11.38
CA SER F 229 -3.91 -27.19 -11.67
C SER F 229 -3.72 -25.83 -12.33
N PRO F 230 -4.24 -25.68 -13.56
CA PRO F 230 -4.15 -24.37 -14.23
C PRO F 230 -4.92 -23.29 -13.46
N MET F 231 -6.06 -23.67 -12.88
CA MET F 231 -6.81 -22.72 -12.09
C MET F 231 -5.99 -22.24 -10.88
N ALA F 232 -5.43 -23.20 -10.16
CA ALA F 232 -4.62 -22.87 -9.00
C ALA F 232 -3.46 -21.98 -9.40
N LEU F 233 -2.79 -22.32 -10.50
CA LEU F 233 -1.65 -21.53 -10.92
C LEU F 233 -2.03 -20.05 -11.17
N ARG F 234 -3.13 -19.84 -11.88
CA ARG F 234 -3.50 -18.46 -12.25
C ARG F 234 -3.93 -17.68 -11.00
N CYS F 235 -4.63 -18.34 -10.09
CA CYS F 235 -5.01 -17.69 -8.84
C CYS F 235 -3.78 -17.27 -8.04
N LEU F 236 -2.81 -18.17 -7.91
CA LEU F 236 -1.59 -17.85 -7.16
C LEU F 236 -0.74 -16.77 -7.85
N LYS F 237 -0.63 -16.81 -9.17
CA LYS F 237 0.09 -15.74 -9.87
C LYS F 237 -0.55 -14.38 -9.55
N ALA F 238 -1.88 -14.32 -9.61
CA ALA F 238 -2.59 -13.09 -9.31
C ALA F 238 -2.36 -12.66 -7.88
N ALA F 239 -2.43 -13.62 -6.96
CA ALA F 239 -2.22 -13.36 -5.53
C ALA F 239 -0.83 -12.79 -5.24
N LEU F 240 0.18 -13.33 -5.94
CA LEU F 240 1.55 -12.86 -5.75
C LEU F 240 1.75 -11.45 -6.39
N ASN F 241 1.11 -11.24 -7.54
CA ASN F 241 1.10 -9.90 -8.13
C ASN F 241 0.43 -8.92 -7.17
N ALA F 242 -0.61 -9.40 -6.49
CA ALA F 242 -1.42 -8.54 -5.65
C ALA F 242 -0.65 -8.02 -4.42
N ASP F 243 0.46 -8.66 -4.06
CA ASP F 243 1.30 -8.11 -3.00
C ASP F 243 2.04 -6.86 -3.47
N CYS F 244 2.02 -6.60 -4.79
CA CYS F 244 2.80 -5.51 -5.37
C CYS F 244 1.96 -4.43 -6.03
N ASP F 245 0.87 -4.84 -6.68
CA ASP F 245 0.21 -4.00 -7.68
C ASP F 245 -1.09 -3.34 -7.21
N GLY F 246 -1.29 -3.25 -5.91
CA GLY F 246 -2.45 -2.54 -5.37
C GLY F 246 -3.77 -2.91 -6.04
N GLN F 247 -4.55 -1.90 -6.43
CA GLN F 247 -5.85 -2.18 -7.04
C GLN F 247 -5.76 -2.97 -8.35
N ALA F 248 -4.69 -2.74 -9.11
CA ALA F 248 -4.47 -3.54 -10.32
C ALA F 248 -4.32 -5.04 -9.97
N GLY F 249 -3.66 -5.32 -8.85
CA GLY F 249 -3.50 -6.68 -8.37
C GLY F 249 -4.83 -7.25 -7.87
N LEU F 250 -5.59 -6.42 -7.16
CA LEU F 250 -6.93 -6.80 -6.74
C LEU F 250 -7.80 -7.14 -7.95
N GLN F 251 -7.67 -6.36 -9.03
CA GLN F 251 -8.42 -6.65 -10.25
C GLN F 251 -8.17 -8.07 -10.73
N GLU F 252 -6.91 -8.47 -10.75
CA GLU F 252 -6.54 -9.81 -11.19
C GLU F 252 -7.08 -10.88 -10.23
N LEU F 253 -6.76 -10.72 -8.95
CA LEU F 253 -7.16 -11.68 -7.93
C LEU F 253 -8.67 -11.82 -7.86
N ALA F 254 -9.38 -10.70 -7.73
CA ALA F 254 -10.83 -10.73 -7.64
C ALA F 254 -11.45 -11.27 -8.92
N GLY F 255 -10.82 -10.96 -10.05
CA GLY F 255 -11.31 -11.40 -11.34
C GLY F 255 -11.37 -12.92 -11.38
N ASN F 256 -10.39 -13.56 -10.76
CA ASN F 256 -10.37 -15.02 -10.68
C ASN F 256 -11.44 -15.55 -9.73
N ALA F 257 -11.66 -14.84 -8.63
CA ALA F 257 -12.75 -15.18 -7.74
C ALA F 257 -14.08 -15.08 -8.49
N THR F 258 -14.21 -14.08 -9.35
CA THR F 258 -15.44 -13.92 -10.14
C THR F 258 -15.63 -15.11 -11.09
N MET F 259 -14.55 -15.46 -11.79
CA MET F 259 -14.59 -16.64 -12.65
C MET F 259 -15.08 -17.90 -11.90
N LEU F 260 -14.53 -18.14 -10.72
CA LEU F 260 -14.90 -19.32 -9.92
C LEU F 260 -16.35 -19.26 -9.42
N PHE F 261 -16.80 -18.07 -9.05
CA PHE F 261 -18.18 -17.87 -8.61
C PHE F 261 -19.16 -18.20 -9.77
N TYR F 262 -18.79 -17.85 -10.99
CA TYR F 262 -19.62 -18.14 -12.16
C TYR F 262 -19.79 -19.65 -12.34
N MET F 263 -18.85 -20.43 -11.80
CA MET F 263 -18.91 -21.88 -11.93
C MET F 263 -19.72 -22.54 -10.82
N THR F 264 -20.28 -21.75 -9.91
CA THR F 264 -21.06 -22.30 -8.80
C THR F 264 -22.55 -22.18 -9.07
N GLU F 265 -23.32 -23.06 -8.47
CA GLU F 265 -24.76 -23.02 -8.61
C GLU F 265 -25.37 -21.74 -8.06
N GLU F 266 -24.76 -21.20 -7.00
CA GLU F 266 -25.23 -19.93 -6.44
C GLU F 266 -25.11 -18.78 -7.45
N GLY F 267 -23.94 -18.64 -8.08
CA GLY F 267 -23.75 -17.60 -9.08
C GLY F 267 -24.69 -17.82 -10.26
N GLN F 268 -24.78 -19.06 -10.70
CA GLN F 268 -25.64 -19.42 -11.82
C GLN F 268 -27.14 -19.15 -11.59
N GLU F 269 -27.61 -19.30 -10.35
CA GLU F 269 -28.99 -18.98 -10.03
C GLU F 269 -29.29 -17.50 -10.32
N GLY F 270 -28.30 -16.63 -10.09
CA GLY F 270 -28.49 -15.21 -10.33
C GLY F 270 -28.70 -14.95 -11.81
N ARG F 271 -27.87 -15.55 -12.66
CA ARG F 271 -28.04 -15.42 -14.12
C ARG F 271 -29.37 -16.02 -14.58
N ASN F 272 -29.59 -17.28 -14.21
CA ASN F 272 -30.84 -17.97 -14.56
C ASN F 272 -32.09 -17.14 -14.21
N ALA F 273 -32.12 -16.61 -12.99
CA ALA F 273 -33.26 -15.81 -12.54
C ALA F 273 -33.49 -14.62 -13.45
N PHE F 274 -32.42 -13.91 -13.81
CA PHE F 274 -32.56 -12.74 -14.67
C PHE F 274 -33.08 -13.12 -16.05
N ASN F 275 -32.47 -14.15 -16.64
CA ASN F 275 -32.86 -14.63 -17.95
C ASN F 275 -34.30 -15.12 -17.97
N GLN F 276 -34.76 -15.64 -16.85
CA GLN F 276 -36.12 -16.16 -16.74
C GLN F 276 -37.08 -15.13 -16.16
N LYS F 277 -36.59 -13.91 -16.01
CA LYS F 277 -37.38 -12.78 -15.53
C LYS F 277 -38.17 -13.13 -14.26
N ARG F 278 -37.44 -13.62 -13.26
CA ARG F 278 -38.03 -13.98 -11.98
C ARG F 278 -37.05 -13.56 -10.88
N GLN F 279 -37.51 -13.56 -9.63
CA GLN F 279 -36.63 -13.23 -8.52
C GLN F 279 -35.67 -14.38 -8.25
N PRO F 280 -34.39 -14.05 -8.00
CA PRO F 280 -33.44 -15.10 -7.61
C PRO F 280 -33.84 -15.67 -6.27
N ASP F 281 -33.54 -16.93 -6.03
CA ASP F 281 -33.75 -17.55 -4.73
C ASP F 281 -32.42 -18.12 -4.26
N PHE F 282 -31.70 -17.34 -3.45
CA PHE F 282 -30.42 -17.79 -2.91
C PHE F 282 -30.57 -18.49 -1.57
N SER F 283 -31.81 -18.56 -1.09
CA SER F 283 -32.09 -19.20 0.21
C SER F 283 -31.67 -20.65 0.21
N LYS F 284 -31.62 -21.26 -0.97
CA LYS F 284 -31.28 -22.68 -1.08
C LYS F 284 -29.78 -22.98 -0.88
N PHE F 285 -28.96 -21.95 -0.87
CA PHE F 285 -27.51 -22.14 -0.76
C PHE F 285 -27.02 -21.85 0.65
N LYS F 286 -26.44 -22.85 1.29
CA LYS F 286 -26.02 -22.72 2.69
C LYS F 286 -24.97 -21.64 2.85
N ARG F 287 -25.09 -20.86 3.92
CA ARG F 287 -24.07 -19.89 4.28
C ARG F 287 -22.95 -20.57 5.06
N ASN F 288 -21.74 -20.57 4.52
CA ASN F 288 -20.59 -21.05 5.27
C ASN F 288 -20.16 -20.00 6.29
N PRO F 289 -19.49 -20.45 7.36
CA PRO F 289 -18.95 -19.57 8.41
C PRO F 289 -17.93 -18.59 7.83
C01 S0N G . -5.96 33.40 -11.20
C02 S0N G . -4.80 34.28 -10.73
C03 S0N G . -4.05 33.67 -9.53
C04 S0N G . -5.45 35.59 -10.15
O05 S0N G . -5.70 36.36 -11.33
P06 S0N G . -5.94 37.95 -11.24
O07 S0N G . -6.65 38.36 -9.91
O08 S0N G . -6.79 38.38 -12.50
O09 S0N G . -4.48 38.63 -11.18
P10 S0N G . -3.59 38.86 -12.44
O11 S0N G . -3.94 40.13 -13.21
O12 S0N G . -3.69 37.64 -13.38
O13 S0N G . -2.15 38.92 -11.92
C14 S0N G . -1.73 39.78 -10.84
C15 S0N G . -0.18 40.01 -10.88
O16 S0N G . 0.44 38.81 -10.28
C17 S0N G . 1.12 38.08 -11.37
N18 S0N G . 1.04 36.65 -10.95
C19 S0N G . -0.04 35.98 -10.49
N20 S0N G . 0.35 34.66 -10.25
C21 S0N G . 1.70 34.55 -10.59
C22 S0N G . 2.60 33.45 -10.55
N23 S0N G . 2.13 32.15 -10.07
N24 S0N G . 3.89 33.62 -10.94
C25 S0N G . 4.32 34.83 -11.37
N26 S0N G . 3.42 35.93 -11.42
C27 S0N G . 2.13 35.76 -11.02
C28 S0N G . 0.49 38.48 -12.69
O29 S0N G . 1.48 38.24 -13.75
C30 S0N G . 0.31 39.98 -12.35
O31 S0N G . 1.62 40.62 -12.43
P32 S0N G . 1.98 41.58 -13.67
O33 S0N G . 2.77 40.83 -14.76
O34 S0N G . 2.84 42.68 -12.99
O35 S0N G . 0.69 42.17 -14.25
C36 S0N G . -3.75 34.64 -11.88
O37 S0N G . -2.81 35.62 -11.50
C38 S0N G . -3.02 33.33 -12.25
O39 S0N G . -3.63 32.45 -12.75
N40 S0N G . -1.61 33.16 -11.96
C41 S0N G . -0.96 31.91 -12.30
C42 S0N G . -1.61 30.71 -11.47
C43 S0N G . -0.59 29.65 -11.95
O44 S0N G . -0.69 29.18 -13.05
N45 S0N G . 0.50 29.26 -11.02
C46 S0N G . 1.54 28.30 -11.38
C47 S0N G . 0.95 26.92 -11.31
N48 S0N G . 2.12 26.03 -11.26
C49 S0N G . 2.89 25.87 -10.00
O50 S0N G . 2.56 26.45 -9.01
C51 S0N G . 4.10 24.92 -9.97
C52 S0N G . 3.72 23.91 -8.83
C53 S0N G . 4.09 22.42 -9.18
O54 S0N G . 3.36 21.78 -9.89
C55 S0N G . 5.32 21.73 -8.57
C56 S0N G . 5.27 20.32 -8.45
C57 S0N G . 6.36 19.60 -7.91
C58 S0N G . 7.54 20.32 -7.45
C59 S0N G . 7.58 21.74 -7.56
C60 S0N G . 6.49 22.45 -8.09
C61 S0N G . 6.66 23.97 -8.25
O62 S0N G . 6.66 24.43 -9.41
O63 S0N G . 6.84 24.72 -7.27
CL CL H . -0.91 23.52 -10.73
C1 PGE I . 18.61 26.27 1.02
O1 PGE I . 19.93 26.81 1.14
C2 PGE I . 18.14 26.46 -0.42
O2 PGE I . 17.31 27.62 -0.48
C3 PGE I . 17.62 28.43 -1.61
C4 PGE I . 16.88 29.74 -1.51
O4 PGE I . 19.14 33.22 0.24
C6 PGE I . 19.02 32.58 -1.04
C5 PGE I . 17.65 31.93 -1.13
O3 PGE I . 17.73 30.79 -1.98
C1 GOL J . -17.78 28.69 11.63
O1 GOL J . -18.03 28.07 10.37
C2 GOL J . -17.88 27.63 12.73
O2 GOL J . -17.41 26.38 12.22
C3 GOL J . -16.97 28.07 13.87
O3 GOL J . -15.98 28.92 13.29
C01 S0N K . -32.13 -1.86 -15.06
C02 S0N K . -32.10 -2.38 -16.50
C03 S0N K . -30.66 -2.14 -17.00
C04 S0N K . -33.02 -1.50 -17.46
O05 S0N K . -34.32 -2.02 -17.23
P06 S0N K . -35.49 -1.80 -18.28
O07 S0N K . -35.33 -0.46 -18.96
O08 S0N K . -36.82 -1.87 -17.55
O09 S0N K . -35.44 -2.83 -19.54
P10 S0N K . -35.62 -4.34 -19.44
O11 S0N K . -36.99 -4.75 -19.90
O12 S0N K . -35.26 -4.92 -18.06
O13 S0N K . -34.54 -4.77 -20.45
C14 S0N K . -34.68 -4.49 -21.86
C15 S0N K . -34.10 -5.62 -22.75
O16 S0N K . -32.64 -5.68 -22.51
C17 S0N K . -32.33 -6.98 -21.90
N18 S0N K . -31.15 -6.73 -21.05
C19 S0N K . -30.92 -5.66 -20.26
N20 S0N K . -29.70 -5.87 -19.62
C21 S0N K . -29.19 -7.10 -20.03
C22 S0N K . -28.00 -7.80 -19.71
N23 S0N K . -27.01 -7.24 -18.79
N24 S0N K . -27.76 -9.02 -20.29
C25 S0N K . -28.65 -9.55 -21.16
N26 S0N K . -29.85 -8.85 -21.49
C27 S0N K . -30.08 -7.64 -20.90
C28 S0N K . -33.61 -7.46 -21.22
O29 S0N K . -33.55 -8.92 -21.13
C30 S0N K . -34.63 -6.99 -22.28
O31 S0N K . -34.57 -7.89 -23.41
P32 S0N K . -35.57 -9.15 -23.64
O33 S0N K . -37.00 -8.80 -23.23
O34 S0N K . -35.02 -10.31 -22.72
O35 S0N K . -35.43 -9.54 -25.10
C36 S0N K . -32.54 -3.92 -16.64
O37 S0N K . -32.50 -4.33 -17.99
C38 S0N K . -31.43 -4.77 -15.95
O39 S0N K . -31.33 -4.80 -14.77
N40 S0N K . -30.50 -5.50 -16.72
C41 S0N K . -29.45 -6.28 -16.02
C42 S0N K . -28.38 -5.48 -15.29
C43 S0N K . -27.37 -6.58 -14.86
O44 S0N K . -27.65 -7.32 -13.95
N45 S0N K . -26.09 -6.73 -15.56
C46 S0N K . -25.14 -7.78 -15.17
C47 S0N K . -24.42 -7.12 -13.98
N48 S0N K . -23.23 -7.95 -13.82
C49 S0N K . -22.14 -7.79 -14.73
O50 S0N K . -22.20 -6.97 -15.59
C51 S0N K . -20.88 -8.69 -14.55
C52 S0N K . -19.72 -7.71 -14.18
C53 S0N K . -18.70 -8.46 -13.25
O54 S0N K . -18.96 -8.63 -12.10
C55 S0N K . -17.32 -8.90 -13.76
C56 S0N K . -16.26 -8.83 -12.83
C57 S0N K . -14.95 -9.21 -13.20
C58 S0N K . -14.70 -9.68 -14.55
C59 S0N K . -15.76 -9.74 -15.49
C60 S0N K . -17.07 -9.35 -15.13
C61 S0N K . -18.17 -9.55 -16.19
O62 S0N K . -18.14 -8.98 -17.31
O63 S0N K . -19.08 -10.37 -15.92
CL CL L . -22.66 -5.67 -10.82
C1 PGE M . -15.11 -12.50 -31.28
O1 PGE M . -14.90 -13.35 -32.41
C2 PGE M . -14.77 -13.27 -30.01
O2 PGE M . -14.32 -12.36 -29.01
C3 PGE M . -13.27 -12.93 -28.23
C4 PGE M . -12.20 -11.88 -27.96
O4 PGE M . -9.04 -13.80 -29.34
C6 PGE M . -8.66 -12.61 -28.63
C5 PGE M . -9.87 -11.73 -28.40
O3 PGE M . -10.93 -12.51 -27.84
C1 GOL N . -20.16 23.33 -18.06
O1 GOL N . -20.12 22.30 -19.06
C2 GOL N . -20.80 22.74 -16.80
O2 GOL N . -19.80 21.99 -16.10
C3 GOL N . -21.96 21.82 -17.18
O3 GOL N . -22.63 21.32 -16.01
C01 S0N O . -21.83 13.32 24.78
C02 S0N O . -22.03 12.27 25.88
C03 S0N O . -21.82 10.87 25.28
C04 S0N O . -23.53 12.29 26.27
O05 S0N O . -23.70 13.46 27.07
P06 S0N O . -25.04 13.62 27.95
O07 S0N O . -26.24 13.17 27.18
O08 S0N O . -25.18 15.06 28.41
O09 S0N O . -24.80 12.54 29.11
P10 S0N O . -23.96 12.79 30.41
O11 S0N O . -24.72 13.60 31.47
O12 S0N O . -22.61 13.45 30.07
O13 S0N O . -23.65 11.37 30.88
C14 S0N O . -24.65 10.42 31.28
C15 S0N O . -24.08 9.36 32.28
O16 S0N O . -23.23 8.42 31.53
C17 S0N O . -21.83 8.67 31.95
N18 S0N O . -21.01 8.41 30.74
C19 S0N O . -21.24 8.87 29.48
N20 S0N O . -20.21 8.41 28.67
C21 S0N O . -19.33 7.67 29.47
C22 S0N O . -18.13 6.97 29.19
N23 S0N O . -17.59 6.91 27.83
N24 S0N O . -17.46 6.31 30.18
C25 S0N O . -17.95 6.31 31.45
N26 S0N O . -19.15 7.01 31.73
C27 S0N O . -19.81 7.66 30.74
C28 S0N O . -21.78 10.07 32.55
O29 S0N O . -20.62 10.11 33.46
C30 S0N O . -23.12 10.04 33.29
O31 S0N O . -22.97 9.19 34.45
P32 S0N O . -22.73 9.79 35.91
O33 S0N O . -23.29 11.21 36.08
O34 S0N O . -21.20 9.79 36.17
O35 S0N O . -23.40 8.80 36.89
C36 S0N O . -21.18 12.42 27.24
O37 S0N O . -21.68 11.50 28.17
C38 S0N O . -19.72 12.08 26.91
O39 S0N O . -19.05 12.85 26.31
N40 S0N O . -19.17 10.81 27.36
C41 S0N O . -17.80 10.45 27.08
C42 S0N O . -17.57 10.24 25.60
C43 S0N O . -16.07 9.82 25.68
O44 S0N O . -15.23 10.63 25.89
N45 S0N O . -15.73 8.41 25.49
C46 S0N O . -14.30 7.96 25.57
C47 S0N O . -13.59 8.37 24.26
N48 S0N O . -12.39 7.53 24.16
C49 S0N O . -12.51 6.11 23.86
O50 S0N O . -13.58 5.64 23.69
C51 S0N O . -11.20 5.24 23.77
C52 S0N O . -11.35 4.34 22.51
C53 S0N O . -9.86 4.32 22.02
O54 S0N O . -9.30 5.33 21.72
C55 S0N O . -9.12 3.01 21.81
C56 S0N O . -8.21 2.92 20.73
C57 S0N O . -7.49 1.74 20.50
C58 S0N O . -7.68 0.59 21.38
C59 S0N O . -8.60 0.68 22.47
C60 S0N O . -9.33 1.86 22.69
C61 S0N O . -10.24 1.94 23.91
O62 S0N O . -11.13 1.09 24.11
O63 S0N O . -10.06 2.86 24.75
CL CL P . -12.39 9.21 20.69
C1 PGE Q . -15.23 -12.15 33.05
O1 PGE Q . -15.69 -13.27 32.30
C2 PGE Q . -15.22 -10.90 32.17
O2 PGE Q . -13.94 -10.73 31.58
C3 PGE Q . -13.85 -9.49 30.87
C4 PGE Q . -12.61 -9.45 30.00
O4 PGE Q . -10.97 -12.97 28.16
C6 PGE Q . -11.49 -11.85 27.41
C5 PGE Q . -11.45 -10.59 28.26
O3 PGE Q . -12.54 -10.62 29.19
C1 GOL R . -34.95 5.45 4.17
O1 GOL R . -34.03 6.55 4.19
C2 GOL R . -34.87 4.75 2.81
O2 GOL R . -33.51 4.41 2.52
C3 GOL R . -35.72 3.49 2.85
O3 GOL R . -35.14 2.58 3.79
C01 S0N S . 4.73 -35.17 2.29
C02 S0N S . 3.76 -35.94 3.19
C03 S0N S . 3.17 -34.93 4.19
C04 S0N S . 4.60 -36.98 4.00
O05 S0N S . 4.54 -38.22 3.23
P06 S0N S . 5.00 -39.60 3.92
O07 S0N S . 6.11 -39.33 4.93
O08 S0N S . 5.41 -40.64 2.87
O09 S0N S . 3.72 -40.11 4.72
P10 S0N S . 2.47 -40.70 3.99
O11 S0N S . 2.55 -42.23 3.95
O12 S0N S . 2.22 -40.09 2.61
O13 S0N S . 1.30 -40.27 4.92
C14 S0N S . 1.09 -40.86 6.21
C15 S0N S . -0.43 -40.94 6.60
O16 S0N S . -0.90 -39.55 6.79
C17 S0N S . -1.90 -39.29 5.74
N18 S0N S . -1.77 -37.84 5.48
C19 S0N S . -0.65 -37.11 5.31
N20 S0N S . -1.02 -35.79 5.03
C21 S0N S . -2.41 -35.74 5.02
C22 S0N S . -3.33 -34.68 4.82
N23 S0N S . -2.84 -33.34 4.57
N24 S0N S . -4.67 -34.92 4.88
C25 S0N S . -5.14 -36.17 5.15
N26 S0N S . -4.21 -37.23 5.36
C27 S0N S . -2.89 -36.98 5.29
C28 S0N S . -1.58 -40.21 4.57
O29 S0N S . -2.80 -40.37 3.78
C30 S0N S . -1.25 -41.48 5.40
O31 S0N S . -2.48 -42.05 5.90
P32 S0N S . -2.97 -43.45 5.36
O33 S0N S . -3.90 -43.97 6.46
O34 S0N S . -1.75 -44.36 5.16
O35 S0N S . -3.73 -43.26 4.05
C36 S0N S . 2.56 -36.67 2.48
O37 S0N S . 1.86 -37.25 3.55
C38 S0N S . 1.66 -35.57 1.83
O39 S0N S . 2.00 -35.04 0.84
N40 S0N S . 0.38 -35.18 2.46
C41 S0N S . -0.45 -34.14 1.81
C42 S0N S . 0.17 -32.70 1.96
C43 S0N S . -0.91 -31.84 1.30
O44 S0N S . -1.07 -31.91 0.12
N45 S0N S . -1.75 -30.97 2.15
C46 S0N S . -2.80 -30.15 1.59
C47 S0N S . -2.11 -28.87 1.15
N48 S0N S . -3.30 -27.99 1.12
C49 S0N S . -3.84 -27.43 2.33
O50 S0N S . -3.33 -27.66 3.39
C51 S0N S . -5.09 -26.50 2.24
C52 S0N S . -4.47 -25.15 2.74
C53 S0N S . -5.05 -23.97 1.87
O54 S0N S . -4.64 -23.77 0.77
C55 S0N S . -6.08 -22.99 2.49
C56 S0N S . -6.05 -21.65 2.03
C57 S0N S . -6.94 -20.70 2.56
C58 S0N S . -7.89 -21.10 3.59
C59 S0N S . -7.93 -22.44 4.06
C60 S0N S . -7.02 -23.38 3.52
C61 S0N S . -7.17 -24.82 4.01
O62 S0N S . -7.63 -25.67 3.22
O63 S0N S . -6.87 -25.14 5.19
CL CL T . -0.48 -25.81 -0.26
C1 PGE U . -16.06 -28.69 15.52
O1 PGE U . -15.89 -28.70 16.94
C2 PGE U . -15.11 -27.69 14.87
O2 PGE U . -15.62 -26.37 15.02
C3 PGE U . -14.78 -25.39 14.46
C4 PGE U . -15.45 -24.03 14.55
O4 PGE U . -18.20 -21.83 17.65
C6 PGE U . -16.91 -22.47 17.53
C5 PGE U . -16.54 -22.60 16.06
O3 PGE U . -15.52 -23.60 15.90
C1 GOL V . 21.80 -22.47 16.79
O1 GOL V . 21.60 -22.48 15.38
C2 GOL V . 22.24 -21.07 17.22
O2 GOL V . 21.42 -20.09 16.57
C3 GOL V . 22.12 -20.93 18.73
O3 GOL V . 20.81 -21.34 19.15
C01 S0N W . 28.12 -3.20 21.49
C02 S0N W . 28.66 -1.82 21.90
C03 S0N W . 28.24 -0.86 20.75
C04 S0N W . 30.23 -1.92 21.84
O05 S0N W . 30.66 -2.57 23.02
P06 S0N W . 32.16 -2.38 23.56
O07 S0N W . 33.14 -2.38 22.40
O08 S0N W . 32.44 -3.48 24.57
O09 S0N W . 32.24 -0.90 24.21
P10 S0N W . 31.74 -0.56 25.64
O11 S0N W . 32.76 -0.86 26.70
O12 S0N W . 30.42 -1.28 25.90
O13 S0N W . 31.46 0.96 25.58
C14 S0N W . 32.47 1.93 25.32
C15 S0N W . 32.11 3.30 25.98
O16 S0N W . 31.03 3.89 25.15
C17 S0N W . 29.80 3.89 25.97
N18 S0N W . 28.71 3.73 24.99
C19 S0N W . 28.67 2.85 23.96
N20 S0N W . 27.42 2.99 23.32
C21 S0N W . 26.71 3.99 24.00
C22 S0N W . 25.43 4.54 23.79
N23 S0N W . 24.60 4.10 22.66
N24 S0N W . 24.96 5.51 24.63
C25 S0N W . 25.73 5.97 25.65
N26 S0N W . 27.04 5.41 25.86
C27 S0N W . 27.49 4.44 25.03
C28 S0N W . 29.95 2.81 27.02
O29 S0N W . 29.04 3.16 28.13
C30 S0N W . 31.43 3.07 27.35
O31 S0N W . 31.54 4.28 28.14
P32 S0N W . 31.84 4.23 29.67
O33 S0N W . 33.02 5.20 29.58
O34 S0N W . 32.27 2.93 30.37
O35 S0N W . 30.67 4.86 30.43
C36 S0N W . 28.28 -1.37 23.34
O37 S0N W . 28.96 -0.20 23.73
C38 S0N W . 26.72 -1.19 23.43
O39 S0N W . 26.00 -2.14 23.46
N40 S0N W . 26.17 0.15 23.44
C41 S0N W . 24.72 0.34 23.50
C42 S0N W . 24.10 0.03 22.12
C43 S0N W . 22.66 0.58 22.39
O44 S0N W . 21.93 0.03 23.17
N45 S0N W . 22.24 1.74 21.69
C46 S0N W . 20.90 2.32 21.93
C47 S0N W . 19.94 1.53 21.09
N48 S0N W . 18.78 2.44 21.02
C49 S0N W . 18.80 3.61 20.16
O50 S0N W . 19.73 3.86 19.47
C51 S0N W . 17.56 4.48 20.12
C52 S0N W . 17.11 4.43 18.59
C53 S0N W . 15.55 4.32 18.46
O54 S0N W . 15.02 3.27 18.63
C55 S0N W . 14.71 5.51 18.03
C56 S0N W . 13.50 5.22 17.32
C57 S0N W . 12.67 6.27 16.89
C58 S0N W . 13.03 7.65 17.17
C59 S0N W . 14.23 7.95 17.90
C60 S0N W . 15.06 6.89 18.32
C61 S0N W . 16.29 7.26 19.13
O62 S0N W . 16.36 6.83 20.30
O63 S0N W . 17.18 7.99 18.64
CL CL X . 17.81 -0.65 18.65
C1 PGE Y . 22.92 23.30 20.06
O1 PGE Y . 23.11 24.37 19.11
C2 PGE Y . 21.53 22.72 19.86
O2 PGE Y . 21.44 21.38 20.34
C3 PGE Y . 20.93 20.54 19.30
C4 PGE Y . 19.42 20.50 19.36
O4 PGE Y . 17.11 22.43 15.98
C6 PGE Y . 17.70 21.15 16.24
C5 PGE Y . 17.74 20.93 17.75
O3 PGE Y . 18.89 20.15 18.07
C1 GOL Z . 35.00 -3.81 -5.68
O1 GOL Z . 35.15 -2.74 -4.74
C2 GOL Z . 34.47 -5.01 -4.92
O2 GOL Z . 33.03 -5.00 -4.96
C3 GOL Z . 34.93 -4.91 -3.48
O3 GOL Z . 34.50 -6.07 -2.77
C01 S0N AA . 26.96 -6.03 -22.53
C02 S0N AA . 26.41 -6.10 -23.96
C03 S0N AA . 24.88 -6.38 -23.96
C04 S0N AA . 26.98 -7.34 -24.69
O05 S0N AA . 28.32 -6.91 -24.98
P06 S0N AA . 29.16 -7.63 -26.15
O07 S0N AA . 28.98 -9.17 -26.08
O08 S0N AA . 30.67 -7.23 -26.01
O09 S0N AA . 28.50 -7.10 -27.52
P10 S0N AA . 28.99 -5.77 -28.29
O11 S0N AA . 30.54 -5.66 -28.29
O12 S0N AA . 28.36 -4.49 -27.64
O13 S0N AA . 28.50 -6.02 -29.74
C14 S0N AA . 27.14 -6.41 -29.98
C15 S0N AA . 26.40 -5.70 -31.17
O16 S0N AA . 25.04 -5.37 -30.71
C17 S0N AA . 25.01 -3.91 -30.53
N18 S0N AA . 24.12 -3.76 -29.35
C19 S0N AA . 24.20 -4.43 -28.18
N20 S0N AA . 23.17 -3.98 -27.35
C21 S0N AA . 22.45 -3.01 -28.07
C22 S0N AA . 21.31 -2.22 -27.74
N23 S0N AA . 20.66 -2.36 -26.44
N24 S0N AA . 20.81 -1.33 -28.65
C25 S0N AA . 21.40 -1.19 -29.87
N26 S0N AA . 22.53 -1.97 -30.20
C27 S0N AA . 23.03 -2.86 -29.29
C28 S0N AA . 26.44 -3.40 -30.43
O29 S0N AA . 26.47 -1.97 -30.81
C30 S0N AA . 27.04 -4.33 -31.50
O31 S0N AA . 26.62 -3.92 -32.82
P32 S0N AA . 27.62 -3.20 -33.86
O33 S0N AA . 29.08 -3.63 -33.81
O34 S0N AA . 27.51 -1.72 -33.55
O35 S0N AA . 27.08 -3.45 -35.26
C36 S0N AA . 26.77 -4.78 -24.78
O37 S0N AA . 26.28 -5.01 -26.07
C38 S0N AA . 25.90 -3.67 -24.16
O39 S0N AA . 26.18 -3.18 -23.11
N40 S0N AA . 24.74 -3.21 -24.85
C41 S0N AA . 23.91 -2.16 -24.26
C42 S0N AA . 23.01 -2.68 -23.10
C43 S0N AA . 22.14 -1.42 -22.90
O44 S0N AA . 22.66 -0.40 -22.55
N45 S0N AA . 20.72 -1.50 -23.17
C46 S0N AA . 19.87 -0.31 -23.01
C47 S0N AA . 19.53 -0.01 -21.54
N48 S0N AA . 18.26 0.72 -21.58
C49 S0N AA . 17.03 0.06 -21.99
O50 S0N AA . 17.01 -1.09 -22.30
C51 S0N AA . 15.72 0.89 -22.00
C52 S0N AA . 14.86 0.26 -20.86
C53 S0N AA . 14.16 1.34 -19.94
O54 S0N AA . 14.74 1.74 -18.97
C55 S0N AA . 12.68 1.72 -20.13
C56 S0N AA . 11.94 2.09 -18.98
C57 S0N AA . 10.58 2.44 -19.08
C58 S0N AA . 9.90 2.44 -20.37
C59 S0N AA . 10.65 2.07 -21.53
C60 S0N AA . 12.01 1.71 -21.42
C61 S0N AA . 12.77 1.40 -22.71
O62 S0N AA . 13.68 2.19 -23.07
O63 S0N AA . 12.47 0.41 -23.43
CL CL BA . 18.80 -0.32 -17.70
C1 PGE CA . 5.16 -1.24 -37.65
O1 PGE CA . 4.21 -2.30 -37.84
C2 PGE CA . 5.80 -1.35 -36.26
O2 PGE CA . 5.03 -0.65 -35.29
C3 PGE CA . 5.65 -0.76 -34.01
C4 PGE CA . 4.73 -0.28 -32.88
O4 PGE CA . 0.37 -0.37 -32.94
C6 PGE CA . 1.21 -1.24 -32.17
C5 PGE CA . 2.57 -0.56 -31.95
O3 PGE CA . 3.40 -0.74 -33.10
C1 GOL DA . 18.13 -27.93 -12.22
O1 GOL DA . 18.92 -26.99 -11.50
C2 GOL DA . 17.14 -28.59 -11.26
O2 GOL DA . 16.28 -27.60 -10.66
C3 GOL DA . 16.28 -29.56 -12.08
O3 GOL DA . 15.95 -28.90 -13.30
#